data_5CMR
# 
_entry.id   5CMR 
# 
_audit_conform.dict_name       mmcif_pdbx.dic 
_audit_conform.dict_version    5.379 
_audit_conform.dict_location   http://mmcif.pdb.org/dictionaries/ascii/mmcif_pdbx.dic 
# 
loop_
_database_2.database_id 
_database_2.database_code 
_database_2.pdbx_database_accession 
_database_2.pdbx_DOI 
PDB   5CMR         pdb_00005cmr 10.2210/pdb5cmr/pdb 
WWPDB D_1000211821 ?            ?                   
# 
_pdbx_database_related.content_type   unspecified 
_pdbx_database_related.db_id          5CMQ 
_pdbx_database_related.db_name        PDB 
_pdbx_database_related.details        . 
# 
_pdbx_database_status.status_code                     REL 
_pdbx_database_status.status_code_sf                  REL 
_pdbx_database_status.status_code_mr                  ? 
_pdbx_database_status.entry_id                        5CMR 
_pdbx_database_status.recvd_initial_deposition_date   2015-07-17 
_pdbx_database_status.SG_entry                        N 
_pdbx_database_status.deposit_site                    RCSB 
_pdbx_database_status.process_site                    RCSB 
_pdbx_database_status.status_code_cs                  ? 
_pdbx_database_status.methods_development_category    ? 
_pdbx_database_status.pdb_format_compatible           Y 
_pdbx_database_status.status_code_nmr_data            ? 
# 
loop_
_audit_author.name 
_audit_author.pdbx_ordinal 
'Sontz, P.A.'  1 
'Bailey, J.B.' 2 
'Ahn, S.'      3 
'Tezcan, F.A.' 4 
# 
_citation.abstract                  ? 
_citation.abstract_id_CAS           ? 
_citation.book_id_ISBN              ? 
_citation.book_publisher            ? 
_citation.book_publisher_city       ? 
_citation.book_title                ? 
_citation.coordinate_linkage        ? 
_citation.country                   US 
_citation.database_id_Medline       ? 
_citation.details                   ? 
_citation.id                        primary 
_citation.journal_abbrev            J.Am.Chem.Soc. 
_citation.journal_id_ASTM           JACSAT 
_citation.journal_id_CSD            ? 
_citation.journal_id_ISSN           1520-5126 
_citation.journal_full              ? 
_citation.journal_issue             ? 
_citation.journal_volume            137 
_citation.language                  ? 
_citation.page_first                11598 
_citation.page_last                 11601 
_citation.title                     
'A Metal Organic Framework with Spherical Protein Nodes: Rational Chemical Design of 3D Protein Crystals.' 
_citation.year                      2015 
_citation.database_id_CSD           ? 
_citation.pdbx_database_id_DOI      10.1021/jacs.5b07463 
_citation.pdbx_database_id_PubMed   26305584 
_citation.unpublished_flag          ? 
# 
loop_
_citation_author.citation_id 
_citation_author.name 
_citation_author.ordinal 
_citation_author.identifier_ORCID 
primary 'Sontz, P.A.'  1 ? 
primary 'Bailey, J.B.' 2 ? 
primary 'Ahn, S.'      3 ? 
primary 'Tezcan, F.A.' 4 ? 
# 
_cell.angle_alpha                  90.000 
_cell.angle_alpha_esd              ? 
_cell.angle_beta                   90.000 
_cell.angle_beta_esd               ? 
_cell.angle_gamma                  90.000 
_cell.angle_gamma_esd              ? 
_cell.entry_id                     5CMR 
_cell.details                      ? 
_cell.formula_units_Z              ? 
_cell.length_a                     155.320 
_cell.length_a_esd                 ? 
_cell.length_b                     155.320 
_cell.length_b_esd                 ? 
_cell.length_c                     155.320 
_cell.length_c_esd                 ? 
_cell.volume                       ? 
_cell.volume_esd                   ? 
_cell.Z_PDB                        48 
_cell.reciprocal_angle_alpha       ? 
_cell.reciprocal_angle_beta        ? 
_cell.reciprocal_angle_gamma       ? 
_cell.reciprocal_angle_alpha_esd   ? 
_cell.reciprocal_angle_beta_esd    ? 
_cell.reciprocal_angle_gamma_esd   ? 
_cell.reciprocal_length_a          ? 
_cell.reciprocal_length_b          ? 
_cell.reciprocal_length_c          ? 
_cell.reciprocal_length_a_esd      ? 
_cell.reciprocal_length_b_esd      ? 
_cell.reciprocal_length_c_esd      ? 
_cell.pdbx_unique_axis             ? 
# 
_symmetry.entry_id                         5CMR 
_symmetry.cell_setting                     ? 
_symmetry.Int_Tables_number                211 
_symmetry.space_group_name_Hall            ? 
_symmetry.space_group_name_H-M             'I 4 3 2' 
_symmetry.pdbx_full_space_group_name_H-M   ? 
# 
loop_
_entity.id 
_entity.type 
_entity.src_method 
_entity.pdbx_description 
_entity.formula_weight 
_entity.pdbx_number_of_molecules 
_entity.pdbx_ec 
_entity.pdbx_mutation 
_entity.pdbx_fragment 
_entity.details 
1 polymer     man 'Ferritin heavy chain'                    21065.240 1 1.16.3.1 'K86A, C90E, C102A, C130A, T122H' 
'Ferritin-like diiron domain containing residues 6-178' ? 
2 non-polymer syn 'ZINC ION'                                65.409    2 ?        ?                                 ? ? 
3 non-polymer syn 'SODIUM ION'                              22.990    3 ?        ?                                 ? ? 
4 non-polymer syn "N,N'-dihydroxybenzene-1,4-dicarboxamide" 196.160   1 ?        ?                                 ? ? 
# 
_entity_name_com.entity_id   1 
_entity_name_com.name        'Ferritin H subunit,Cell proliferation-inducing gene 15 protein' 
# 
_entity_poly.entity_id                      1 
_entity_poly.type                           'polypeptide(L)' 
_entity_poly.nstd_linkage                   no 
_entity_poly.nstd_monomer                   no 
_entity_poly.pdbx_seq_one_letter_code       
;TTASTSQVRQNYHQDSEAAINRQINLELYASYVYLSMSYYFDRDDVALKNFAKYFLHQSHEEREHAEKLMKLQNQRGGRI
FLQDIAKPDEDDWESGLNAMEAALHLEKNVNQSLLELHKLAHDKNDPHLADFIETHYLNEQVKAIKELGDHVTNLRKMGA
PESGLAEYLFDKHTLGDSDNES
;
_entity_poly.pdbx_seq_one_letter_code_can   
;TTASTSQVRQNYHQDSEAAINRQINLELYASYVYLSMSYYFDRDDVALKNFAKYFLHQSHEEREHAEKLMKLQNQRGGRI
FLQDIAKPDEDDWESGLNAMEAALHLEKNVNQSLLELHKLAHDKNDPHLADFIETHYLNEQVKAIKELGDHVTNLRKMGA
PESGLAEYLFDKHTLGDSDNES
;
_entity_poly.pdbx_strand_id                 A 
_entity_poly.pdbx_target_identifier         ? 
# 
loop_
_entity_poly_seq.entity_id 
_entity_poly_seq.num 
_entity_poly_seq.mon_id 
_entity_poly_seq.hetero 
1 1   THR n 
1 2   THR n 
1 3   ALA n 
1 4   SER n 
1 5   THR n 
1 6   SER n 
1 7   GLN n 
1 8   VAL n 
1 9   ARG n 
1 10  GLN n 
1 11  ASN n 
1 12  TYR n 
1 13  HIS n 
1 14  GLN n 
1 15  ASP n 
1 16  SER n 
1 17  GLU n 
1 18  ALA n 
1 19  ALA n 
1 20  ILE n 
1 21  ASN n 
1 22  ARG n 
1 23  GLN n 
1 24  ILE n 
1 25  ASN n 
1 26  LEU n 
1 27  GLU n 
1 28  LEU n 
1 29  TYR n 
1 30  ALA n 
1 31  SER n 
1 32  TYR n 
1 33  VAL n 
1 34  TYR n 
1 35  LEU n 
1 36  SER n 
1 37  MET n 
1 38  SER n 
1 39  TYR n 
1 40  TYR n 
1 41  PHE n 
1 42  ASP n 
1 43  ARG n 
1 44  ASP n 
1 45  ASP n 
1 46  VAL n 
1 47  ALA n 
1 48  LEU n 
1 49  LYS n 
1 50  ASN n 
1 51  PHE n 
1 52  ALA n 
1 53  LYS n 
1 54  TYR n 
1 55  PHE n 
1 56  LEU n 
1 57  HIS n 
1 58  GLN n 
1 59  SER n 
1 60  HIS n 
1 61  GLU n 
1 62  GLU n 
1 63  ARG n 
1 64  GLU n 
1 65  HIS n 
1 66  ALA n 
1 67  GLU n 
1 68  LYS n 
1 69  LEU n 
1 70  MET n 
1 71  LYS n 
1 72  LEU n 
1 73  GLN n 
1 74  ASN n 
1 75  GLN n 
1 76  ARG n 
1 77  GLY n 
1 78  GLY n 
1 79  ARG n 
1 80  ILE n 
1 81  PHE n 
1 82  LEU n 
1 83  GLN n 
1 84  ASP n 
1 85  ILE n 
1 86  ALA n 
1 87  LYS n 
1 88  PRO n 
1 89  ASP n 
1 90  GLU n 
1 91  ASP n 
1 92  ASP n 
1 93  TRP n 
1 94  GLU n 
1 95  SER n 
1 96  GLY n 
1 97  LEU n 
1 98  ASN n 
1 99  ALA n 
1 100 MET n 
1 101 GLU n 
1 102 ALA n 
1 103 ALA n 
1 104 LEU n 
1 105 HIS n 
1 106 LEU n 
1 107 GLU n 
1 108 LYS n 
1 109 ASN n 
1 110 VAL n 
1 111 ASN n 
1 112 GLN n 
1 113 SER n 
1 114 LEU n 
1 115 LEU n 
1 116 GLU n 
1 117 LEU n 
1 118 HIS n 
1 119 LYS n 
1 120 LEU n 
1 121 ALA n 
1 122 HIS n 
1 123 ASP n 
1 124 LYS n 
1 125 ASN n 
1 126 ASP n 
1 127 PRO n 
1 128 HIS n 
1 129 LEU n 
1 130 ALA n 
1 131 ASP n 
1 132 PHE n 
1 133 ILE n 
1 134 GLU n 
1 135 THR n 
1 136 HIS n 
1 137 TYR n 
1 138 LEU n 
1 139 ASN n 
1 140 GLU n 
1 141 GLN n 
1 142 VAL n 
1 143 LYS n 
1 144 ALA n 
1 145 ILE n 
1 146 LYS n 
1 147 GLU n 
1 148 LEU n 
1 149 GLY n 
1 150 ASP n 
1 151 HIS n 
1 152 VAL n 
1 153 THR n 
1 154 ASN n 
1 155 LEU n 
1 156 ARG n 
1 157 LYS n 
1 158 MET n 
1 159 GLY n 
1 160 ALA n 
1 161 PRO n 
1 162 GLU n 
1 163 SER n 
1 164 GLY n 
1 165 LEU n 
1 166 ALA n 
1 167 GLU n 
1 168 TYR n 
1 169 LEU n 
1 170 PHE n 
1 171 ASP n 
1 172 LYS n 
1 173 HIS n 
1 174 THR n 
1 175 LEU n 
1 176 GLY n 
1 177 ASP n 
1 178 SER n 
1 179 ASP n 
1 180 ASN n 
1 181 GLU n 
1 182 SER n 
# 
_entity_src_gen.entity_id                          1 
_entity_src_gen.pdbx_src_id                        1 
_entity_src_gen.pdbx_alt_source_flag               sample 
_entity_src_gen.pdbx_seq_type                      'Biological sequence' 
_entity_src_gen.pdbx_beg_seq_num                   1 
_entity_src_gen.pdbx_end_seq_num                   182 
_entity_src_gen.gene_src_common_name               Human 
_entity_src_gen.gene_src_genus                     ? 
_entity_src_gen.pdbx_gene_src_gene                 'FTH1, FTH, FTHL6, OK/SW-cl.84, PIG15' 
_entity_src_gen.gene_src_species                   ? 
_entity_src_gen.gene_src_strain                    ? 
_entity_src_gen.gene_src_tissue                    ? 
_entity_src_gen.gene_src_tissue_fraction           ? 
_entity_src_gen.gene_src_details                   ? 
_entity_src_gen.pdbx_gene_src_fragment             ? 
_entity_src_gen.pdbx_gene_src_scientific_name      'Homo sapiens' 
_entity_src_gen.pdbx_gene_src_ncbi_taxonomy_id     9606 
_entity_src_gen.pdbx_gene_src_variant              ? 
_entity_src_gen.pdbx_gene_src_cell_line            ? 
_entity_src_gen.pdbx_gene_src_atcc                 ? 
_entity_src_gen.pdbx_gene_src_organ                ? 
_entity_src_gen.pdbx_gene_src_organelle            ? 
_entity_src_gen.pdbx_gene_src_cell                 ? 
_entity_src_gen.pdbx_gene_src_cellular_location    ? 
_entity_src_gen.host_org_common_name               ? 
_entity_src_gen.pdbx_host_org_scientific_name      'Escherichia coli' 
_entity_src_gen.pdbx_host_org_ncbi_taxonomy_id     562 
_entity_src_gen.host_org_genus                     ? 
_entity_src_gen.pdbx_host_org_gene                 ? 
_entity_src_gen.pdbx_host_org_organ                ? 
_entity_src_gen.host_org_species                   ? 
_entity_src_gen.pdbx_host_org_tissue               ? 
_entity_src_gen.pdbx_host_org_tissue_fraction      ? 
_entity_src_gen.pdbx_host_org_strain               ? 
_entity_src_gen.pdbx_host_org_variant              ? 
_entity_src_gen.pdbx_host_org_cell_line            ? 
_entity_src_gen.pdbx_host_org_atcc                 ? 
_entity_src_gen.pdbx_host_org_culture_collection   ? 
_entity_src_gen.pdbx_host_org_cell                 ? 
_entity_src_gen.pdbx_host_org_organelle            ? 
_entity_src_gen.pdbx_host_org_cellular_location    ? 
_entity_src_gen.pdbx_host_org_vector_type          ? 
_entity_src_gen.pdbx_host_org_vector               ? 
_entity_src_gen.host_org_details                   ? 
_entity_src_gen.expression_system_id               ? 
_entity_src_gen.plasmid_name                       ? 
_entity_src_gen.plasmid_details                    ? 
_entity_src_gen.pdbx_description                   ? 
# 
_struct_ref.id                         1 
_struct_ref.db_name                    UNP 
_struct_ref.db_code                    FRIH_HUMAN 
_struct_ref.pdbx_db_accession          P02794 
_struct_ref.pdbx_db_isoform            ? 
_struct_ref.entity_id                  1 
_struct_ref.pdbx_seq_one_letter_code   
;TTASTSQVRQNYHQDSEAAINRQINLELYASYVYLSMSYYFDRDDVALKNFAKYFLHQSHEEREHAEKLMKLQNQRGGRI
FLQDIKKPDCDDWESGLNAMECALHLEKNVNQSLLELHKLATDKNDPHLCDFIETHYLNEQVKAIKELGDHVTNLRKMGA
PESGLAEYLFDKHTLGDSDNES
;
_struct_ref.pdbx_align_begin           2 
# 
_struct_ref_seq.align_id                      1 
_struct_ref_seq.ref_id                        1 
_struct_ref_seq.pdbx_PDB_id_code              5CMR 
_struct_ref_seq.pdbx_strand_id                A 
_struct_ref_seq.seq_align_beg                 1 
_struct_ref_seq.pdbx_seq_align_beg_ins_code   ? 
_struct_ref_seq.seq_align_end                 182 
_struct_ref_seq.pdbx_seq_align_end_ins_code   ? 
_struct_ref_seq.pdbx_db_accession             P02794 
_struct_ref_seq.db_align_beg                  2 
_struct_ref_seq.pdbx_db_align_beg_ins_code    ? 
_struct_ref_seq.db_align_end                  183 
_struct_ref_seq.pdbx_db_align_end_ins_code    ? 
_struct_ref_seq.pdbx_auth_seq_align_beg       1 
_struct_ref_seq.pdbx_auth_seq_align_end       182 
# 
loop_
_struct_ref_seq_dif.align_id 
_struct_ref_seq_dif.pdbx_pdb_id_code 
_struct_ref_seq_dif.mon_id 
_struct_ref_seq_dif.pdbx_pdb_strand_id 
_struct_ref_seq_dif.seq_num 
_struct_ref_seq_dif.pdbx_pdb_ins_code 
_struct_ref_seq_dif.pdbx_seq_db_name 
_struct_ref_seq_dif.pdbx_seq_db_accession_code 
_struct_ref_seq_dif.db_mon_id 
_struct_ref_seq_dif.pdbx_seq_db_seq_num 
_struct_ref_seq_dif.details 
_struct_ref_seq_dif.pdbx_auth_seq_num 
_struct_ref_seq_dif.pdbx_ordinal 
1 5CMR ALA A 86  ? UNP P02794 LYS 87  'engineered mutation' 86  1 
1 5CMR GLU A 90  ? UNP P02794 CYS 91  'engineered mutation' 90  2 
1 5CMR ALA A 102 ? UNP P02794 CYS 103 'engineered mutation' 102 3 
1 5CMR HIS A 122 ? UNP P02794 THR 123 'engineered mutation' 122 4 
1 5CMR ALA A 130 ? UNP P02794 CYS 131 'engineered mutation' 130 5 
# 
loop_
_chem_comp.id 
_chem_comp.type 
_chem_comp.mon_nstd_flag 
_chem_comp.name 
_chem_comp.pdbx_synonyms 
_chem_comp.formula 
_chem_comp.formula_weight 
ALA 'L-peptide linking' y ALANINE                                   ? 'C3 H7 N O2'     89.093  
ARG 'L-peptide linking' y ARGININE                                  ? 'C6 H15 N4 O2 1' 175.209 
ASN 'L-peptide linking' y ASPARAGINE                                ? 'C4 H8 N2 O3'    132.118 
ASP 'L-peptide linking' y 'ASPARTIC ACID'                           ? 'C4 H7 N O4'     133.103 
BYD non-polymer         . "N,N'-dihydroxybenzene-1,4-dicarboxamide" ? 'C8 H8 N2 O4'    196.160 
CYS 'L-peptide linking' y CYSTEINE                                  ? 'C3 H7 N O2 S'   121.158 
GLN 'L-peptide linking' y GLUTAMINE                                 ? 'C5 H10 N2 O3'   146.144 
GLU 'L-peptide linking' y 'GLUTAMIC ACID'                           ? 'C5 H9 N O4'     147.129 
GLY 'peptide linking'   y GLYCINE                                   ? 'C2 H5 N O2'     75.067  
HIS 'L-peptide linking' y HISTIDINE                                 ? 'C6 H10 N3 O2 1' 156.162 
ILE 'L-peptide linking' y ISOLEUCINE                                ? 'C6 H13 N O2'    131.173 
LEU 'L-peptide linking' y LEUCINE                                   ? 'C6 H13 N O2'    131.173 
LYS 'L-peptide linking' y LYSINE                                    ? 'C6 H15 N2 O2 1' 147.195 
MET 'L-peptide linking' y METHIONINE                                ? 'C5 H11 N O2 S'  149.211 
NA  non-polymer         . 'SODIUM ION'                              ? 'Na 1'           22.990  
PHE 'L-peptide linking' y PHENYLALANINE                             ? 'C9 H11 N O2'    165.189 
PRO 'L-peptide linking' y PROLINE                                   ? 'C5 H9 N O2'     115.130 
SER 'L-peptide linking' y SERINE                                    ? 'C3 H7 N O3'     105.093 
THR 'L-peptide linking' y THREONINE                                 ? 'C4 H9 N O3'     119.119 
TRP 'L-peptide linking' y TRYPTOPHAN                                ? 'C11 H12 N2 O2'  204.225 
TYR 'L-peptide linking' y TYROSINE                                  ? 'C9 H11 N O3'    181.189 
VAL 'L-peptide linking' y VALINE                                    ? 'C5 H11 N O2'    117.146 
ZN  non-polymer         . 'ZINC ION'                                ? 'Zn 2'           65.409  
# 
_exptl.absorpt_coefficient_mu     ? 
_exptl.absorpt_correction_T_max   ? 
_exptl.absorpt_correction_T_min   ? 
_exptl.absorpt_correction_type    ? 
_exptl.absorpt_process_details    ? 
_exptl.entry_id                   5CMR 
_exptl.crystals_number            1 
_exptl.details                    ? 
_exptl.method                     'X-RAY DIFFRACTION' 
_exptl.method_details             ? 
# 
_exptl_crystal.colour                      ? 
_exptl_crystal.density_diffrn              ? 
_exptl_crystal.density_Matthews            3.71 
_exptl_crystal.density_method              ? 
_exptl_crystal.density_percent_sol         66.88 
_exptl_crystal.description                 ? 
_exptl_crystal.F_000                       ? 
_exptl_crystal.id                          1 
_exptl_crystal.preparation                 ? 
_exptl_crystal.size_max                    ? 
_exptl_crystal.size_mid                    ? 
_exptl_crystal.size_min                    ? 
_exptl_crystal.size_rad                    ? 
_exptl_crystal.colour_lustre               ? 
_exptl_crystal.colour_modifier             ? 
_exptl_crystal.colour_primary              ? 
_exptl_crystal.density_meas                ? 
_exptl_crystal.density_meas_esd            ? 
_exptl_crystal.density_meas_gt             ? 
_exptl_crystal.density_meas_lt             ? 
_exptl_crystal.density_meas_temp           ? 
_exptl_crystal.density_meas_temp_esd       ? 
_exptl_crystal.density_meas_temp_gt        ? 
_exptl_crystal.density_meas_temp_lt        ? 
_exptl_crystal.pdbx_crystal_image_url      ? 
_exptl_crystal.pdbx_crystal_image_format   ? 
_exptl_crystal.pdbx_mosaicity              ? 
_exptl_crystal.pdbx_mosaicity_esd          ? 
# 
_exptl_crystal_grow.apparatus       ? 
_exptl_crystal_grow.atmosphere      ? 
_exptl_crystal_grow.crystal_id      1 
_exptl_crystal_grow.details         ? 
_exptl_crystal_grow.method          'VAPOR DIFFUSION, SITTING DROP' 
_exptl_crystal_grow.method_ref      ? 
_exptl_crystal_grow.pH              8.5 
_exptl_crystal_grow.pressure        ? 
_exptl_crystal_grow.pressure_esd    ? 
_exptl_crystal_grow.seeding         ? 
_exptl_crystal_grow.seeding_ref     ? 
_exptl_crystal_grow.temp            298 
_exptl_crystal_grow.temp_details    ? 
_exptl_crystal_grow.temp_esd        ? 
_exptl_crystal_grow.time            ? 
_exptl_crystal_grow.pdbx_details    '50 mM CHES, 150 mM sodium chloride, 0.3 mM zinc chloride, 1 mM H2BDH' 
_exptl_crystal_grow.pdbx_pH_range   ? 
# 
_diffrn.ambient_environment    ? 
_diffrn.ambient_temp           100 
_diffrn.ambient_temp_details   ? 
_diffrn.ambient_temp_esd       ? 
_diffrn.crystal_id             1 
_diffrn.crystal_support        ? 
_diffrn.crystal_treatment      ? 
_diffrn.details                ? 
_diffrn.id                     1 
_diffrn.ambient_pressure       ? 
_diffrn.ambient_pressure_esd   ? 
_diffrn.ambient_pressure_gt    ? 
_diffrn.ambient_pressure_lt    ? 
_diffrn.ambient_temp_gt        ? 
_diffrn.ambient_temp_lt        ? 
# 
_diffrn_detector.details                      ? 
_diffrn_detector.detector                     PIXEL 
_diffrn_detector.diffrn_id                    1 
_diffrn_detector.type                         'DECTRIS PILATUS 6M' 
_diffrn_detector.area_resol_mean              ? 
_diffrn_detector.dtime                        ? 
_diffrn_detector.pdbx_frames_total            ? 
_diffrn_detector.pdbx_collection_time_total   ? 
_diffrn_detector.pdbx_collection_date         2015-04-18 
# 
_diffrn_radiation.collimation                      ? 
_diffrn_radiation.diffrn_id                        1 
_diffrn_radiation.filter_edge                      ? 
_diffrn_radiation.inhomogeneity                    ? 
_diffrn_radiation.monochromator                    'Rh coated flat mirror' 
_diffrn_radiation.polarisn_norm                    ? 
_diffrn_radiation.polarisn_ratio                   ? 
_diffrn_radiation.probe                            ? 
_diffrn_radiation.type                             ? 
_diffrn_radiation.xray_symbol                      ? 
_diffrn_radiation.wavelength_id                    1 
_diffrn_radiation.pdbx_monochromatic_or_laue_m_l   M 
_diffrn_radiation.pdbx_wavelength_list             ? 
_diffrn_radiation.pdbx_wavelength                  ? 
_diffrn_radiation.pdbx_diffrn_protocol             'SINGLE WAVELENGTH' 
_diffrn_radiation.pdbx_analyzer                    ? 
_diffrn_radiation.pdbx_scattering_type             x-ray 
# 
_diffrn_radiation_wavelength.id           1 
_diffrn_radiation_wavelength.wavelength   0.98 
_diffrn_radiation_wavelength.wt           1.0 
# 
_diffrn_source.current                     ? 
_diffrn_source.details                     ? 
_diffrn_source.diffrn_id                   1 
_diffrn_source.power                       ? 
_diffrn_source.size                        ? 
_diffrn_source.source                      SYNCHROTRON 
_diffrn_source.target                      ? 
_diffrn_source.type                        'SSRL BEAMLINE BL12-2' 
_diffrn_source.voltage                     ? 
_diffrn_source.take-off_angle              ? 
_diffrn_source.pdbx_wavelength_list        0.98 
_diffrn_source.pdbx_wavelength             ? 
_diffrn_source.pdbx_synchrotron_beamline   BL12-2 
_diffrn_source.pdbx_synchrotron_site       SSRL 
# 
_reflns.B_iso_Wilson_estimate            94.540 
_reflns.entry_id                         5CMR 
_reflns.data_reduction_details           ? 
_reflns.data_reduction_method            ? 
_reflns.d_resolution_high                3.792 
_reflns.d_resolution_low                 109.828 
_reflns.details                          ? 
_reflns.limit_h_max                      ? 
_reflns.limit_h_min                      ? 
_reflns.limit_k_max                      ? 
_reflns.limit_k_min                      ? 
_reflns.limit_l_max                      ? 
_reflns.limit_l_min                      ? 
_reflns.number_all                       3401 
_reflns.number_obs                       3401 
_reflns.observed_criterion               ? 
_reflns.observed_criterion_F_max         ? 
_reflns.observed_criterion_F_min         ? 
_reflns.observed_criterion_I_max         ? 
_reflns.observed_criterion_I_min         ? 
_reflns.observed_criterion_sigma_F       ? 
_reflns.observed_criterion_sigma_I       ? 
_reflns.percent_possible_obs             99.800 
_reflns.R_free_details                   ? 
_reflns.Rmerge_F_all                     ? 
_reflns.Rmerge_F_obs                     ? 
_reflns.Friedel_coverage                 ? 
_reflns.number_gt                        ? 
_reflns.threshold_expression             ? 
_reflns.pdbx_redundancy                  11.200 
_reflns.pdbx_Rmerge_I_obs                ? 
_reflns.pdbx_Rmerge_I_all                ? 
_reflns.pdbx_Rsym_value                  0.185 
_reflns.pdbx_netI_over_av_sigmaI         4.125 
_reflns.pdbx_netI_over_sigmaI            12.000 
_reflns.pdbx_res_netI_over_av_sigmaI_2   ? 
_reflns.pdbx_res_netI_over_sigmaI_2      ? 
_reflns.pdbx_chi_squared                 ? 
_reflns.pdbx_scaling_rejects             ? 
_reflns.pdbx_d_res_high_opt              ? 
_reflns.pdbx_d_res_low_opt               ? 
_reflns.pdbx_d_res_opt_method            ? 
_reflns.phase_calculation_details        ? 
_reflns.pdbx_Rrim_I_all                  0.194 
_reflns.pdbx_Rpim_I_all                  0.056 
_reflns.pdbx_d_opt                       ? 
_reflns.pdbx_number_measured_all         38132 
_reflns.pdbx_diffrn_id                   1 
_reflns.pdbx_ordinal                     1 
_reflns.pdbx_CC_half                     ? 
_reflns.pdbx_R_split                     ? 
# 
loop_
_reflns_shell.d_res_high 
_reflns_shell.d_res_low 
_reflns_shell.meanI_over_sigI_all 
_reflns_shell.meanI_over_sigI_obs 
_reflns_shell.number_measured_all 
_reflns_shell.number_measured_obs 
_reflns_shell.number_possible 
_reflns_shell.number_unique_all 
_reflns_shell.number_unique_obs 
_reflns_shell.percent_possible_all 
_reflns_shell.percent_possible_obs 
_reflns_shell.Rmerge_F_all 
_reflns_shell.Rmerge_F_obs 
_reflns_shell.Rmerge_I_all 
_reflns_shell.Rmerge_I_obs 
_reflns_shell.meanI_over_sigI_gt 
_reflns_shell.meanI_over_uI_all 
_reflns_shell.meanI_over_uI_gt 
_reflns_shell.number_measured_gt 
_reflns_shell.number_unique_gt 
_reflns_shell.percent_possible_gt 
_reflns_shell.Rmerge_F_gt 
_reflns_shell.Rmerge_I_gt 
_reflns_shell.pdbx_redundancy 
_reflns_shell.pdbx_Rsym_value 
_reflns_shell.pdbx_chi_squared 
_reflns_shell.pdbx_netI_over_sigmaI_all 
_reflns_shell.pdbx_netI_over_sigmaI_obs 
_reflns_shell.pdbx_Rrim_I_all 
_reflns_shell.pdbx_Rpim_I_all 
_reflns_shell.pdbx_rejects 
_reflns_shell.pdbx_ordinal 
_reflns_shell.pdbx_diffrn_id 
_reflns_shell.pdbx_CC_half 
_reflns_shell.pdbx_R_split 
3.790  4.000  ? 5.00   5798 ? ? 481 ? 100.000 ? ? ? ? 0.555 ? ? ? ? ? ? ? ? 12.100 0.555 ? ? 5.000  ? 0.162 0 1  1 ? ? 
4.000  4.240  ? 1.900  5096 ? ? 457 ? 100.000 ? ? ? ? 0.392 ? ? ? ? ? ? ? ? 11.200 0.392 ? ? 6.700  ? 0.119 0 2  1 ? ? 
4.240  4.530  ? 2.300  4311 ? ? 421 ? 99.700  ? ? ? ? 0.327 ? ? ? ? ? ? ? ? 10.200 0.327 ? ? 7.400  ? 0.103 0 3  1 ? ? 
4.530  4.890  ? 2.900  4899 ? ? 407 ? 100.000 ? ? ? ? 0.262 ? ? ? ? ? ? ? ? 12.000 0.262 ? ? 9.700  ? 0.077 0 4  1 ? ? 
4.890  5.360  ? 3.300  4388 ? ? 378 ? 99.900  ? ? ? ? 0.232 ? ? ? ? ? ? ? ? 11.600 0.232 ? ? 10.400 ? 0.069 0 5  1 ? ? 
5.360  5.990  ? 3.200  3501 ? ? 339 ? 99.700  ? ? ? ? 0.239 ? ? ? ? ? ? ? ? 10.300 0.239 ? ? 9.200  ? 0.075 0 6  1 ? ? 
5.990  6.920  ? 4.300  3702 ? ? 306 ? 100.000 ? ? ? ? 0.175 ? ? ? ? ? ? ? ? 12.100 0.175 ? ? 12.900 ? 0.052 0 7  1 ? ? 
6.920  8.470  ? 7.400  2922 ? ? 265 ? 99.500  ? ? ? ? 0.098 ? ? ? ? ? ? ? ? 11.000 0.098 ? ? 21.600 ? 0.030 0 8  1 ? ? 
8.470  11.990 ? 13.800 2289 ? ? 213 ? 99.700  ? ? ? ? 0.048 ? ? ? ? ? ? ? ? 10.700 0.048 ? ? 32.500 ? 0.016 0 9  1 ? ? 
11.990 54.914 ? 15.700 1226 ? ? 134 ? 96.900  ? ? ? ? 0.032 ? ? ? ? ? ? ? ? 9.100  0.032 ? ? 35.000 ? 0.011 0 10 1 ? ? 
# 
_refine.aniso_B[1][1]                            ? 
_refine.aniso_B[1][2]                            ? 
_refine.aniso_B[1][3]                            ? 
_refine.aniso_B[2][2]                            ? 
_refine.aniso_B[2][3]                            ? 
_refine.aniso_B[3][3]                            ? 
_refine.B_iso_max                                145.880 
_refine.B_iso_mean                               81.9409 
_refine.B_iso_min                                47.020 
_refine.correlation_coeff_Fo_to_Fc               ? 
_refine.correlation_coeff_Fo_to_Fc_free          ? 
_refine.details                                  ? 
_refine.diff_density_max                         ? 
_refine.diff_density_max_esd                     ? 
_refine.diff_density_min                         ? 
_refine.diff_density_min_esd                     ? 
_refine.diff_density_rms                         ? 
_refine.diff_density_rms_esd                     ? 
_refine.entry_id                                 5CMR 
_refine.pdbx_refine_id                           'X-RAY DIFFRACTION' 
_refine.ls_abs_structure_details                 ? 
_refine.ls_abs_structure_Flack                   ? 
_refine.ls_abs_structure_Flack_esd               ? 
_refine.ls_abs_structure_Rogers                  ? 
_refine.ls_abs_structure_Rogers_esd              ? 
_refine.ls_d_res_high                            3.7920 
_refine.ls_d_res_low                             54.9140 
_refine.ls_extinction_coef                       ? 
_refine.ls_extinction_coef_esd                   ? 
_refine.ls_extinction_expression                 ? 
_refine.ls_extinction_method                     ? 
_refine.ls_goodness_of_fit_all                   ? 
_refine.ls_goodness_of_fit_all_esd               ? 
_refine.ls_goodness_of_fit_obs                   ? 
_refine.ls_goodness_of_fit_obs_esd               ? 
_refine.ls_hydrogen_treatment                    ? 
_refine.ls_matrix_type                           ? 
_refine.ls_number_constraints                    ? 
_refine.ls_number_parameters                     ? 
_refine.ls_number_reflns_all                     ? 
_refine.ls_number_reflns_obs                     3400 
_refine.ls_number_reflns_R_free                  345 
_refine.ls_number_reflns_R_work                  3055 
_refine.ls_number_restraints                     ? 
_refine.ls_percent_reflns_obs                    99.5600 
_refine.ls_percent_reflns_R_free                 10.1500 
_refine.ls_R_factor_all                          ? 
_refine.ls_R_factor_obs                          0.2124 
_refine.ls_R_factor_R_free                       0.2560 
_refine.ls_R_factor_R_free_error                 ? 
_refine.ls_R_factor_R_free_error_details         ? 
_refine.ls_R_factor_R_work                       0.2074 
_refine.ls_R_Fsqd_factor_obs                     ? 
_refine.ls_R_I_factor_obs                        ? 
_refine.ls_redundancy_reflns_all                 ? 
_refine.ls_redundancy_reflns_obs                 ? 
_refine.ls_restrained_S_all                      ? 
_refine.ls_restrained_S_obs                      ? 
_refine.ls_shift_over_esd_max                    ? 
_refine.ls_shift_over_esd_mean                   ? 
_refine.ls_structure_factor_coef                 ? 
_refine.ls_weighting_details                     ? 
_refine.ls_weighting_scheme                      ? 
_refine.ls_wR_factor_all                         ? 
_refine.ls_wR_factor_obs                         ? 
_refine.ls_wR_factor_R_free                      ? 
_refine.ls_wR_factor_R_work                      ? 
_refine.occupancy_max                            ? 
_refine.occupancy_min                            ? 
_refine.solvent_model_details                    'FLAT BULK SOLVENT MODEL' 
_refine.solvent_model_param_bsol                 ? 
_refine.solvent_model_param_ksol                 ? 
_refine.ls_R_factor_gt                           ? 
_refine.ls_goodness_of_fit_gt                    ? 
_refine.ls_goodness_of_fit_ref                   ? 
_refine.ls_shift_over_su_max                     ? 
_refine.ls_shift_over_su_max_lt                  ? 
_refine.ls_shift_over_su_mean                    ? 
_refine.ls_shift_over_su_mean_lt                 ? 
_refine.pdbx_ls_sigma_I                          ? 
_refine.pdbx_ls_sigma_F                          1.370 
_refine.pdbx_ls_sigma_Fsqd                       ? 
_refine.pdbx_data_cutoff_high_absF               ? 
_refine.pdbx_data_cutoff_high_rms_absF           ? 
_refine.pdbx_data_cutoff_low_absF                ? 
_refine.pdbx_isotropic_thermal_model             ? 
_refine.pdbx_ls_cross_valid_method               THROUGHOUT 
_refine.pdbx_method_to_determine_struct          'MOLECULAR REPLACEMENT' 
_refine.pdbx_starting_model                      2CEI 
_refine.pdbx_stereochemistry_target_values       ML 
_refine.pdbx_R_Free_selection_details            ? 
_refine.pdbx_stereochem_target_val_spec_case     ? 
_refine.pdbx_overall_ESU_R                       ? 
_refine.pdbx_overall_ESU_R_Free                  ? 
_refine.pdbx_solvent_vdw_probe_radii             1.1100 
_refine.pdbx_solvent_ion_probe_radii             ? 
_refine.pdbx_solvent_shrinkage_radii             0.9000 
_refine.pdbx_real_space_R                        ? 
_refine.pdbx_density_correlation                 ? 
_refine.pdbx_pd_number_of_powder_patterns        ? 
_refine.pdbx_pd_number_of_points                 ? 
_refine.pdbx_pd_meas_number_of_points            ? 
_refine.pdbx_pd_proc_ls_prof_R_factor            ? 
_refine.pdbx_pd_proc_ls_prof_wR_factor           ? 
_refine.pdbx_pd_Marquardt_correlation_coeff      ? 
_refine.pdbx_pd_Fsqrd_R_factor                   ? 
_refine.pdbx_pd_ls_matrix_band_width             ? 
_refine.pdbx_overall_phase_error                 22.9200 
_refine.pdbx_overall_SU_R_free_Cruickshank_DPI   ? 
_refine.pdbx_overall_SU_R_free_Blow_DPI          ? 
_refine.pdbx_overall_SU_R_Blow_DPI               ? 
_refine.pdbx_TLS_residual_ADP_flag               ? 
_refine.pdbx_diffrn_id                           1 
_refine.overall_SU_B                             ? 
_refine.overall_SU_ML                            0.4000 
_refine.overall_SU_R_Cruickshank_DPI             ? 
_refine.overall_SU_R_free                        ? 
_refine.overall_FOM_free_R_set                   ? 
_refine.overall_FOM_work_R_set                   ? 
_refine.pdbx_average_fsc_overall                 ? 
_refine.pdbx_average_fsc_work                    ? 
_refine.pdbx_average_fsc_free                    ? 
# 
_refine_hist.cycle_id                         final 
_refine_hist.pdbx_refine_id                   'X-RAY DIFFRACTION' 
_refine_hist.d_res_high                       3.7920 
_refine_hist.d_res_low                        54.9140 
_refine_hist.pdbx_number_atoms_ligand         27 
_refine_hist.number_atoms_solvent             0 
_refine_hist.number_atoms_total               1448 
_refine_hist.pdbx_number_residues_total       173 
_refine_hist.pdbx_B_iso_mean_ligand           71.17 
_refine_hist.pdbx_number_atoms_protein        1421 
_refine_hist.pdbx_number_atoms_nucleic_acid   0 
# 
loop_
_refine_ls_restr.pdbx_refine_id 
_refine_ls_restr.criterion 
_refine_ls_restr.dev_ideal 
_refine_ls_restr.dev_ideal_target 
_refine_ls_restr.number 
_refine_ls_restr.rejects 
_refine_ls_restr.type 
_refine_ls_restr.weight 
_refine_ls_restr.pdbx_restraint_function 
'X-RAY DIFFRACTION' ? 0.005  ? 1465 ? f_bond_d           ? ? 
'X-RAY DIFFRACTION' ? 1.067  ? 1974 ? f_angle_d          ? ? 
'X-RAY DIFFRACTION' ? 0.046  ? 204  ? f_chiral_restr     ? ? 
'X-RAY DIFFRACTION' ? 0.007  ? 263  ? f_plane_restr      ? ? 
'X-RAY DIFFRACTION' ? 17.312 ? 554  ? f_dihedral_angle_d ? ? 
# 
loop_
_refine_ls_shell.pdbx_refine_id 
_refine_ls_shell.d_res_high 
_refine_ls_shell.d_res_low 
_refine_ls_shell.number_reflns_all 
_refine_ls_shell.number_reflns_obs 
_refine_ls_shell.number_reflns_R_free 
_refine_ls_shell.number_reflns_R_work 
_refine_ls_shell.percent_reflns_obs 
_refine_ls_shell.percent_reflns_R_free 
_refine_ls_shell.R_factor_all 
_refine_ls_shell.R_factor_obs 
_refine_ls_shell.R_factor_R_free 
_refine_ls_shell.R_factor_R_free_error 
_refine_ls_shell.R_factor_R_work 
_refine_ls_shell.redundancy_reflns_all 
_refine_ls_shell.redundancy_reflns_obs 
_refine_ls_shell.wR_factor_all 
_refine_ls_shell.wR_factor_obs 
_refine_ls_shell.wR_factor_R_free 
_refine_ls_shell.wR_factor_R_work 
_refine_ls_shell.pdbx_total_number_of_bins_used 
_refine_ls_shell.pdbx_phase_error 
_refine_ls_shell.pdbx_fsc_work 
_refine_ls_shell.pdbx_fsc_free 
'X-RAY DIFFRACTION' 3.7917 4.7767  1655 . 167 1488 100.0000 . . . 0.2854 . 0.2206 . . . . . . 2 . . . 
'X-RAY DIFFRACTION' 4.7767 54.9196 1745 . 178 1567 99.0000  . . . 0.2374 . 0.1994 . . . . . . 2 . . . 
# 
_struct.entry_id                     5CMR 
_struct.title                        'Crystal Structure of Linker-Mediated Zn-bound Human H-Ferritin variant 122H-delta C-star' 
_struct.pdbx_model_details           ? 
_struct.pdbx_formula_weight          ? 
_struct.pdbx_formula_weight_method   ? 
_struct.pdbx_model_type_details      ? 
_struct.pdbx_CASP_flag               ? 
# 
_struct_keywords.entry_id        5CMR 
_struct_keywords.text            'Protein Engineering, Metal Binding, Supramolecular Assembly, OXIDOREDUCTASE' 
_struct_keywords.pdbx_keywords   OXIDOREDUCTASE 
# 
loop_
_struct_asym.id 
_struct_asym.pdbx_blank_PDB_chainid_flag 
_struct_asym.pdbx_modified 
_struct_asym.entity_id 
_struct_asym.details 
A N N 1 ? 
B N N 2 ? 
C N N 2 ? 
D N N 3 ? 
E N N 3 ? 
F N N 3 ? 
G N N 4 ? 
# 
loop_
_struct_conf.conf_type_id 
_struct_conf.id 
_struct_conf.pdbx_PDB_helix_id 
_struct_conf.beg_label_comp_id 
_struct_conf.beg_label_asym_id 
_struct_conf.beg_label_seq_id 
_struct_conf.pdbx_beg_PDB_ins_code 
_struct_conf.end_label_comp_id 
_struct_conf.end_label_asym_id 
_struct_conf.end_label_seq_id 
_struct_conf.pdbx_end_PDB_ins_code 
_struct_conf.beg_auth_comp_id 
_struct_conf.beg_auth_asym_id 
_struct_conf.beg_auth_seq_id 
_struct_conf.end_auth_comp_id 
_struct_conf.end_auth_asym_id 
_struct_conf.end_auth_seq_id 
_struct_conf.pdbx_PDB_helix_class 
_struct_conf.details 
_struct_conf.pdbx_PDB_helix_length 
HELX_P HELX_P1 AA1 HIS A 13  ? ASP A 42  ? HIS A 13  ASP A 42  1 ? 30 
HELX_P HELX_P2 AA2 LEU A 48  ? ARG A 76  ? LEU A 48  ARG A 76  1 ? 29 
HELX_P HELX_P3 AA3 SER A 95  ? LYS A 124 ? SER A 95  LYS A 124 1 ? 30 
HELX_P HELX_P4 AA4 ASP A 126 ? TYR A 137 ? ASP A 126 TYR A 137 1 ? 12 
HELX_P HELX_P5 AA5 TYR A 137 ? MET A 158 ? TYR A 137 MET A 158 1 ? 22 
HELX_P HELX_P6 AA6 SER A 163 ? THR A 174 ? SER A 163 THR A 174 1 ? 12 
# 
_struct_conf_type.id          HELX_P 
_struct_conf_type.criteria    ? 
_struct_conf_type.reference   ? 
# 
loop_
_struct_conn.id 
_struct_conn.conn_type_id 
_struct_conn.pdbx_leaving_atom_flag 
_struct_conn.pdbx_PDB_id 
_struct_conn.ptnr1_label_asym_id 
_struct_conn.ptnr1_label_comp_id 
_struct_conn.ptnr1_label_seq_id 
_struct_conn.ptnr1_label_atom_id 
_struct_conn.pdbx_ptnr1_label_alt_id 
_struct_conn.pdbx_ptnr1_PDB_ins_code 
_struct_conn.pdbx_ptnr1_standard_comp_id 
_struct_conn.ptnr1_symmetry 
_struct_conn.ptnr2_label_asym_id 
_struct_conn.ptnr2_label_comp_id 
_struct_conn.ptnr2_label_seq_id 
_struct_conn.ptnr2_label_atom_id 
_struct_conn.pdbx_ptnr2_label_alt_id 
_struct_conn.pdbx_ptnr2_PDB_ins_code 
_struct_conn.ptnr1_auth_asym_id 
_struct_conn.ptnr1_auth_comp_id 
_struct_conn.ptnr1_auth_seq_id 
_struct_conn.ptnr2_auth_asym_id 
_struct_conn.ptnr2_auth_comp_id 
_struct_conn.ptnr2_auth_seq_id 
_struct_conn.ptnr2_symmetry 
_struct_conn.pdbx_ptnr3_label_atom_id 
_struct_conn.pdbx_ptnr3_label_seq_id 
_struct_conn.pdbx_ptnr3_label_comp_id 
_struct_conn.pdbx_ptnr3_label_asym_id 
_struct_conn.pdbx_ptnr3_label_alt_id 
_struct_conn.pdbx_ptnr3_PDB_ins_code 
_struct_conn.details 
_struct_conn.pdbx_dist_value 
_struct_conn.pdbx_value_order 
_struct_conn.pdbx_role 
metalc1  metalc ? ? A GLU 27  OE1 ? ? ? 1_555 B ZN  . ZN  ? ? A GLU 27  A ZN  201 1_555  ? ? ? ? ? ? ? 2.023 ? ? 
metalc2  metalc ? ? A GLU 62  OE1 ? ? ? 1_555 B ZN  . ZN  ? ? A GLU 62  A ZN  201 1_555  ? ? ? ? ? ? ? 2.278 ? ? 
metalc3  metalc ? ? A GLU 62  OE1 ? ? ? 1_555 F NA  . NA  ? ? A GLU 62  A NA  205 1_555  ? ? ? ? ? ? ? 2.928 ? ? 
metalc4  metalc ? ? A GLU 62  OE2 ? ? ? 1_555 F NA  . NA  ? ? A GLU 62  A NA  205 1_555  ? ? ? ? ? ? ? 2.252 ? ? 
metalc5  metalc ? ? A HIS 65  ND1 ? ? ? 1_555 B ZN  . ZN  ? ? A HIS 65  A ZN  201 1_555  ? ? ? ? ? ? ? 2.242 ? ? 
metalc6  metalc ? ? A GLU 107 OE1 ? ? ? 1_555 F NA  . NA  ? ? A GLU 107 A NA  205 1_555  ? ? ? ? ? ? ? 2.349 ? ? 
metalc7  metalc ? ? A GLU 107 OE2 ? ? ? 1_555 F NA  . NA  ? ? A GLU 107 A NA  205 1_555  ? ? ? ? ? ? ? 2.452 ? ? 
metalc8  metalc ? ? A HIS 122 NE2 ? ? ? 1_555 C ZN  . ZN  ? ? A HIS 122 A ZN  202 1_555  ? ? ? ? ? ? ? 2.031 ? ? 
metalc9  metalc ? ? A HIS 122 NE2 ? ? ? 1_555 C ZN  . ZN  ? ? A HIS 122 A ZN  202 5_555  ? ? ? ? ? ? ? 2.031 ? ? 
metalc10 metalc ? ? A ASP 131 OD1 ? ? ? 1_555 D NA  . NA  ? ? A ASP 131 A NA  203 1_555  ? ? ? ? ? ? ? 2.355 ? ? 
metalc11 metalc ? ? A ASP 131 OD1 ? ? ? 1_555 D NA  . NA  ? ? A ASP 131 A NA  203 5_555  ? ? ? ? ? ? ? 2.355 ? ? 
metalc12 metalc ? ? A GLU 134 OE1 ? ? ? 1_555 D NA  . NA  ? ? A GLU 134 A NA  203 1_555  ? ? ? ? ? ? ? 2.454 ? ? 
metalc13 metalc ? ? A GLU 134 OE1 ? ? ? 1_555 D NA  . NA  ? ? A GLU 134 A NA  203 5_555  ? ? ? ? ? ? ? 2.454 ? ? 
metalc14 metalc ? ? A GLU 134 OE1 ? ? ? 1_555 E NA  . NA  ? ? A GLU 134 A NA  204 1_555  ? ? ? ? ? ? ? 2.409 ? ? 
metalc15 metalc ? ? A GLU 134 OE2 ? ? ? 1_555 E NA  . NA  ? ? A GLU 134 A NA  204 1_555  ? ? ? ? ? ? ? 2.824 ? ? 
metalc16 metalc ? ? A GLU 134 OE1 ? ? ? 1_555 E NA  . NA  ? ? A GLU 134 A NA  204 5_555  ? ? ? ? ? ? ? 2.409 ? ? 
metalc17 metalc ? ? A GLU 134 OE2 ? ? ? 1_555 E NA  . NA  ? ? A GLU 134 A NA  204 5_555  ? ? ? ? ? ? ? 2.824 ? ? 
metalc18 metalc ? ? A GLN 141 OE1 ? ? ? 1_555 F NA  . NA  ? ? A GLN 141 A NA  205 1_555  ? ? ? ? ? ? ? 2.823 ? ? 
metalc19 metalc ? ? C ZN  .   ZN  ? ? ? 1_555 G BYD . OAN ? ? A ZN  202 A BYD 206 1_555  ? ? ? ? ? ? ? 2.278 ? ? 
metalc20 metalc ? ? C ZN  .   ZN  ? ? ? 1_555 G BYD . OAM ? ? A ZN  202 A BYD 206 1_555  ? ? ? ? ? ? ? 2.149 ? ? 
metalc21 metalc ? ? C ZN  .   ZN  ? ? ? 1_555 G BYD . OAN ? ? A ZN  202 A BYD 206 9_555  ? ? ? ? ? ? ? 2.278 ? ? 
metalc22 metalc ? ? C ZN  .   ZN  ? ? ? 1_555 G BYD . OAJ ? ? A ZN  202 A BYD 206 38_555 ? ? ? ? ? ? ? 2.287 ? ? 
metalc23 metalc ? ? C ZN  .   ZN  ? ? ? 1_555 G BYD . OAM ? ? A ZN  202 A BYD 206 5_555  ? ? ? ? ? ? ? 2.149 ? ? 
metalc24 metalc ? ? C ZN  .   ZN  ? ? ? 1_555 G BYD . OAH ? ? A ZN  202 A BYD 206 38_555 ? ? ? ? ? ? ? 2.163 ? ? 
# 
_struct_conn_type.id          metalc 
_struct_conn_type.criteria    ? 
_struct_conn_type.reference   ? 
# 
_struct_mon_prot_cis.pdbx_id                1 
_struct_mon_prot_cis.label_comp_id          ALA 
_struct_mon_prot_cis.label_seq_id           160 
_struct_mon_prot_cis.label_asym_id          A 
_struct_mon_prot_cis.label_alt_id           . 
_struct_mon_prot_cis.pdbx_PDB_ins_code      ? 
_struct_mon_prot_cis.auth_comp_id           ALA 
_struct_mon_prot_cis.auth_seq_id            160 
_struct_mon_prot_cis.auth_asym_id           A 
_struct_mon_prot_cis.pdbx_label_comp_id_2   PRO 
_struct_mon_prot_cis.pdbx_label_seq_id_2    161 
_struct_mon_prot_cis.pdbx_label_asym_id_2   A 
_struct_mon_prot_cis.pdbx_PDB_ins_code_2    ? 
_struct_mon_prot_cis.pdbx_auth_comp_id_2    PRO 
_struct_mon_prot_cis.pdbx_auth_seq_id_2     161 
_struct_mon_prot_cis.pdbx_auth_asym_id_2    A 
_struct_mon_prot_cis.pdbx_PDB_model_num     1 
_struct_mon_prot_cis.pdbx_omega_angle       4.00 
# 
loop_
_struct_site.id 
_struct_site.pdbx_evidence_code 
_struct_site.pdbx_auth_asym_id 
_struct_site.pdbx_auth_comp_id 
_struct_site.pdbx_auth_seq_id 
_struct_site.pdbx_auth_ins_code 
_struct_site.pdbx_num_residues 
_struct_site.details 
AC1 Software A ZN  201 ? 5  'binding site for residue ZN A 201'  
AC2 Software A ZN  202 ? 9  'binding site for residue ZN A 202'  
AC3 Software A NA  203 ? 9  'binding site for residue NA A 203'  
AC4 Software A NA  204 ? 6  'binding site for residue NA A 204'  
AC5 Software A NA  205 ? 4  'binding site for residue NA A 205'  
AC6 Software A BYD 206 ? 12 'binding site for residue BYD A 206' 
# 
loop_
_struct_site_gen.id 
_struct_site_gen.site_id 
_struct_site_gen.pdbx_num_res 
_struct_site_gen.label_comp_id 
_struct_site_gen.label_asym_id 
_struct_site_gen.label_seq_id 
_struct_site_gen.pdbx_auth_ins_code 
_struct_site_gen.auth_comp_id 
_struct_site_gen.auth_asym_id 
_struct_site_gen.auth_seq_id 
_struct_site_gen.label_atom_id 
_struct_site_gen.label_alt_id 
_struct_site_gen.symmetry 
_struct_site_gen.details 
1  AC1 5  GLU A 27  ? GLU A 27  . ? 1_555  ? 
2  AC1 5  GLU A 62  ? GLU A 62  . ? 1_555  ? 
3  AC1 5  HIS A 65  ? HIS A 65  . ? 1_555  ? 
4  AC1 5  GLN A 141 ? GLN A 141 . ? 1_555  ? 
5  AC1 5  NA  F .   ? NA  A 205 . ? 1_555  ? 
6  AC2 9  HIS A 122 ? HIS A 122 . ? 1_555  ? 
7  AC2 9  HIS A 122 ? HIS A 122 . ? 9_555  ? 
8  AC2 9  HIS A 122 ? HIS A 122 . ? 5_555  ? 
9  AC2 9  BYD G .   ? BYD A 206 . ? 5_555  ? 
10 AC2 9  BYD G .   ? BYD A 206 . ? 48_555 ? 
11 AC2 9  BYD G .   ? BYD A 206 . ? 38_555 ? 
12 AC2 9  BYD G .   ? BYD A 206 . ? 1_555  ? 
13 AC2 9  BYD G .   ? BYD A 206 . ? 9_555  ? 
14 AC2 9  BYD G .   ? BYD A 206 . ? 43_555 ? 
15 AC3 9  ASP A 131 ? ASP A 131 . ? 5_555  ? 
16 AC3 9  ASP A 131 ? ASP A 131 . ? 1_555  ? 
17 AC3 9  ASP A 131 ? ASP A 131 . ? 9_555  ? 
18 AC3 9  GLU A 134 ? GLU A 134 . ? 1_555  ? 
19 AC3 9  GLU A 134 ? GLU A 134 . ? 5_555  ? 
20 AC3 9  GLU A 134 ? GLU A 134 . ? 9_555  ? 
21 AC3 9  NA  E .   ? NA  A 204 . ? 5_555  ? 
22 AC3 9  NA  E .   ? NA  A 204 . ? 9_555  ? 
23 AC3 9  NA  E .   ? NA  A 204 . ? 1_555  ? 
24 AC4 6  GLU A 134 ? GLU A 134 . ? 1_555  ? 
25 AC4 6  GLU A 134 ? GLU A 134 . ? 5_555  ? 
26 AC4 6  GLU A 134 ? GLU A 134 . ? 9_555  ? 
27 AC4 6  NA  D .   ? NA  A 203 . ? 9_555  ? 
28 AC4 6  NA  D .   ? NA  A 203 . ? 5_555  ? 
29 AC4 6  NA  D .   ? NA  A 203 . ? 1_555  ? 
30 AC5 4  GLU A 62  ? GLU A 62  . ? 1_555  ? 
31 AC5 4  GLU A 107 ? GLU A 107 . ? 1_555  ? 
32 AC5 4  GLN A 141 ? GLN A 141 . ? 1_555  ? 
33 AC5 4  ZN  B .   ? ZN  A 201 . ? 1_555  ? 
34 AC6 12 HIS A 122 ? HIS A 122 . ? 43_555 ? 
35 AC6 12 HIS A 122 ? HIS A 122 . ? 1_555  ? 
36 AC6 12 HIS A 122 ? HIS A 122 . ? 48_555 ? 
37 AC6 12 HIS A 122 ? HIS A 122 . ? 9_555  ? 
38 AC6 12 HIS A 122 ? HIS A 122 . ? 5_555  ? 
39 AC6 12 HIS A 122 ? HIS A 122 . ? 38_555 ? 
40 AC6 12 ZN  C .   ? ZN  A 202 . ? 9_555  ? 
41 AC6 12 ZN  C .   ? ZN  A 202 . ? 5_555  ? 
42 AC6 12 ZN  C .   ? ZN  A 202 . ? 1_555  ? 
43 AC6 12 ZN  C .   ? ZN  A 202 . ? 48_555 ? 
44 AC6 12 ZN  C .   ? ZN  A 202 . ? 43_555 ? 
45 AC6 12 ZN  C .   ? ZN  A 202 . ? 38_555 ? 
# 
_atom_sites.entry_id                    5CMR 
_atom_sites.fract_transf_matrix[1][1]   0.00381231 
_atom_sites.fract_transf_matrix[1][2]   -0.00101629 
_atom_sites.fract_transf_matrix[1][3]   -0.00508737 
_atom_sites.fract_transf_matrix[2][1]   0.00499475 
_atom_sites.fract_transf_matrix[2][2]   -0.00098756 
_atom_sites.fract_transf_matrix[2][3]   0.00394019 
_atom_sites.fract_transf_matrix[3][1]   -0.00140237 
_atom_sites.fract_transf_matrix[3][2]   -0.00628010 
_atom_sites.fract_transf_matrix[3][3]   0.00020367 
_atom_sites.fract_transf_vector[1]      0.182511 
_atom_sites.fract_transf_vector[2]      0.062812 
_atom_sites.fract_transf_vector[3]      0.252680 
# 
loop_
_atom_type.symbol 
C  
H  
N  
NA 
O  
S  
ZN 
# 
loop_
_atom_site.group_PDB 
_atom_site.id 
_atom_site.type_symbol 
_atom_site.label_atom_id 
_atom_site.label_alt_id 
_atom_site.label_comp_id 
_atom_site.label_asym_id 
_atom_site.label_entity_id 
_atom_site.label_seq_id 
_atom_site.pdbx_PDB_ins_code 
_atom_site.Cartn_x 
_atom_site.Cartn_y 
_atom_site.Cartn_z 
_atom_site.occupancy 
_atom_site.B_iso_or_equiv 
_atom_site.pdbx_formal_charge 
_atom_site.auth_seq_id 
_atom_site.auth_comp_id 
_atom_site.auth_asym_id 
_atom_site.auth_atom_id 
_atom_site.pdbx_PDB_model_num 
ATOM   1    N  N   . THR A 1 5   ? 25.978  9.371   -16.851 1.00 83.20  ? 5   THR A N   1 
ATOM   2    C  CA  . THR A 1 5   ? 25.652  9.542   -15.438 1.00 90.31  ? 5   THR A CA  1 
ATOM   3    C  C   . THR A 1 5   ? 25.194  10.972  -15.160 1.00 113.32 ? 5   THR A C   1 
ATOM   4    O  O   . THR A 1 5   ? 25.789  11.931  -15.652 1.00 115.93 ? 5   THR A O   1 
ATOM   5    C  CB  . THR A 1 5   ? 26.850  9.203   -14.541 1.00 90.63  ? 5   THR A CB  1 
ATOM   6    O  OG1 . THR A 1 5   ? 27.772  10.299  -14.535 1.00 107.38 ? 5   THR A OG1 1 
ATOM   7    C  CG2 . THR A 1 5   ? 27.551  7.953   -15.048 1.00 88.43  ? 5   THR A CG2 1 
ATOM   8    N  N   . SER A 1 6   ? 24.133  11.102  -14.369 1.00 110.29 ? 6   SER A N   1 
ATOM   9    C  CA  . SER A 1 6   ? 23.694  12.397  -13.844 1.00 102.57 ? 6   SER A CA  1 
ATOM   10   C  C   . SER A 1 6   ? 24.720  13.176  -13.018 1.00 94.28  ? 6   SER A C   1 
ATOM   11   O  O   . SER A 1 6   ? 25.440  12.619  -12.187 1.00 90.81  ? 6   SER A O   1 
ATOM   12   C  CB  . SER A 1 6   ? 22.435  12.205  -12.998 1.00 115.70 ? 6   SER A CB  1 
ATOM   13   O  OG  . SER A 1 6   ? 22.094  13.407  -12.328 1.00 113.41 ? 6   SER A OG  1 
ATOM   14   N  N   . GLN A 1 7   ? 24.759  14.479  -13.272 1.00 79.27  ? 7   GLN A N   1 
ATOM   15   C  CA  . GLN A 1 7   ? 25.567  15.444  -12.532 1.00 73.14  ? 7   GLN A CA  1 
ATOM   16   C  C   . GLN A 1 7   ? 25.291  15.532  -11.032 1.00 72.69  ? 7   GLN A C   1 
ATOM   17   O  O   . GLN A 1 7   ? 26.157  15.940  -10.259 1.00 73.03  ? 7   GLN A O   1 
ATOM   18   C  CB  . GLN A 1 7   ? 25.367  16.827  -13.155 1.00 63.28  ? 7   GLN A CB  1 
ATOM   19   C  CG  . GLN A 1 7   ? 24.005  17.427  -12.852 1.00 70.85  ? 7   GLN A CG  1 
ATOM   20   C  CD  . GLN A 1 7   ? 23.669  18.602  -13.750 1.00 93.30  ? 7   GLN A CD  1 
ATOM   21   O  OE1 . GLN A 1 7   ? 24.537  19.400  -14.099 1.00 85.15  ? 7   GLN A OE1 1 
ATOM   22   N  NE2 . GLN A 1 7   ? 22.403  18.702  -14.142 1.00 81.65  ? 7   GLN A NE2 1 
ATOM   23   N  N   . VAL A 1 8   ? 24.095  15.136  -10.616 1.00 82.35  ? 8   VAL A N   1 
ATOM   24   C  CA  . VAL A 1 8   ? 23.734  15.182  -9.203  1.00 93.32  ? 8   VAL A CA  1 
ATOM   25   C  C   . VAL A 1 8   ? 24.032  13.884  -8.467  1.00 96.79  ? 8   VAL A C   1 
ATOM   26   O  O   . VAL A 1 8   ? 24.017  13.840  -7.237  1.00 114.14 ? 8   VAL A O   1 
ATOM   27   C  CB  . VAL A 1 8   ? 22.237  15.510  -9.028  1.00 86.55  ? 8   VAL A CB  1 
ATOM   28   C  CG1 . VAL A 1 8   ? 21.869  16.751  -9.826  1.00 83.72  ? 8   VAL A CG1 1 
ATOM   29   C  CG2 . VAL A 1 8   ? 21.382  14.326  -9.451  1.00 82.83  ? 8   VAL A CG2 1 
ATOM   30   N  N   . ARG A 1 9   ? 24.299  12.829  -9.224  1.00 86.98  ? 9   ARG A N   1 
ATOM   31   C  CA  . ARG A 1 9   ? 24.471  11.509  -8.642  1.00 77.77  ? 9   ARG A CA  1 
ATOM   32   C  C   . ARG A 1 9   ? 25.682  11.411  -7.724  1.00 76.33  ? 9   ARG A C   1 
ATOM   33   O  O   . ARG A 1 9   ? 26.788  11.807  -8.091  1.00 86.64  ? 9   ARG A O   1 
ATOM   34   C  CB  . ARG A 1 9   ? 24.594  10.463  -9.750  1.00 73.52  ? 9   ARG A CB  1 
ATOM   35   C  CG  . ARG A 1 9   ? 24.180  9.072   -9.327  1.00 75.99  ? 9   ARG A CG  1 
ATOM   36   C  CD  . ARG A 1 9   ? 24.522  8.043   -10.386 1.00 72.51  ? 9   ARG A CD  1 
ATOM   37   N  NE  . ARG A 1 9   ? 24.033  6.721   -10.011 1.00 76.27  ? 9   ARG A NE  1 
ATOM   38   C  CZ  . ARG A 1 9   ? 23.056  6.082   -10.645 1.00 80.47  ? 9   ARG A CZ  1 
ATOM   39   N  NH1 . ARG A 1 9   ? 22.479  6.635   -11.704 1.00 78.46  ? 9   ARG A NH1 1 
ATOM   40   N  NH2 . ARG A 1 9   ? 22.651  4.893   -10.218 1.00 74.05  ? 9   ARG A NH2 1 
ATOM   41   N  N   . GLN A 1 10  ? 25.461  10.888  -6.523  1.00 71.70  ? 10  GLN A N   1 
ATOM   42   C  CA  . GLN A 1 10  ? 26.528  10.708  -5.547  1.00 77.90  ? 10  GLN A CA  1 
ATOM   43   C  C   . GLN A 1 10  ? 26.186  9.592   -4.583  1.00 82.85  ? 10  GLN A C   1 
ATOM   44   O  O   . GLN A 1 10  ? 25.168  9.650   -3.892  1.00 105.72 ? 10  GLN A O   1 
ATOM   45   C  CB  . GLN A 1 10  ? 26.806  11.979  -4.746  1.00 76.01  ? 10  GLN A CB  1 
ATOM   46   C  CG  . GLN A 1 10  ? 28.015  11.798  -3.829  1.00 93.24  ? 10  GLN A CG  1 
ATOM   47   C  CD  . GLN A 1 10  ? 28.412  13.050  -3.074  1.00 87.05  ? 10  GLN A CD  1 
ATOM   48   O  OE1 . GLN A 1 10  ? 27.596  13.939  -2.844  1.00 81.57  ? 10  GLN A OE1 1 
ATOM   49   N  NE2 . GLN A 1 10  ? 29.674  13.114  -2.666  1.00 85.79  ? 10  GLN A NE2 1 
ATOM   50   N  N   . ASN A 1 11  ? 27.054  8.593   -4.519  1.00 81.67  ? 11  ASN A N   1 
ATOM   51   C  CA  . ASN A 1 11  ? 26.852  7.476   -3.620  1.00 80.11  ? 11  ASN A CA  1 
ATOM   52   C  C   . ASN A 1 11  ? 25.514  6.814   -3.911  1.00 77.64  ? 11  ASN A C   1 
ATOM   53   O  O   . ASN A 1 11  ? 24.820  6.390   -2.988  1.00 79.51  ? 11  ASN A O   1 
ATOM   54   C  CB  . ASN A 1 11  ? 26.926  7.925   -2.156  1.00 75.83  ? 11  ASN A CB  1 
ATOM   55   C  CG  . ASN A 1 11  ? 27.174  6.768   -1.197  1.00 85.54  ? 11  ASN A CG  1 
ATOM   56   O  OD1 . ASN A 1 11  ? 27.890  5.822   -1.520  1.00 81.88  ? 11  ASN A OD1 1 
ATOM   57   N  ND2 . ASN A 1 11  ? 26.583  6.844   -0.008  1.00 95.12  ? 11  ASN A ND2 1 
ATOM   58   N  N   . TYR A 1 12  ? 25.119  6.755   -5.181  1.00 78.70  ? 12  TYR A N   1 
ATOM   59   C  CA  . TYR A 1 12  ? 23.819  6.177   -5.500  1.00 88.44  ? 12  TYR A CA  1 
ATOM   60   C  C   . TYR A 1 12  ? 24.028  5.026   -6.483  1.00 89.67  ? 12  TYR A C   1 
ATOM   61   O  O   . TYR A 1 12  ? 24.312  5.231   -7.665  1.00 89.83  ? 12  TYR A O   1 
ATOM   62   C  CB  . TYR A 1 12  ? 22.869  7.240   -6.069  1.00 100.01 ? 12  TYR A CB  1 
ATOM   63   C  CG  . TYR A 1 12  ? 21.425  6.791   -6.112  1.00 85.25  ? 12  TYR A CG  1 
ATOM   64   C  CD1 . TYR A 1 12  ? 20.813  6.269   -4.981  1.00 83.15  ? 12  TYR A CD1 1 
ATOM   65   C  CD2 . TYR A 1 12  ? 20.673  6.899   -7.274  1.00 81.02  ? 12  TYR A CD2 1 
ATOM   66   C  CE1 . TYR A 1 12  ? 19.499  5.846   -5.010  1.00 85.70  ? 12  TYR A CE1 1 
ATOM   67   C  CE2 . TYR A 1 12  ? 19.353  6.485   -7.312  1.00 84.21  ? 12  TYR A CE2 1 
ATOM   68   C  CZ  . TYR A 1 12  ? 18.773  5.958   -6.176  1.00 85.56  ? 12  TYR A CZ  1 
ATOM   69   O  OH  . TYR A 1 12  ? 17.459  5.551   -6.208  1.00 80.02  ? 12  TYR A OH  1 
ATOM   70   N  N   . HIS A 1 13  ? 23.877  3.813   -5.957  1.00 88.65  ? 13  HIS A N   1 
ATOM   71   C  CA  . HIS A 1 13  ? 24.224  2.579   -6.655  1.00 106.61 ? 13  HIS A CA  1 
ATOM   72   C  C   . HIS A 1 13  ? 23.199  2.207   -7.717  1.00 103.11 ? 13  HIS A C   1 
ATOM   73   O  O   . HIS A 1 13  ? 22.006  2.458   -7.557  1.00 97.66  ? 13  HIS A O   1 
ATOM   74   C  CB  . HIS A 1 13  ? 24.400  1.427   -5.666  1.00 106.20 ? 13  HIS A CB  1 
ATOM   75   C  CG  . HIS A 1 13  ? 25.183  0.275   -6.218  1.00 106.53 ? 13  HIS A CG  1 
ATOM   76   N  ND1 . HIS A 1 13  ? 24.613  -0.722  -6.979  1.00 104.89 ? 13  HIS A ND1 1 
ATOM   77   C  CD2 . HIS A 1 13  ? 26.499  -0.028  -6.125  1.00 113.73 ? 13  HIS A CD2 1 
ATOM   78   C  CE1 . HIS A 1 13  ? 25.545  -1.592  -7.328  1.00 112.77 ? 13  HIS A CE1 1 
ATOM   79   N  NE2 . HIS A 1 13  ? 26.697  -1.195  -6.820  1.00 126.40 ? 13  HIS A NE2 1 
ATOM   80   N  N   . GLN A 1 14  ? 23.672  1.592   -8.792  1.00 101.04 ? 14  GLN A N   1 
ATOM   81   C  CA  . GLN A 1 14  ? 22.785  1.054   -9.807  1.00 95.21  ? 14  GLN A CA  1 
ATOM   82   C  C   . GLN A 1 14  ? 21.799  0.024   -9.259  1.00 95.92  ? 14  GLN A C   1 
ATOM   83   O  O   . GLN A 1 14  ? 20.690  -0.112  -9.774  1.00 104.06 ? 14  GLN A O   1 
ATOM   84   C  CB  . GLN A 1 14  ? 23.625  0.424   -10.917 1.00 99.42  ? 14  GLN A CB  1 
ATOM   85   C  CG  . GLN A 1 14  ? 22.854  -0.394  -11.923 1.00 114.13 ? 14  GLN A CG  1 
ATOM   86   C  CD  . GLN A 1 14  ? 23.761  -0.989  -12.977 1.00 117.99 ? 14  GLN A CD  1 
ATOM   87   O  OE1 . GLN A 1 14  ? 24.822  -1.532  -12.661 1.00 113.92 ? 14  GLN A OE1 1 
ATOM   88   N  NE2 . GLN A 1 14  ? 23.360  -0.879  -14.237 1.00 104.84 ? 14  GLN A NE2 1 
ATOM   89   N  N   . ASP A 1 15  ? 22.193  -0.696  -8.215  1.00 95.42  ? 15  ASP A N   1 
ATOM   90   C  CA  . ASP A 1 15  ? 21.300  -1.661  -7.579  1.00 102.35 ? 15  ASP A CA  1 
ATOM   91   C  C   . ASP A 1 15  ? 20.119  -0.996  -6.872  1.00 103.65 ? 15  ASP A C   1 
ATOM   92   O  O   . ASP A 1 15  ? 18.980  -1.458  -6.958  1.00 96.57  ? 15  ASP A O   1 
ATOM   93   C  CB  . ASP A 1 15  ? 22.085  -2.512  -6.579  1.00 105.46 ? 15  ASP A CB  1 
ATOM   94   C  CG  . ASP A 1 15  ? 23.029  -3.485  -7.257  1.00 106.45 ? 15  ASP A CG  1 
ATOM   95   O  OD1 . ASP A 1 15  ? 23.123  -3.456  -8.501  1.00 124.90 ? 15  ASP A OD1 1 
ATOM   96   O  OD2 . ASP A 1 15  ? 23.689  -4.268  -6.541  1.00 89.57  ? 15  ASP A OD2 1 
ATOM   97   N  N   . SER A 1 16  ? 20.412  0.101   -6.181  1.00 94.91  ? 16  SER A N   1 
ATOM   98   C  CA  . SER A 1 16  ? 19.402  0.923   -5.521  1.00 86.46  ? 16  SER A CA  1 
ATOM   99   C  C   . SER A 1 16  ? 18.399  1.486   -6.510  1.00 80.16  ? 16  SER A C   1 
ATOM   100  O  O   . SER A 1 16  ? 17.186  1.420   -6.314  1.00 80.57  ? 16  SER A O   1 
ATOM   101  C  CB  . SER A 1 16  ? 20.068  2.070   -4.759  1.00 87.36  ? 16  SER A CB  1 
ATOM   102  O  OG  . SER A 1 16  ? 20.932  1.583   -3.747  1.00 92.74  ? 16  SER A OG  1 
ATOM   103  N  N   . GLU A 1 17  ? 18.949  2.019   -7.593  1.00 85.61  ? 17  GLU A N   1 
ATOM   104  C  CA  . GLU A 1 17  ? 18.191  2.578   -8.697  1.00 82.22  ? 17  GLU A CA  1 
ATOM   105  C  C   . GLU A 1 17  ? 17.155  1.601   -9.241  1.00 82.14  ? 17  GLU A C   1 
ATOM   106  O  O   . GLU A 1 17  ? 16.009  1.984   -9.479  1.00 82.09  ? 17  GLU A O   1 
ATOM   107  C  CB  . GLU A 1 17  ? 19.169  3.017   -9.790  1.00 88.05  ? 17  GLU A CB  1 
ATOM   108  C  CG  . GLU A 1 17  ? 18.567  3.708   -10.992 1.00 86.75  ? 17  GLU A CG  1 
ATOM   109  C  CD  . GLU A 1 17  ? 19.631  4.100   -12.000 1.00 92.05  ? 17  GLU A CD  1 
ATOM   110  O  OE1 . GLU A 1 17  ? 20.828  3.893   -11.704 1.00 85.70  ? 17  GLU A OE1 1 
ATOM   111  O  OE2 . GLU A 1 17  ? 19.277  4.626   -13.075 1.00 99.01  ? 17  GLU A OE2 1 
ATOM   112  N  N   . ALA A 1 18  ? 17.537  0.344   -9.427  1.00 85.00  ? 18  ALA A N   1 
ATOM   113  C  CA  . ALA A 1 18  ? 16.613  -0.607  -10.023 1.00 78.02  ? 18  ALA A CA  1 
ATOM   114  C  C   . ALA A 1 18  ? 15.560  -0.972  -8.989  1.00 87.94  ? 18  ALA A C   1 
ATOM   115  O  O   . ALA A 1 18  ? 14.385  -1.128  -9.315  1.00 99.49  ? 18  ALA A O   1 
ATOM   116  C  CB  . ALA A 1 18  ? 17.343  -1.843  -10.508 1.00 76.28  ? 18  ALA A CB  1 
ATOM   117  N  N   . ALA A 1 19  ? 15.990  -1.109  -7.739  1.00 84.41  ? 19  ALA A N   1 
ATOM   118  C  CA  . ALA A 1 19  ? 15.079  -1.492  -6.670  1.00 87.45  ? 19  ALA A CA  1 
ATOM   119  C  C   . ALA A 1 19  ? 14.031  -0.415  -6.407  1.00 79.64  ? 19  ALA A C   1 
ATOM   120  O  O   . ALA A 1 19  ? 12.897  -0.717  -6.034  1.00 79.39  ? 19  ALA A O   1 
ATOM   121  C  CB  . ALA A 1 19  ? 15.856  -1.788  -5.399  1.00 78.93  ? 19  ALA A CB  1 
ATOM   122  N  N   . ILE A 1 20  ? 14.417  0.843   -6.595  1.00 77.51  ? 20  ILE A N   1 
ATOM   123  C  CA  . ILE A 1 20  ? 13.481  1.955   -6.474  1.00 79.39  ? 20  ILE A CA  1 
ATOM   124  C  C   . ILE A 1 20  ? 12.393  1.913   -7.544  1.00 76.23  ? 20  ILE A C   1 
ATOM   125  O  O   . ILE A 1 20  ? 11.210  2.100   -7.255  1.00 85.39  ? 20  ILE A O   1 
ATOM   126  C  CB  . ILE A 1 20  ? 14.210  3.308   -6.547  1.00 73.72  ? 20  ILE A CB  1 
ATOM   127  C  CG1 . ILE A 1 20  ? 15.020  3.540   -5.268  1.00 79.39  ? 20  ILE A CG1 1 
ATOM   128  C  CG2 . ILE A 1 20  ? 13.222  4.435   -6.781  1.00 83.36  ? 20  ILE A CG2 1 
ATOM   129  C  CD1 . ILE A 1 20  ? 14.177  3.883   -4.058  1.00 56.94  ? 20  ILE A CD1 1 
ATOM   130  N  N   . ASN A 1 21  ? 12.810  1.657   -8.780  1.00 71.06  ? 21  ASN A N   1 
ATOM   131  C  CA  . ASN A 1 21  ? 11.887  1.433   -9.886  1.00 73.83  ? 21  ASN A CA  1 
ATOM   132  C  C   . ASN A 1 21  ? 10.894  0.324   -9.604  1.00 81.37  ? 21  ASN A C   1 
ATOM   133  O  O   . ASN A 1 21  ? 9.726   0.404   -9.989  1.00 92.60  ? 21  ASN A O   1 
ATOM   134  C  CB  . ASN A 1 21  ? 12.649  1.110   -11.169 1.00 71.96  ? 21  ASN A CB  1 
ATOM   135  C  CG  . ASN A 1 21  ? 13.254  2.335   -11.808 1.00 84.51  ? 21  ASN A CG  1 
ATOM   136  O  OD1 . ASN A 1 21  ? 13.701  3.254   -11.123 1.00 89.02  ? 21  ASN A OD1 1 
ATOM   137  N  ND2 . ASN A 1 21  ? 13.263  2.362   -13.135 1.00 88.47  ? 21  ASN A ND2 1 
ATOM   138  N  N   . ARG A 1 22  ? 11.369  -0.716  -8.930  1.00 79.00  ? 22  ARG A N   1 
ATOM   139  C  CA  . ARG A 1 22  ? 10.519  -1.846  -8.606  1.00 81.10  ? 22  ARG A CA  1 
ATOM   140  C  C   . ARG A 1 22  ? 9.563   -1.451  -7.498  1.00 87.42  ? 22  ARG A C   1 
ATOM   141  O  O   . ARG A 1 22  ? 8.394   -1.840  -7.504  1.00 82.07  ? 22  ARG A O   1 
ATOM   142  C  CB  . ARG A 1 22  ? 11.372  -3.031  -8.165  1.00 82.30  ? 22  ARG A CB  1 
ATOM   143  C  CG  . ARG A 1 22  ? 12.169  -3.679  -9.277  1.00 96.36  ? 22  ARG A CG  1 
ATOM   144  C  CD  . ARG A 1 22  ? 12.656  -5.050  -8.856  1.00 126.42 ? 22  ARG A CD  1 
ATOM   145  N  NE  . ARG A 1 22  ? 13.589  -4.938  -7.738  1.00 108.30 ? 22  ARG A NE  1 
ATOM   146  C  CZ  . ARG A 1 22  ? 14.902  -4.770  -7.868  1.00 105.11 ? 22  ARG A CZ  1 
ATOM   147  N  NH1 . ARG A 1 22  ? 15.446  -4.677  -9.074  1.00 91.14  ? 22  ARG A NH1 1 
ATOM   148  N  NH2 . ARG A 1 22  ? 15.666  -4.670  -6.789  1.00 105.11 ? 22  ARG A NH2 1 
ATOM   149  N  N   . GLN A 1 23  ? 10.062  -0.671  -6.546  1.00 79.54  ? 23  GLN A N   1 
ATOM   150  C  CA  . GLN A 1 23  ? 9.223   -0.234  -5.447  1.00 72.43  ? 23  GLN A CA  1 
ATOM   151  C  C   . GLN A 1 23  ? 8.132   0.679   -5.991  1.00 71.06  ? 23  GLN A C   1 
ATOM   152  O  O   . GLN A 1 23  ? 6.980   0.613   -5.563  1.00 74.93  ? 23  GLN A O   1 
ATOM   153  C  CB  . GLN A 1 23  ? 10.051  0.485   -4.381  1.00 66.78  ? 23  GLN A CB  1 
ATOM   154  C  CG  . GLN A 1 23  ? 9.276   0.823   -3.119  1.00 75.10  ? 23  GLN A CG  1 
ATOM   155  C  CD  . GLN A 1 23  ? 8.913   -0.407  -2.310  1.00 81.41  ? 23  GLN A CD  1 
ATOM   156  O  OE1 . GLN A 1 23  ? 9.649   -1.394  -2.299  1.00 107.47 ? 23  GLN A OE1 1 
ATOM   157  N  NE2 . GLN A 1 23  ? 7.773   -0.355  -1.629  1.00 78.62  ? 23  GLN A NE2 1 
ATOM   158  N  N   . ILE A 1 24  ? 8.511   1.530   -6.941  1.00 62.19  ? 24  ILE A N   1 
ATOM   159  C  CA  . ILE A 1 24  ? 7.561   2.409   -7.611  1.00 62.29  ? 24  ILE A CA  1 
ATOM   160  C  C   . ILE A 1 24  ? 6.422   1.615   -8.233  1.00 68.07  ? 24  ILE A C   1 
ATOM   161  O  O   . ILE A 1 24  ? 5.249   1.955   -8.077  1.00 85.66  ? 24  ILE A O   1 
ATOM   162  C  CB  . ILE A 1 24  ? 8.248   3.248   -8.698  1.00 59.72  ? 24  ILE A CB  1 
ATOM   163  C  CG1 . ILE A 1 24  ? 9.086   4.355   -8.060  1.00 62.10  ? 24  ILE A CG1 1 
ATOM   164  C  CG2 . ILE A 1 24  ? 7.216   3.819   -9.662  1.00 61.63  ? 24  ILE A CG2 1 
ATOM   165  C  CD1 . ILE A 1 24  ? 10.085  4.980   -9.001  1.00 83.60  ? 24  ILE A CD1 1 
ATOM   166  N  N   . ASN A 1 25  ? 6.787   0.560   -8.953  1.00 69.56  ? 25  ASN A N   1 
ATOM   167  C  CA  . ASN A 1 25  ? 5.819   -0.337  -9.565  1.00 71.31  ? 25  ASN A CA  1 
ATOM   168  C  C   . ASN A 1 25  ? 4.907   -0.972  -8.523  1.00 74.02  ? 25  ASN A C   1 
ATOM   169  O  O   . ASN A 1 25  ? 3.694   -1.064  -8.710  1.00 77.65  ? 25  ASN A O   1 
ATOM   170  C  CB  . ASN A 1 25  ? 6.528   -1.427  -10.369 1.00 71.84  ? 25  ASN A CB  1 
ATOM   171  C  CG  . ASN A 1 25  ? 5.581   -2.187  -11.278 1.00 78.84  ? 25  ASN A CG  1 
ATOM   172  O  OD1 . ASN A 1 25  ? 5.189   -1.693  -12.336 1.00 90.50  ? 25  ASN A OD1 1 
ATOM   173  N  ND2 . ASN A 1 25  ? 5.198   -3.389  -10.863 1.00 73.35  ? 25  ASN A ND2 1 
ATOM   174  N  N   . LEU A 1 26  ? 5.512   -1.411  -7.424  1.00 72.31  ? 26  LEU A N   1 
ATOM   175  C  CA  . LEU A 1 26  ? 4.777   -2.016  -6.319  1.00 75.67  ? 26  LEU A CA  1 
ATOM   176  C  C   . LEU A 1 26  ? 3.787   -1.079  -5.635  1.00 74.37  ? 26  LEU A C   1 
ATOM   177  O  O   . LEU A 1 26  ? 2.689   -1.496  -5.263  1.00 63.73  ? 26  LEU A O   1 
ATOM   178  C  CB  . LEU A 1 26  ? 5.762   -2.539  -5.273  1.00 68.71  ? 26  LEU A CB  1 
ATOM   179  C  CG  . LEU A 1 26  ? 5.141   -3.286  -4.091  1.00 70.56  ? 26  LEU A CG  1 
ATOM   180  C  CD1 . LEU A 1 26  ? 4.310   -4.457  -4.583  1.00 69.27  ? 26  LEU A CD1 1 
ATOM   181  C  CD2 . LEU A 1 26  ? 6.211   -3.745  -3.110  1.00 76.98  ? 26  LEU A CD2 1 
ATOM   182  N  N   . GLU A 1 27  ? 4.161   0.187   -5.494  1.00 72.21  ? 27  GLU A N   1 
ATOM   183  C  CA  . GLU A 1 27  ? 3.269   1.162   -4.883  1.00 72.44  ? 27  GLU A CA  1 
ATOM   184  C  C   . GLU A 1 27  ? 2.098   1.472   -5.805  1.00 77.91  ? 27  GLU A C   1 
ATOM   185  O  O   . GLU A 1 27  ? 0.964   1.623   -5.348  1.00 105.50 ? 27  GLU A O   1 
ATOM   186  C  CB  . GLU A 1 27  ? 4.027   2.445   -4.521  1.00 64.72  ? 27  GLU A CB  1 
ATOM   187  C  CG  . GLU A 1 27  ? 5.109   2.262   -3.461  1.00 60.44  ? 27  GLU A CG  1 
ATOM   188  C  CD  . GLU A 1 27  ? 4.539   2.009   -2.071  1.00 70.39  ? 27  GLU A CD  1 
ATOM   189  O  OE1 . GLU A 1 27  ? 3.309   2.137   -1.897  1.00 83.77  ? 27  GLU A OE1 1 
ATOM   190  O  OE2 . GLU A 1 27  ? 5.319   1.686   -1.150  1.00 63.85  ? 27  GLU A OE2 1 
ATOM   191  N  N   . LEU A 1 28  ? 2.372   1.555   -7.102  1.00 67.27  ? 28  LEU A N   1 
ATOM   192  C  CA  . LEU A 1 28  ? 1.320   1.791   -8.079  1.00 65.74  ? 28  LEU A CA  1 
ATOM   193  C  C   . LEU A 1 28  ? 0.345   0.622   -8.151  1.00 74.08  ? 28  LEU A C   1 
ATOM   194  O  O   . LEU A 1 28  ? -0.851  0.817   -8.369  1.00 77.64  ? 28  LEU A O   1 
ATOM   195  C  CB  . LEU A 1 28  ? 1.921   2.039   -9.467  1.00 62.37  ? 28  LEU A CB  1 
ATOM   196  C  CG  . LEU A 1 28  ? 2.771   3.292   -9.680  1.00 58.24  ? 28  LEU A CG  1 
ATOM   197  C  CD1 . LEU A 1 28  ? 3.422   3.270   -11.054 1.00 64.29  ? 28  LEU A CD1 1 
ATOM   198  C  CD2 . LEU A 1 28  ? 1.919   4.533   -9.522  1.00 55.41  ? 28  LEU A CD2 1 
ATOM   199  N  N   . TYR A 1 29  ? 0.856   -0.589  -7.962  1.00 73.54  ? 29  TYR A N   1 
ATOM   200  C  CA  . TYR A 1 29  ? 0.009   -1.774  -7.984  1.00 82.96  ? 29  TYR A CA  1 
ATOM   201  C  C   . TYR A 1 29  ? -0.940  -1.798  -6.787  1.00 98.95  ? 29  TYR A C   1 
ATOM   202  O  O   . TYR A 1 29  ? -2.125  -2.107  -6.925  1.00 105.83 ? 29  TYR A O   1 
ATOM   203  C  CB  . TYR A 1 29  ? 0.865   -3.045  -8.013  1.00 90.16  ? 29  TYR A CB  1 
ATOM   204  C  CG  . TYR A 1 29  ? 0.090   -4.325  -7.767  1.00 103.29 ? 29  TYR A CG  1 
ATOM   205  C  CD1 . TYR A 1 29  ? -0.694  -4.884  -8.771  1.00 112.36 ? 29  TYR A CD1 1 
ATOM   206  C  CD2 . TYR A 1 29  ? 0.140   -4.974  -6.540  1.00 91.99  ? 29  TYR A CD2 1 
ATOM   207  C  CE1 . TYR A 1 29  ? -1.393  -6.062  -8.568  1.00 101.63 ? 29  TYR A CE1 1 
ATOM   208  C  CE2 . TYR A 1 29  ? -0.571  -6.148  -6.322  1.00 96.42  ? 29  TYR A CE2 1 
ATOM   209  C  CZ  . TYR A 1 29  ? -1.333  -6.688  -7.342  1.00 101.90 ? 29  TYR A CZ  1 
ATOM   210  O  OH  . TYR A 1 29  ? -2.054  -7.842  -7.132  1.00 93.16  ? 29  TYR A OH  1 
ATOM   211  N  N   . ALA A 1 30  ? -0.416  -1.449  -5.616  1.00 81.07  ? 30  ALA A N   1 
ATOM   212  C  CA  . ALA A 1 30  ? -1.226  -1.350  -4.405  1.00 81.33  ? 30  ALA A CA  1 
ATOM   213  C  C   . ALA A 1 30  ? -2.356  -0.333  -4.539  1.00 82.14  ? 30  ALA A C   1 
ATOM   214  O  O   . ALA A 1 30  ? -3.481  -0.583  -4.105  1.00 76.92  ? 30  ALA A O   1 
ATOM   215  C  CB  . ALA A 1 30  ? -0.344  -0.996  -3.218  1.00 97.98  ? 30  ALA A CB  1 
ATOM   216  N  N   . SER A 1 31  ? -2.046  0.807   -5.147  1.00 77.94  ? 31  SER A N   1 
ATOM   217  C  CA  . SER A 1 31  ? -3.054  1.798   -5.507  1.00 80.64  ? 31  SER A CA  1 
ATOM   218  C  C   . SER A 1 31  ? -4.167  1.189   -6.347  1.00 83.62  ? 31  SER A C   1 
ATOM   219  O  O   . SER A 1 31  ? -5.350  1.451   -6.121  1.00 89.67  ? 31  SER A O   1 
ATOM   220  C  CB  . SER A 1 31  ? -2.416  2.965   -6.261  1.00 76.76  ? 31  SER A CB  1 
ATOM   221  O  OG  . SER A 1 31  ? -3.364  3.992   -6.503  1.00 77.60  ? 31  SER A OG  1 
ATOM   222  N  N   . TYR A 1 32  ? -3.774  0.368   -7.312  1.00 76.41  ? 32  TYR A N   1 
ATOM   223  C  CA  . TYR A 1 32  ? -4.721  -0.257  -8.221  1.00 77.67  ? 32  TYR A CA  1 
ATOM   224  C  C   . TYR A 1 32  ? -5.553  -1.302  -7.487  1.00 71.01  ? 32  TYR A C   1 
ATOM   225  O  O   . TYR A 1 32  ? -6.762  -1.404  -7.699  1.00 70.89  ? 32  TYR A O   1 
ATOM   226  C  CB  . TYR A 1 32  ? -3.962  -0.889  -9.391  1.00 76.48  ? 32  TYR A CB  1 
ATOM   227  C  CG  . TYR A 1 32  ? -4.778  -1.114  -10.642 1.00 72.90  ? 32  TYR A CG  1 
ATOM   228  C  CD1 . TYR A 1 32  ? -5.921  -0.370  -10.896 1.00 73.07  ? 32  TYR A CD1 1 
ATOM   229  C  CD2 . TYR A 1 32  ? -4.380  -2.045  -11.593 1.00 81.65  ? 32  TYR A CD2 1 
ATOM   230  C  CE1 . TYR A 1 32  ? -6.659  -0.564  -12.049 1.00 91.09  ? 32  TYR A CE1 1 
ATOM   231  C  CE2 . TYR A 1 32  ? -5.109  -2.246  -12.747 1.00 93.28  ? 32  TYR A CE2 1 
ATOM   232  C  CZ  . TYR A 1 32  ? -6.247  -1.503  -12.970 1.00 89.62  ? 32  TYR A CZ  1 
ATOM   233  O  OH  . TYR A 1 32  ? -6.980  -1.700  -14.119 1.00 83.68  ? 32  TYR A OH  1 
ATOM   234  N  N   . VAL A 1 33  ? -4.901  -2.067  -6.617  1.00 68.21  ? 33  VAL A N   1 
ATOM   235  C  CA  . VAL A 1 33  ? -5.598  -3.008  -5.746  1.00 75.73  ? 33  VAL A CA  1 
ATOM   236  C  C   . VAL A 1 33  ? -6.669  -2.326  -4.901  1.00 83.73  ? 33  VAL A C   1 
ATOM   237  O  O   . VAL A 1 33  ? -7.804  -2.798  -4.821  1.00 71.73  ? 33  VAL A O   1 
ATOM   238  C  CB  . VAL A 1 33  ? -4.629  -3.737  -4.806  1.00 73.24  ? 33  VAL A CB  1 
ATOM   239  C  CG1 . VAL A 1 33  ? -5.406  -4.505  -3.746  1.00 60.97  ? 33  VAL A CG1 1 
ATOM   240  C  CG2 . VAL A 1 33  ? -3.728  -4.668  -5.597  1.00 85.18  ? 33  VAL A CG2 1 
ATOM   241  N  N   . TYR A 1 34  ? -6.307  -1.208  -4.282  1.00 75.37  ? 34  TYR A N   1 
ATOM   242  C  CA  . TYR A 1 34  ? -7.241  -0.499  -3.421  1.00 71.53  ? 34  TYR A CA  1 
ATOM   243  C  C   . TYR A 1 34  ? -8.363  0.128   -4.229  1.00 68.75  ? 34  TYR A C   1 
ATOM   244  O  O   . TYR A 1 34  ? -9.510  0.166   -3.785  1.00 72.69  ? 34  TYR A O   1 
ATOM   245  C  CB  . TYR A 1 34  ? -6.520  0.586   -2.616  1.00 82.10  ? 34  TYR A CB  1 
ATOM   246  C  CG  . TYR A 1 34  ? -5.777  0.099   -1.391  1.00 62.98  ? 34  TYR A CG  1 
ATOM   247  C  CD1 . TYR A 1 34  ? -6.421  -0.653  -0.417  1.00 56.33  ? 34  TYR A CD1 1 
ATOM   248  C  CD2 . TYR A 1 34  ? -4.442  0.424   -1.190  1.00 59.83  ? 34  TYR A CD2 1 
ATOM   249  C  CE1 . TYR A 1 34  ? -5.748  -1.096  0.707   1.00 55.81  ? 34  TYR A CE1 1 
ATOM   250  C  CE2 . TYR A 1 34  ? -3.762  -0.005  -0.063  1.00 60.89  ? 34  TYR A CE2 1 
ATOM   251  C  CZ  . TYR A 1 34  ? -4.418  -0.767  0.880   1.00 62.00  ? 34  TYR A CZ  1 
ATOM   252  O  OH  . TYR A 1 34  ? -3.749  -1.189  2.010   1.00 62.98  ? 34  TYR A OH  1 
ATOM   253  N  N   . LEU A 1 35  ? -8.032  0.623   -5.416  1.00 62.87  ? 35  LEU A N   1 
ATOM   254  C  CA  . LEU A 1 35  ? -9.051  1.067   -6.356  1.00 65.32  ? 35  LEU A CA  1 
ATOM   255  C  C   . LEU A 1 35  ? -10.079 -0.004  -6.680  1.00 70.83  ? 35  LEU A C   1 
ATOM   256  O  O   . LEU A 1 35  ? -11.285 0.252   -6.658  1.00 71.31  ? 35  LEU A O   1 
ATOM   257  C  CB  . LEU A 1 35  ? -8.412  1.538   -7.657  1.00 58.66  ? 35  LEU A CB  1 
ATOM   258  C  CG  . LEU A 1 35  ? -9.457  2.034   -8.656  1.00 53.98  ? 35  LEU A CG  1 
ATOM   259  C  CD1 . LEU A 1 35  ? -10.102 3.327   -8.178  1.00 66.93  ? 35  LEU A CD1 1 
ATOM   260  C  CD2 . LEU A 1 35  ? -8.841  2.205   -10.032 1.00 67.12  ? 35  LEU A CD2 1 
ATOM   261  N  N   . SER A 1 36  ? -9.594  -1.201  -6.986  1.00 68.22  ? 36  SER A N   1 
ATOM   262  C  CA  . SER A 1 36  ? -10.469 -2.340  -7.222  1.00 75.06  ? 36  SER A CA  1 
ATOM   263  C  C   . SER A 1 36  ? -11.358 -2.638  -6.020  1.00 77.35  ? 36  SER A C   1 
ATOM   264  O  O   . SER A 1 36  ? -12.568 -2.809  -6.166  1.00 78.32  ? 36  SER A O   1 
ATOM   265  C  CB  . SER A 1 36  ? -9.638  -3.573  -7.587  1.00 73.56  ? 36  SER A CB  1 
ATOM   266  O  OG  . SER A 1 36  ? -10.455 -4.719  -7.743  1.00 84.04  ? 36  SER A OG  1 
ATOM   267  N  N   . MET A 1 37  ? -10.754 -2.694  -4.838  1.00 70.39  ? 37  MET A N   1 
ATOM   268  C  CA  . MET A 1 37  ? -11.507 -2.904  -3.605  1.00 71.87  ? 37  MET A CA  1 
ATOM   269  C  C   . MET A 1 37  ? -12.593 -1.860  -3.368  1.00 87.10  ? 37  MET A C   1 
ATOM   270  O  O   . MET A 1 37  ? -13.732 -2.205  -3.054  1.00 82.87  ? 37  MET A O   1 
ATOM   271  C  CB  . MET A 1 37  ? -10.570 -2.954  -2.395  1.00 67.65  ? 37  MET A CB  1 
ATOM   272  C  CG  . MET A 1 37  ? -9.768  -4.240  -2.296  1.00 69.30  ? 37  MET A CG  1 
ATOM   273  S  SD  . MET A 1 37  ? -8.609  -4.256  -0.917  1.00 71.87  ? 37  MET A SD  1 
ATOM   274  C  CE  . MET A 1 37  ? -7.833  -5.851  -1.152  1.00 72.29  ? 37  MET A CE  1 
ATOM   275  N  N   . SER A 1 38  ? -12.231 -0.588  -3.501  1.00 73.03  ? 38  SER A N   1 
ATOM   276  C  CA  . SER A 1 38  ? -13.165 0.497   -3.222  1.00 70.59  ? 38  SER A CA  1 
ATOM   277  C  C   . SER A 1 38  ? -14.482 0.368   -3.981  1.00 73.44  ? 38  SER A C   1 
ATOM   278  O  O   . SER A 1 38  ? -15.552 0.358   -3.374  1.00 80.72  ? 38  SER A O   1 
ATOM   279  C  CB  . SER A 1 38  ? -12.506 1.841   -3.554  1.00 76.23  ? 38  SER A CB  1 
ATOM   280  O  OG  . SER A 1 38  ? -13.378 2.927   -3.289  1.00 74.19  ? 38  SER A OG  1 
ATOM   281  N  N   . TYR A 1 39  ? -14.407 0.248   -5.302  1.00 74.30  ? 39  TYR A N   1 
ATOM   282  C  CA  . TYR A 1 39  ? -15.620 0.227   -6.119  1.00 84.62  ? 39  TYR A CA  1 
ATOM   283  C  C   . TYR A 1 39  ? -16.402 -1.086  -6.072  1.00 73.89  ? 39  TYR A C   1 
ATOM   284  O  O   . TYR A 1 39  ? -17.555 -1.134  -6.500  1.00 71.61  ? 39  TYR A O   1 
ATOM   285  C  CB  . TYR A 1 39  ? -15.284 0.591   -7.564  1.00 82.86  ? 39  TYR A CB  1 
ATOM   286  C  CG  . TYR A 1 39  ? -15.054 2.072   -7.745  1.00 75.48  ? 39  TYR A CG  1 
ATOM   287  C  CD1 . TYR A 1 39  ? -13.947 2.701   -7.189  1.00 79.92  ? 39  TYR A CD1 1 
ATOM   288  C  CD2 . TYR A 1 39  ? -15.961 2.848   -8.455  1.00 67.40  ? 39  TYR A CD2 1 
ATOM   289  C  CE1 . TYR A 1 39  ? -13.741 4.059   -7.351  1.00 76.91  ? 39  TYR A CE1 1 
ATOM   290  C  CE2 . TYR A 1 39  ? -15.765 4.205   -8.621  1.00 75.53  ? 39  TYR A CE2 1 
ATOM   291  C  CZ  . TYR A 1 39  ? -14.654 4.806   -8.068  1.00 73.23  ? 39  TYR A CZ  1 
ATOM   292  O  OH  . TYR A 1 39  ? -14.458 6.158   -8.227  1.00 58.01  ? 39  TYR A OH  1 
ATOM   293  N  N   . TYR A 1 40  ? -15.789 -2.144  -5.557  1.00 74.00  ? 40  TYR A N   1 
ATOM   294  C  CA  . TYR A 1 40  ? -16.551 -3.345  -5.244  1.00 77.49  ? 40  TYR A CA  1 
ATOM   295  C  C   . TYR A 1 40  ? -17.602 -3.102  -4.174  1.00 81.12  ? 40  TYR A C   1 
ATOM   296  O  O   . TYR A 1 40  ? -18.746 -3.543  -4.293  1.00 86.17  ? 40  TYR A O   1 
ATOM   297  C  CB  . TYR A 1 40  ? -15.617 -4.462  -4.783  1.00 83.14  ? 40  TYR A CB  1 
ATOM   298  C  CG  . TYR A 1 40  ? -16.361 -5.668  -4.269  1.00 91.49  ? 40  TYR A CG  1 
ATOM   299  C  CD1 . TYR A 1 40  ? -16.948 -6.576  -5.136  1.00 89.02  ? 40  TYR A CD1 1 
ATOM   300  C  CD2 . TYR A 1 40  ? -16.494 -5.883  -2.904  1.00 93.94  ? 40  TYR A CD2 1 
ATOM   301  C  CE1 . TYR A 1 40  ? -17.632 -7.677  -4.656  1.00 98.01  ? 40  TYR A CE1 1 
ATOM   302  C  CE2 . TYR A 1 40  ? -17.178 -6.972  -2.416  1.00 84.92  ? 40  TYR A CE2 1 
ATOM   303  C  CZ  . TYR A 1 40  ? -17.744 -7.869  -3.294  1.00 82.34  ? 40  TYR A CZ  1 
ATOM   304  O  OH  . TYR A 1 40  ? -18.432 -8.954  -2.805  1.00 79.97  ? 40  TYR A OH  1 
ATOM   305  N  N   . PHE A 1 41  ? -17.205 -2.393  -3.129  1.00 67.36  ? 41  PHE A N   1 
ATOM   306  C  CA  . PHE A 1 41  ? -18.111 -2.038  -2.052  1.00 64.53  ? 41  PHE A CA  1 
ATOM   307  C  C   . PHE A 1 41  ? -19.123 -0.999  -2.514  1.00 65.44  ? 41  PHE A C   1 
ATOM   308  O  O   . PHE A 1 41  ? -20.168 -0.809  -1.893  1.00 64.33  ? 41  PHE A O   1 
ATOM   309  C  CB  . PHE A 1 41  ? -17.316 -1.570  -0.840  1.00 61.31  ? 41  PHE A CB  1 
ATOM   310  C  CG  . PHE A 1 41  ? -16.504 -2.668  -0.220  1.00 65.03  ? 41  PHE A CG  1 
ATOM   311  C  CD1 . PHE A 1 41  ? -17.125 -3.687  0.482   1.00 61.97  ? 41  PHE A CD1 1 
ATOM   312  C  CD2 . PHE A 1 41  ? -15.131 -2.715  -0.381  1.00 67.72  ? 41  PHE A CD2 1 
ATOM   313  C  CE1 . PHE A 1 41  ? -16.388 -4.713  1.041   1.00 64.15  ? 41  PHE A CE1 1 
ATOM   314  C  CE2 . PHE A 1 41  ? -14.388 -3.739  0.175   1.00 66.60  ? 41  PHE A CE2 1 
ATOM   315  C  CZ  . PHE A 1 41  ? -15.018 -4.740  0.887   1.00 66.57  ? 41  PHE A CZ  1 
ATOM   316  N  N   . ASP A 1 42  ? -18.794 -0.323  -3.609  1.00 65.83  ? 42  ASP A N   1 
ATOM   317  C  CA  . ASP A 1 42  ? -19.739 0.567   -4.266  1.00 65.76  ? 42  ASP A CA  1 
ATOM   318  C  C   . ASP A 1 42  ? -20.765 -0.168  -5.135  1.00 71.47  ? 42  ASP A C   1 
ATOM   319  O  O   . ASP A 1 42  ? -21.733 0.439   -5.591  1.00 71.86  ? 42  ASP A O   1 
ATOM   320  C  CB  . ASP A 1 42  ? -18.973 1.582   -5.123  1.00 69.28  ? 42  ASP A CB  1 
ATOM   321  C  CG  . ASP A 1 42  ? -19.883 2.585   -5.802  1.00 82.45  ? 42  ASP A CG  1 
ATOM   322  O  OD1 . ASP A 1 42  ? -20.376 3.506   -5.117  1.00 90.69  ? 42  ASP A OD1 1 
ATOM   323  O  OD2 . ASP A 1 42  ? -20.106 2.451   -7.024  1.00 81.90  ? 42  ASP A OD2 1 
ATOM   324  N  N   . ARG A 1 43  ? -20.568 -1.462  -5.372  1.00 72.98  ? 43  ARG A N   1 
ATOM   325  C  CA  . ARG A 1 43  ? -21.565 -2.212  -6.134  1.00 72.47  ? 43  ARG A CA  1 
ATOM   326  C  C   . ARG A 1 43  ? -22.898 -2.176  -5.389  1.00 71.16  ? 43  ARG A C   1 
ATOM   327  O  O   . ARG A 1 43  ? -22.927 -2.188  -4.157  1.00 65.29  ? 43  ARG A O   1 
ATOM   328  C  CB  . ARG A 1 43  ? -21.096 -3.645  -6.399  1.00 87.56  ? 43  ARG A CB  1 
ATOM   329  C  CG  . ARG A 1 43  ? -19.968 -3.701  -7.429  1.00 92.09  ? 43  ARG A CG  1 
ATOM   330  C  CD  . ARG A 1 43  ? -19.332 -5.077  -7.565  1.00 82.40  ? 43  ARG A CD  1 
ATOM   331  N  NE  . ARG A 1 43  ? -20.312 -6.141  -7.759  1.00 81.89  ? 43  ARG A NE  1 
ATOM   332  C  CZ  . ARG A 1 43  ? -20.024 -7.330  -8.280  1.00 97.35  ? 43  ARG A CZ  1 
ATOM   333  N  NH1 . ARG A 1 43  ? -18.789 -7.595  -8.685  1.00 120.67 ? 43  ARG A NH1 1 
ATOM   334  N  NH2 . ARG A 1 43  ? -20.957 -8.267  -8.358  1.00 99.77  ? 43  ARG A NH2 1 
ATOM   335  N  N   . ASP A 1 44  ? -23.994 -2.150  -6.140  1.00 79.98  ? 44  ASP A N   1 
ATOM   336  C  CA  . ASP A 1 44  ? -25.335 -2.128  -5.553  1.00 71.59  ? 44  ASP A CA  1 
ATOM   337  C  C   . ASP A 1 44  ? -25.653 -3.352  -4.698  1.00 75.23  ? 44  ASP A C   1 
ATOM   338  O  O   . ASP A 1 44  ? -26.525 -3.294  -3.835  1.00 85.38  ? 44  ASP A O   1 
ATOM   339  C  CB  . ASP A 1 44  ? -26.393 -1.975  -6.649  1.00 65.15  ? 44  ASP A CB  1 
ATOM   340  C  CG  . ASP A 1 44  ? -26.607 -3.245  -7.434  1.00 70.14  ? 44  ASP A CG  1 
ATOM   341  O  OD1 . ASP A 1 44  ? -27.448 -4.069  -7.016  1.00 71.43  ? 44  ASP A OD1 1 
ATOM   342  O  OD2 . ASP A 1 44  ? -25.937 -3.416  -8.474  1.00 83.25  ? 44  ASP A OD2 1 
ATOM   343  N  N   . ASP A 1 45  ? -24.950 -4.452  -4.936  1.00 74.84  ? 45  ASP A N   1 
ATOM   344  C  CA  . ASP A 1 45  ? -25.233 -5.703  -4.242  1.00 74.78  ? 45  ASP A CA  1 
ATOM   345  C  C   . ASP A 1 45  ? -24.226 -5.935  -3.119  1.00 77.85  ? 45  ASP A C   1 
ATOM   346  O  O   . ASP A 1 45  ? -24.184 -7.002  -2.506  1.00 85.69  ? 45  ASP A O   1 
ATOM   347  C  CB  . ASP A 1 45  ? -25.233 -6.877  -5.226  1.00 75.03  ? 45  ASP A CB  1 
ATOM   348  C  CG  . ASP A 1 45  ? -23.944 -6.979  -6.020  1.00 76.33  ? 45  ASP A CG  1 
ATOM   349  O  OD1 . ASP A 1 45  ? -23.048 -6.131  -5.826  1.00 75.30  ? 45  ASP A OD1 1 
ATOM   350  O  OD2 . ASP A 1 45  ? -23.830 -7.907  -6.849  1.00 92.55  ? 45  ASP A OD2 1 
ATOM   351  N  N   . VAL A 1 46  ? -23.424 -4.908  -2.859  1.00 78.78  ? 46  VAL A N   1 
ATOM   352  C  CA  . VAL A 1 46  ? -22.518 -4.879  -1.716  1.00 82.89  ? 46  VAL A CA  1 
ATOM   353  C  C   . VAL A 1 46  ? -22.841 -3.687  -0.821  1.00 84.45  ? 46  VAL A C   1 
ATOM   354  O  O   . VAL A 1 46  ? -23.165 -3.848  0.355   1.00 70.94  ? 46  VAL A O   1 
ATOM   355  C  CB  . VAL A 1 46  ? -21.048 -4.798  -2.155  1.00 68.24  ? 46  VAL A CB  1 
ATOM   356  C  CG1 . VAL A 1 46  ? -20.141 -4.743  -0.941  1.00 65.50  ? 46  VAL A CG1 1 
ATOM   357  C  CG2 . VAL A 1 46  ? -20.694 -5.982  -3.036  1.00 72.19  ? 46  VAL A CG2 1 
ATOM   358  N  N   . ALA A 1 47  ? -22.753 -2.496  -1.407  1.00 90.93  ? 47  ALA A N   1 
ATOM   359  C  CA  . ALA A 1 47  ? -23.340 -1.283  -0.839  1.00 71.56  ? 47  ALA A CA  1 
ATOM   360  C  C   . ALA A 1 47  ? -22.830 -0.914  0.558   1.00 68.92  ? 47  ALA A C   1 
ATOM   361  O  O   . ALA A 1 47  ? -23.611 -0.725  1.490   1.00 79.52  ? 47  ALA A O   1 
ATOM   362  C  CB  . ALA A 1 47  ? -24.858 -1.417  -0.813  1.00 70.75  ? 47  ALA A CB  1 
ATOM   363  N  N   . LEU A 1 48  ? -21.511 -0.811  0.684   1.00 65.93  ? 48  LEU A N   1 
ATOM   364  C  CA  . LEU A 1 48  ? -20.857 -0.379  1.919   1.00 73.53  ? 48  LEU A CA  1 
ATOM   365  C  C   . LEU A 1 48  ? -20.016 0.853   1.610   1.00 84.59  ? 48  LEU A C   1 
ATOM   366  O  O   . LEU A 1 48  ? -18.826 0.752   1.308   1.00 65.81  ? 48  LEU A O   1 
ATOM   367  C  CB  . LEU A 1 48  ? -19.995 -1.482  2.534   1.00 64.43  ? 48  LEU A CB  1 
ATOM   368  C  CG  . LEU A 1 48  ? -20.744 -2.656  3.164   1.00 66.43  ? 48  LEU A CG  1 
ATOM   369  C  CD1 . LEU A 1 48  ? -19.782 -3.770  3.536   1.00 62.51  ? 48  LEU A CD1 1 
ATOM   370  C  CD2 . LEU A 1 48  ? -21.518 -2.186  4.388   1.00 68.68  ? 48  LEU A CD2 1 
ATOM   371  N  N   . LYS A 1 49  ? -20.650 2.018   1.695   1.00 73.46  ? 49  LYS A N   1 
ATOM   372  C  CA  . LYS A 1 49  ? -20.061 3.259   1.214   1.00 70.67  ? 49  LYS A CA  1 
ATOM   373  C  C   . LYS A 1 49  ? -18.775 3.653   1.927   1.00 66.15  ? 49  LYS A C   1 
ATOM   374  O  O   . LYS A 1 49  ? -17.859 4.188   1.301   1.00 63.23  ? 49  LYS A O   1 
ATOM   375  C  CB  . LYS A 1 49  ? -21.065 4.403   1.364   1.00 70.58  ? 49  LYS A CB  1 
ATOM   376  C  CG  . LYS A 1 49  ? -22.267 4.337   0.443   1.00 98.44  ? 49  LYS A CG  1 
ATOM   377  C  CD  . LYS A 1 49  ? -23.314 5.346   0.890   1.00 131.12 ? 49  LYS A CD  1 
ATOM   378  C  CE  . LYS A 1 49  ? -23.311 6.586   0.006   1.00 115.76 ? 49  LYS A CE  1 
ATOM   379  N  NZ  . LYS A 1 49  ? -24.686 7.038   -0.346  1.00 106.73 ? 49  LYS A NZ  1 
ATOM   380  N  N   . ASN A 1 50  ? -18.689 3.368   3.220   1.00 63.98  ? 50  ASN A N   1 
ATOM   381  C  CA  . ASN A 1 50  ? -17.497 3.725   3.976   1.00 65.06  ? 50  ASN A CA  1 
ATOM   382  C  C   . ASN A 1 50  ? -16.329 2.791   3.718   1.00 61.23  ? 50  ASN A C   1 
ATOM   383  O  O   . ASN A 1 50  ? -15.176 3.220   3.737   1.00 72.21  ? 50  ASN A O   1 
ATOM   384  C  CB  . ASN A 1 50  ? -17.801 3.760   5.475   1.00 68.06  ? 50  ASN A CB  1 
ATOM   385  C  CG  . ASN A 1 50  ? -18.782 4.854   5.845   1.00 74.94  ? 50  ASN A CG  1 
ATOM   386  O  OD1 . ASN A 1 50  ? -18.630 6.007   5.438   1.00 79.14  ? 50  ASN A OD1 1 
ATOM   387  N  ND2 . ASN A 1 50  ? -19.794 4.501   6.628   1.00 95.78  ? 50  ASN A ND2 1 
ATOM   388  N  N   . PHE A 1 51  ? -16.612 1.515   3.482   1.00 57.53  ? 51  PHE A N   1 
ATOM   389  C  CA  . PHE A 1 51  ? -15.585 0.641   2.945   1.00 56.22  ? 51  PHE A CA  1 
ATOM   390  C  C   . PHE A 1 51  ? -15.060 1.172   1.623   1.00 59.91  ? 51  PHE A C   1 
ATOM   391  O  O   . PHE A 1 51  ? -13.851 1.231   1.401   1.00 64.49  ? 51  PHE A O   1 
ATOM   392  C  CB  . PHE A 1 51  ? -16.131 -0.772  2.740   1.00 57.24  ? 51  PHE A CB  1 
ATOM   393  C  CG  . PHE A 1 51  ? -16.131 -1.613  3.980   1.00 56.44  ? 51  PHE A CG  1 
ATOM   394  C  CD1 . PHE A 1 51  ? -15.007 -2.335  4.340   1.00 54.31  ? 51  PHE A CD1 1 
ATOM   395  C  CD2 . PHE A 1 51  ? -17.258 -1.692  4.778   1.00 61.55  ? 51  PHE A CD2 1 
ATOM   396  C  CE1 . PHE A 1 51  ? -15.005 -3.115  5.480   1.00 58.01  ? 51  PHE A CE1 1 
ATOM   397  C  CE2 . PHE A 1 51  ? -17.263 -2.470  5.919   1.00 61.18  ? 51  PHE A CE2 1 
ATOM   398  C  CZ  . PHE A 1 51  ? -16.135 -3.183  6.272   1.00 58.00  ? 51  PHE A CZ  1 
ATOM   399  N  N   . ALA A 1 52  ? -15.980 1.581   0.754   1.00 53.06  ? 52  ALA A N   1 
ATOM   400  C  CA  . ALA A 1 52  ? -15.600 2.134   -0.537  1.00 57.90  ? 52  ALA A CA  1 
ATOM   401  C  C   . ALA A 1 52  ? -14.727 3.364   -0.389  1.00 60.47  ? 52  ALA A C   1 
ATOM   402  O  O   . ALA A 1 52  ? -13.653 3.468   -0.984  1.00 64.60  ? 52  ALA A O   1 
ATOM   403  C  CB  . ALA A 1 52  ? -16.840 2.468   -1.345  1.00 60.76  ? 52  ALA A CB  1 
ATOM   404  N  N   . LYS A 1 53  ? -15.196 4.284   0.441   1.00 60.24  ? 53  LYS A N   1 
ATOM   405  C  CA  . LYS A 1 53  ? -14.492 5.527   0.694   1.00 57.65  ? 53  LYS A CA  1 
ATOM   406  C  C   . LYS A 1 53  ? -13.137 5.273   1.331   1.00 52.23  ? 53  LYS A C   1 
ATOM   407  O  O   . LYS A 1 53  ? -12.143 5.905   0.974   1.00 53.11  ? 53  LYS A O   1 
ATOM   408  C  CB  . LYS A 1 53  ? -15.366 6.431   1.560   1.00 51.35  ? 53  LYS A CB  1 
ATOM   409  C  CG  . LYS A 1 53  ? -16.523 7.013   0.757   1.00 67.56  ? 53  LYS A CG  1 
ATOM   410  C  CD  . LYS A 1 53  ? -17.610 7.625   1.623   1.00 103.50 ? 53  LYS A CD  1 
ATOM   411  C  CE  . LYS A 1 53  ? -17.234 9.003   2.133   1.00 101.25 ? 53  LYS A CE  1 
ATOM   412  N  NZ  . LYS A 1 53  ? -18.130 9.418   3.249   1.00 87.26  ? 53  LYS A NZ  1 
ATOM   413  N  N   . TYR A 1 54  ? -13.103 4.329   2.265   1.00 55.95  ? 54  TYR A N   1 
ATOM   414  C  CA  . TYR A 1 54  ? -11.872 3.993   2.965   1.00 69.01  ? 54  TYR A CA  1 
ATOM   415  C  C   . TYR A 1 54  ? -10.778 3.566   1.994   1.00 61.58  ? 54  TYR A C   1 
ATOM   416  O  O   . TYR A 1 54  ? -9.656  4.074   2.034   1.00 59.98  ? 54  TYR A O   1 
ATOM   417  C  CB  . TYR A 1 54  ? -12.125 2.883   3.988   1.00 58.84  ? 54  TYR A CB  1 
ATOM   418  C  CG  . TYR A 1 54  ? -10.865 2.380   4.650   1.00 58.07  ? 54  TYR A CG  1 
ATOM   419  C  CD1 . TYR A 1 54  ? -10.353 3.011   5.773   1.00 68.79  ? 54  TYR A CD1 1 
ATOM   420  C  CD2 . TYR A 1 54  ? -10.185 1.281   4.150   1.00 66.50  ? 54  TYR A CD2 1 
ATOM   421  C  CE1 . TYR A 1 54  ? -9.203  2.557   6.385   1.00 74.08  ? 54  TYR A CE1 1 
ATOM   422  C  CE2 . TYR A 1 54  ? -9.031  0.822   4.753   1.00 72.00  ? 54  TYR A CE2 1 
ATOM   423  C  CZ  . TYR A 1 54  ? -8.546  1.463   5.871   1.00 69.82  ? 54  TYR A CZ  1 
ATOM   424  O  OH  . TYR A 1 54  ? -7.395  1.017   6.475   1.00 80.10  ? 54  TYR A OH  1 
ATOM   425  N  N   . PHE A 1 55  ? -11.121 2.633   1.117   1.00 62.32  ? 55  PHE A N   1 
ATOM   426  C  CA  . PHE A 1 55  ? -10.156 2.072   0.184   1.00 67.06  ? 55  PHE A CA  1 
ATOM   427  C  C   . PHE A 1 55  ? -9.763  3.062   -0.904  1.00 73.86  ? 55  PHE A C   1 
ATOM   428  O  O   . PHE A 1 55  ? -8.634  3.036   -1.394  1.00 68.95  ? 55  PHE A O   1 
ATOM   429  C  CB  . PHE A 1 55  ? -10.709 0.792   -0.441  1.00 63.51  ? 55  PHE A CB  1 
ATOM   430  C  CG  . PHE A 1 55  ? -10.711 -0.380  0.497   1.00 71.63  ? 55  PHE A CG  1 
ATOM   431  C  CD1 . PHE A 1 55  ? -9.583  -0.693  1.237   1.00 66.05  ? 55  PHE A CD1 1 
ATOM   432  C  CD2 . PHE A 1 55  ? -11.844 -1.162  0.650   1.00 93.00  ? 55  PHE A CD2 1 
ATOM   433  C  CE1 . PHE A 1 55  ? -9.581  -1.771  2.107   1.00 62.39  ? 55  PHE A CE1 1 
ATOM   434  C  CE2 . PHE A 1 55  ? -11.848 -2.239  1.519   1.00 71.06  ? 55  PHE A CE2 1 
ATOM   435  C  CZ  . PHE A 1 55  ? -10.715 -2.543  2.248   1.00 63.40  ? 55  PHE A CZ  1 
ATOM   436  N  N   . LEU A 1 56  ? -10.686 3.943   -1.273  1.00 66.99  ? 56  LEU A N   1 
ATOM   437  C  CA  . LEU A 1 56  ? -10.378 4.945   -2.280  1.00 59.30  ? 56  LEU A CA  1 
ATOM   438  C  C   . LEU A 1 56  ? -9.324  5.902   -1.752  1.00 68.15  ? 56  LEU A C   1 
ATOM   439  O  O   . LEU A 1 56  ? -8.388  6.270   -2.464  1.00 87.08  ? 56  LEU A O   1 
ATOM   440  C  CB  . LEU A 1 56  ? -11.637 5.714   -2.676  1.00 49.63  ? 56  LEU A CB  1 
ATOM   441  C  CG  . LEU A 1 56  ? -11.520 6.545   -3.951  1.00 54.38  ? 56  LEU A CG  1 
ATOM   442  C  CD1 . LEU A 1 56  ? -11.299 5.642   -5.152  1.00 61.11  ? 56  LEU A CD1 1 
ATOM   443  C  CD2 . LEU A 1 56  ? -12.753 7.411   -4.136  1.00 67.45  ? 56  LEU A CD2 1 
ATOM   444  N  N   . HIS A 1 57  ? -9.482  6.304   -0.499  1.00 64.60  ? 57  HIS A N   1 
ATOM   445  C  CA  . HIS A 1 57  ? -8.495  7.146   0.155   1.00 66.56  ? 57  HIS A CA  1 
ATOM   446  C  C   . HIS A 1 57  ? -7.138  6.473   0.259   1.00 67.99  ? 57  HIS A C   1 
ATOM   447  O  O   . HIS A 1 57  ? -6.106  7.076   -0.038  1.00 88.62  ? 57  HIS A O   1 
ATOM   448  C  CB  . HIS A 1 57  ? -8.956  7.541   1.553   1.00 66.12  ? 57  HIS A CB  1 
ATOM   449  C  CG  . HIS A 1 57  ? -7.912  8.280   2.330   1.00 77.52  ? 57  HIS A CG  1 
ATOM   450  N  ND1 . HIS A 1 57  ? -7.079  7.653   3.232   1.00 78.04  ? 57  HIS A ND1 1 
ATOM   451  C  CD2 . HIS A 1 57  ? -7.549  9.583   2.324   1.00 94.97  ? 57  HIS A CD2 1 
ATOM   452  C  CE1 . HIS A 1 57  ? -6.254  8.541   3.756   1.00 80.54  ? 57  HIS A CE1 1 
ATOM   453  N  NE2 . HIS A 1 57  ? -6.519  9.720   3.222   1.00 114.37 ? 57  HIS A NE2 1 
ATOM   454  N  N   . GLN A 1 58  ? -7.153  5.217   0.692   1.00 59.20  ? 58  GLN A N   1 
ATOM   455  C  CA  . GLN A 1 58  ? -5.959  4.387   0.683   1.00 63.05  ? 58  GLN A CA  1 
ATOM   456  C  C   . GLN A 1 58  ? -5.283  4.381   -0.683  1.00 58.50  ? 58  GLN A C   1 
ATOM   457  O  O   . GLN A 1 58  ? -4.063  4.512   -0.783  1.00 55.38  ? 58  GLN A O   1 
ATOM   458  C  CB  . GLN A 1 58  ? -6.315  2.961   1.100   1.00 58.75  ? 58  GLN A CB  1 
ATOM   459  C  CG  . GLN A 1 58  ? -6.395  2.759   2.605   1.00 55.49  ? 58  GLN A CG  1 
ATOM   460  C  CD  . GLN A 1 58  ? -5.178  3.287   3.335   1.00 62.79  ? 58  GLN A CD  1 
ATOM   461  O  OE1 . GLN A 1 58  ? -4.039  3.007   2.956   1.00 60.55  ? 58  GLN A OE1 1 
ATOM   462  N  NE2 . GLN A 1 58  ? -5.414  4.052   4.396   1.00 59.64  ? 58  GLN A NE2 1 
ATOM   463  N  N   . SER A 1 59  ? -6.085  4.216   -1.728  1.00 56.07  ? 59  SER A N   1 
ATOM   464  C  CA  . SER A 1 59  ? -5.582  4.178   -3.098  1.00 60.38  ? 59  SER A CA  1 
ATOM   465  C  C   . SER A 1 59  ? -4.803  5.436   -3.488  1.00 68.00  ? 59  SER A C   1 
ATOM   466  O  O   . SER A 1 59  ? -3.706  5.353   -4.036  1.00 76.28  ? 59  SER A O   1 
ATOM   467  C  CB  . SER A 1 59  ? -6.733  3.958   -4.076  1.00 66.07  ? 59  SER A CB  1 
ATOM   468  O  OG  . SER A 1 59  ? -6.261  3.934   -5.412  1.00 64.47  ? 59  SER A OG  1 
ATOM   469  N  N   . HIS A 1 60  ? -5.378  6.599   -3.196  1.00 64.75  ? 60  HIS A N   1 
ATOM   470  C  CA  . HIS A 1 60  ? -4.743  7.882   -3.496  1.00 67.57  ? 60  HIS A CA  1 
ATOM   471  C  C   . HIS A 1 60  ? -3.449  8.070   -2.739  1.00 69.79  ? 60  HIS A C   1 
ATOM   472  O  O   . HIS A 1 60  ? -2.475  8.603   -3.267  1.00 83.60  ? 60  HIS A O   1 
ATOM   473  C  CB  . HIS A 1 60  ? -5.682  9.046   -3.184  1.00 72.16  ? 60  HIS A CB  1 
ATOM   474  C  CG  . HIS A 1 60  ? -6.904  9.076   -4.042  1.00 66.87  ? 60  HIS A CG  1 
ATOM   475  N  ND1 . HIS A 1 60  ? -7.590  7.936   -4.396  1.00 69.30  ? 60  HIS A ND1 1 
ATOM   476  C  CD2 . HIS A 1 60  ? -7.549  10.106  -4.639  1.00 65.55  ? 60  HIS A CD2 1 
ATOM   477  C  CE1 . HIS A 1 60  ? -8.618  8.263   -5.159  1.00 83.96  ? 60  HIS A CE1 1 
ATOM   478  N  NE2 . HIS A 1 60  ? -8.612  9.574   -5.325  1.00 70.85  ? 60  HIS A NE2 1 
ATOM   479  N  N   . GLU A 1 61  ? -3.449  7.629   -1.491  1.00 65.81  ? 61  GLU A N   1 
ATOM   480  C  CA  . GLU A 1 61  ? -2.250  7.671   -0.677  1.00 76.94  ? 61  GLU A CA  1 
ATOM   481  C  C   . GLU A 1 61  ? -1.115  6.838   -1.261  1.00 76.73  ? 61  GLU A C   1 
ATOM   482  O  O   . GLU A 1 61  ? 0.032   7.284   -1.276  1.00 85.41  ? 61  GLU A O   1 
ATOM   483  C  CB  . GLU A 1 61  ? -2.556  7.198   0.740   1.00 87.08  ? 61  GLU A CB  1 
ATOM   484  C  CG  . GLU A 1 61  ? -2.342  8.267   1.790   1.00 101.35 ? 61  GLU A CG  1 
ATOM   485  C  CD  . GLU A 1 61  ? -2.443  7.722   3.196   1.00 118.10 ? 61  GLU A CD  1 
ATOM   486  O  OE1 . GLU A 1 61  ? -3.170  8.322   4.015   1.00 107.79 ? 61  GLU A OE1 1 
ATOM   487  O  OE2 . GLU A 1 61  ? -1.790  6.695   3.484   1.00 120.04 ? 61  GLU A OE2 1 
ATOM   488  N  N   . GLU A 1 62  ? -1.425  5.641   -1.748  1.00 70.37  ? 62  GLU A N   1 
ATOM   489  C  CA  . GLU A 1 62  ? -0.395  4.793   -2.343  1.00 73.20  ? 62  GLU A CA  1 
ATOM   490  C  C   . GLU A 1 62  ? 0.255   5.439   -3.565  1.00 72.54  ? 62  GLU A C   1 
ATOM   491  O  O   . GLU A 1 62  ? 1.473   5.382   -3.728  1.00 76.91  ? 62  GLU A O   1 
ATOM   492  C  CB  . GLU A 1 62  ? -0.992  3.443   -2.753  1.00 74.64  ? 62  GLU A CB  1 
ATOM   493  C  CG  . GLU A 1 62  ? -1.525  2.586   -1.615  1.00 92.17  ? 62  GLU A CG  1 
ATOM   494  C  CD  . GLU A 1 62  ? -0.482  2.261   -0.568  1.00 66.64  ? 62  GLU A CD  1 
ATOM   495  O  OE1 . GLU A 1 62  ? 0.723   2.421   -0.850  1.00 48.68  ? 62  GLU A OE1 1 
ATOM   496  O  OE2 . GLU A 1 62  ? -0.881  1.834   0.538   1.00 65.78  ? 62  GLU A OE2 1 
ATOM   497  N  N   . ARG A 1 63  ? -0.560  6.066   -4.409  1.00 69.65  ? 63  ARG A N   1 
ATOM   498  C  CA  . ARG A 1 63  ? -0.062  6.871   -5.522  1.00 70.37  ? 63  ARG A CA  1 
ATOM   499  C  C   . ARG A 1 63  ? 0.898   7.933   -5.020  1.00 73.01  ? 63  ARG A C   1 
ATOM   500  O  O   . ARG A 1 63  ? 1.950   8.174   -5.610  1.00 69.21  ? 63  ARG A O   1 
ATOM   501  C  CB  . ARG A 1 63  ? -1.200  7.525   -6.297  1.00 73.20  ? 63  ARG A CB  1 
ATOM   502  C  CG  . ARG A 1 63  ? -0.729  8.521   -7.352  1.00 71.90  ? 63  ARG A CG  1 
ATOM   503  C  CD  . ARG A 1 63  ? -1.909  9.290   -7.894  1.00 108.65 ? 63  ARG A CD  1 
ATOM   504  N  NE  . ARG A 1 63  ? -2.372  10.287  -6.934  1.00 102.54 ? 63  ARG A NE  1 
ATOM   505  C  CZ  . ARG A 1 63  ? -3.543  10.230  -6.308  1.00 85.48  ? 63  ARG A CZ  1 
ATOM   506  N  NH1 . ARG A 1 63  ? -4.367  9.217   -6.536  1.00 86.77  ? 63  ARG A NH1 1 
ATOM   507  N  NH2 . ARG A 1 63  ? -3.852  11.138  -5.394  1.00 91.10  ? 63  ARG A NH2 1 
ATOM   508  N  N   . GLU A 1 64  ? 0.505   8.583   -3.931  1.00 81.06  ? 64  GLU A N   1 
ATOM   509  C  CA  . GLU A 1 64  ? 1.354   9.569   -3.288  1.00 80.02  ? 64  GLU A CA  1 
ATOM   510  C  C   . GLU A 1 64  ? 2.675   8.916   -2.881  1.00 73.58  ? 64  GLU A C   1 
ATOM   511  O  O   . GLU A 1 64  ? 3.733   9.519   -3.051  1.00 79.84  ? 64  GLU A O   1 
ATOM   512  C  CB  . GLU A 1 64  ? 0.647   10.169  -2.067  1.00 89.71  ? 64  GLU A CB  1 
ATOM   513  C  CG  . GLU A 1 64  ? -0.601  11.005  -2.388  1.00 127.04 ? 64  GLU A CG  1 
ATOM   514  C  CD  . GLU A 1 64  ? -0.299  12.323  -3.081  1.00 133.12 ? 64  GLU A CD  1 
ATOM   515  O  OE1 . GLU A 1 64  ? 0.892   12.628  -3.300  1.00 124.93 ? 64  GLU A OE1 1 
ATOM   516  O  OE2 . GLU A 1 64  ? -1.259  13.057  -3.402  1.00 111.07 ? 64  GLU A OE2 1 
ATOM   517  N  N   . HIS A 1 65  ? 2.622   7.692   -2.349  1.00 71.22  ? 65  HIS A N   1 
ATOM   518  C  CA  . HIS A 1 65  ? 3.851   6.945   -2.047  1.00 73.07  ? 65  HIS A CA  1 
ATOM   519  C  C   . HIS A 1 65  ? 4.743   6.759   -3.271  1.00 73.08  ? 65  HIS A C   1 
ATOM   520  O  O   . HIS A 1 65  ? 5.957   6.944   -3.202  1.00 75.60  ? 65  HIS A O   1 
ATOM   521  C  CB  . HIS A 1 65  ? 3.556   5.558   -1.457  1.00 68.17  ? 65  HIS A CB  1 
ATOM   522  C  CG  . HIS A 1 65  ? 2.817   5.578   -0.156  1.00 74.06  ? 65  HIS A CG  1 
ATOM   523  N  ND1 . HIS A 1 65  ? 2.371   4.428   0.457   1.00 73.66  ? 65  HIS A ND1 1 
ATOM   524  C  CD2 . HIS A 1 65  ? 2.462   6.601   0.657   1.00 113.81 ? 65  HIS A CD2 1 
ATOM   525  C  CE1 . HIS A 1 65  ? 1.766   4.741   1.589   1.00 91.32  ? 65  HIS A CE1 1 
ATOM   526  N  NE2 . HIS A 1 65  ? 1.807   6.053   1.733   1.00 124.80 ? 65  HIS A NE2 1 
ATOM   527  N  N   . ALA A 1 66  ? 4.128   6.395   -4.392  1.00 70.14  ? 66  ALA A N   1 
ATOM   528  C  CA  . ALA A 1 66  ? 4.854   6.196   -5.640  1.00 66.63  ? 66  ALA A CA  1 
ATOM   529  C  C   . ALA A 1 66  ? 5.478   7.494   -6.130  1.00 63.17  ? 66  ALA A C   1 
ATOM   530  O  O   . ALA A 1 66  ? 6.637   7.524   -6.543  1.00 58.36  ? 66  ALA A O   1 
ATOM   531  C  CB  . ALA A 1 66  ? 3.932   5.615   -6.700  1.00 66.69  ? 66  ALA A CB  1 
ATOM   532  N  N   . GLU A 1 67  ? 4.702   8.566   -6.082  1.00 69.39  ? 67  GLU A N   1 
ATOM   533  C  CA  . GLU A 1 67  ? 5.154   9.846   -6.591  1.00 76.08  ? 67  GLU A CA  1 
ATOM   534  C  C   . GLU A 1 67  ? 6.342   10.316  -5.775  1.00 80.17  ? 67  GLU A C   1 
ATOM   535  O  O   . GLU A 1 67  ? 7.292   10.888  -6.310  1.00 70.16  ? 67  GLU A O   1 
ATOM   536  C  CB  . GLU A 1 67  ? 4.024   10.864  -6.531  1.00 74.47  ? 67  GLU A CB  1 
ATOM   537  C  CG  . GLU A 1 67  ? 3.004   10.615  -7.605  1.00 63.00  ? 67  GLU A CG  1 
ATOM   538  C  CD  . GLU A 1 67  ? 1.791   11.497  -7.492  1.00 75.35  ? 67  GLU A CD  1 
ATOM   539  O  OE1 . GLU A 1 67  ? 1.756   12.371  -6.601  1.00 82.54  ? 67  GLU A OE1 1 
ATOM   540  O  OE2 . GLU A 1 67  ? 0.847   11.271  -8.271  1.00 73.76  ? 67  GLU A OE2 1 
ATOM   541  N  N   . LYS A 1 68  ? 6.290   10.045  -4.476  1.00 67.69  ? 68  LYS A N   1 
ATOM   542  C  CA  . LYS A 1 68  ? 7.363   10.442  -3.584  1.00 65.12  ? 68  LYS A CA  1 
ATOM   543  C  C   . LYS A 1 68  ? 8.646   9.676   -3.848  1.00 71.61  ? 68  LYS A C   1 
ATOM   544  O  O   . LYS A 1 68  ? 9.742   10.220  -3.718  1.00 76.03  ? 68  LYS A O   1 
ATOM   545  C  CB  . LYS A 1 68  ? 6.940   10.179  -2.134  1.00 67.99  ? 68  LYS A CB  1 
ATOM   546  C  CG  . LYS A 1 68  ? 7.981   10.512  -1.075  1.00 72.29  ? 68  LYS A CG  1 
ATOM   547  C  CD  . LYS A 1 68  ? 7.392   10.386  0.328   1.00 69.03  ? 68  LYS A CD  1 
ATOM   548  C  CE  . LYS A 1 68  ? 7.023   11.718  0.945   1.00 65.36  ? 68  LYS A CE  1 
ATOM   549  N  NZ  . LYS A 1 68  ? 6.441   11.509  2.302   1.00 64.07  ? 68  LYS A NZ  1 
ATOM   550  N  N   . LEU A 1 69  ? 8.505   8.419   -4.245  1.00 85.58  ? 69  LEU A N   1 
ATOM   551  C  CA  . LEU A 1 69  ? 9.641   7.623   -4.683  1.00 74.50  ? 69  LEU A CA  1 
ATOM   552  C  C   . LEU A 1 69  ? 10.242  8.041   -6.016  1.00 64.54  ? 69  LEU A C   1 
ATOM   553  O  O   . LEU A 1 69  ? 11.459  8.008   -6.191  1.00 63.13  ? 69  LEU A O   1 
ATOM   554  C  CB  . LEU A 1 69  ? 9.239   6.148   -4.747  1.00 62.12  ? 69  LEU A CB  1 
ATOM   555  C  CG  . LEU A 1 69  ? 8.951   5.520   -3.382  1.00 72.99  ? 69  LEU A CG  1 
ATOM   556  C  CD1 . LEU A 1 69  ? 7.966   4.366   -3.503  1.00 99.80  ? 69  LEU A CD1 1 
ATOM   557  C  CD2 . LEU A 1 69  ? 10.238  5.070   -2.710  1.00 61.33  ? 69  LEU A CD2 1 
ATOM   558  N  N   . MET A 1 70  ? 9.390   8.467   -6.942  1.00 60.90  ? 70  MET A N   1 
ATOM   559  C  CA  . MET A 1 70  ? 9.864   8.954   -8.233  1.00 66.17  ? 70  MET A CA  1 
ATOM   560  C  C   . MET A 1 70  ? 10.662  10.247  -8.188  1.00 70.53  ? 70  MET A C   1 
ATOM   561  O  O   . MET A 1 70  ? 11.686  10.368  -8.861  1.00 72.74  ? 70  MET A O   1 
ATOM   562  C  CB  . MET A 1 70  ? 8.677   9.140   -9.181  1.00 70.35  ? 70  MET A CB  1 
ATOM   563  C  CG  . MET A 1 70  ? 7.947   7.852   -9.533  1.00 68.87  ? 70  MET A CG  1 
ATOM   564  S  SD  . MET A 1 70  ? 6.518   8.123   -10.602 1.00 65.10  ? 70  MET A SD  1 
ATOM   565  C  CE  . MET A 1 70  ? 7.314   8.628   -12.123 1.00 68.49  ? 70  MET A CE  1 
ATOM   566  N  N   . LYS A 1 71  ? 10.201  11.210  -7.399  1.00 70.72  ? 71  LYS A N   1 
ATOM   567  C  CA  . LYS A 1 71  ? 10.975  12.424  -7.167  1.00 87.37  ? 71  LYS A CA  1 
ATOM   568  C  C   . LYS A 1 71  ? 12.316  12.062  -6.548  1.00 74.56  ? 71  LYS A C   1 
ATOM   569  O  O   . LYS A 1 71  ? 13.355  12.607  -6.922  1.00 74.38  ? 71  LYS A O   1 
ATOM   570  C  CB  . LYS A 1 71  ? 10.237  13.440  -6.304  1.00 83.99  ? 71  LYS A CB  1 
ATOM   571  C  CG  . LYS A 1 71  ? 11.122  14.640  -6.004  1.00 96.87  ? 71  LYS A CG  1 
ATOM   572  C  CD  . LYS A 1 71  ? 10.443  15.694  -5.158  1.00 105.90 ? 71  LYS A CD  1 
ATOM   573  C  CE  . LYS A 1 71  ? 11.373  16.884  -4.968  1.00 103.32 ? 71  LYS A CE  1 
ATOM   574  N  NZ  . LYS A 1 71  ? 11.528  17.661  -6.236  1.00 79.29  ? 71  LYS A NZ  1 
ATOM   575  N  N   . LEU A 1 72  ? 12.273  11.157  -5.574  1.00 69.95  ? 72  LEU A N   1 
ATOM   576  C  CA  . LEU A 1 72  ? 13.474  10.693  -4.896  1.00 72.45  ? 72  LEU A CA  1 
ATOM   577  C  C   . LEU A 1 72  ? 14.427  10.105  -5.928  1.00 71.41  ? 72  LEU A C   1 
ATOM   578  O  O   . LEU A 1 72  ? 15.632  10.357  -5.878  1.00 68.25  ? 72  LEU A O   1 
ATOM   579  C  CB  . LEU A 1 72  ? 13.118  9.655   -3.829  1.00 65.23  ? 72  LEU A CB  1 
ATOM   580  C  CG  . LEU A 1 72  ? 14.236  9.054   -2.973  1.00 57.31  ? 72  LEU A CG  1 
ATOM   581  C  CD1 . LEU A 1 72  ? 15.057  8.052   -3.763  1.00 56.36  ? 72  LEU A CD1 1 
ATOM   582  C  CD2 . LEU A 1 72  ? 15.122  10.148  -2.398  1.00 71.62  ? 72  LEU A CD2 1 
ATOM   583  N  N   . GLN A 1 73  ? 13.893  9.296   -6.838  1.00 71.61  ? 73  GLN A N   1 
ATOM   584  C  CA  . GLN A 1 73  ? 14.699  8.726   -7.913  1.00 89.82  ? 73  GLN A CA  1 
ATOM   585  C  C   . GLN A 1 73  ? 15.428  9.825   -8.684  1.00 78.96  ? 73  GLN A C   1 
ATOM   586  O  O   . GLN A 1 73  ? 16.621  9.717   -8.963  1.00 84.84  ? 73  GLN A O   1 
ATOM   587  C  CB  . GLN A 1 73  ? 13.829  7.912   -8.871  1.00 93.26  ? 73  GLN A CB  1 
ATOM   588  C  CG  . GLN A 1 73  ? 14.607  7.176   -9.959  1.00 89.35  ? 73  GLN A CG  1 
ATOM   589  C  CD  . GLN A 1 73  ? 15.340  5.956   -9.447  1.00 90.53  ? 73  GLN A CD  1 
ATOM   590  O  OE1 . GLN A 1 73  ? 16.333  6.069   -8.729  1.00 97.65  ? 73  GLN A OE1 1 
ATOM   591  N  NE2 . GLN A 1 73  ? 14.859  4.777   -9.822  1.00 94.93  ? 73  GLN A NE2 1 
ATOM   592  N  N   . ASN A 1 74  ? 14.699  10.886  -9.011  1.00 71.67  ? 74  ASN A N   1 
ATOM   593  C  CA  . ASN A 1 74  ? 15.267  12.030  -9.713  1.00 67.66  ? 74  ASN A CA  1 
ATOM   594  C  C   . ASN A 1 74  ? 16.217  12.850  -8.851  1.00 69.67  ? 74  ASN A C   1 
ATOM   595  O  O   . ASN A 1 74  ? 17.222  13.359  -9.345  1.00 73.05  ? 74  ASN A O   1 
ATOM   596  C  CB  . ASN A 1 74  ? 14.157  12.937  -10.250 1.00 72.46  ? 74  ASN A CB  1 
ATOM   597  C  CG  . ASN A 1 74  ? 13.563  12.427  -11.548 1.00 93.19  ? 74  ASN A CG  1 
ATOM   598  O  OD1 . ASN A 1 74  ? 13.677  11.247  -11.876 1.00 96.87  ? 74  ASN A OD1 1 
ATOM   599  N  ND2 . ASN A 1 74  ? 12.931  13.320  -12.300 1.00 108.78 ? 74  ASN A ND2 1 
ATOM   600  N  N   . GLN A 1 75  ? 15.890  12.991  -7.569  1.00 70.79  ? 75  GLN A N   1 
ATOM   601  C  CA  . GLN A 1 75  ? 16.771  13.683  -6.632  1.00 74.00  ? 75  GLN A CA  1 
ATOM   602  C  C   . GLN A 1 75  ? 18.189  13.120  -6.611  1.00 76.99  ? 75  GLN A C   1 
ATOM   603  O  O   . GLN A 1 75  ? 19.161  13.875  -6.566  1.00 83.80  ? 75  GLN A O   1 
ATOM   604  C  CB  . GLN A 1 75  ? 16.207  13.617  -5.211  1.00 78.47  ? 75  GLN A CB  1 
ATOM   605  C  CG  . GLN A 1 75  ? 15.130  14.629  -4.887  1.00 74.88  ? 75  GLN A CG  1 
ATOM   606  C  CD  . GLN A 1 75  ? 14.615  14.470  -3.470  1.00 84.19  ? 75  GLN A CD  1 
ATOM   607  O  OE1 . GLN A 1 75  ? 14.278  13.367  -3.040  1.00 83.57  ? 75  GLN A OE1 1 
ATOM   608  N  NE2 . GLN A 1 75  ? 14.560  15.572  -2.731  1.00 96.05  ? 75  GLN A NE2 1 
ATOM   609  N  N   . ARG A 1 76  ? 18.303  11.797  -6.659  1.00 68.69  ? 76  ARG A N   1 
ATOM   610  C  CA  . ARG A 1 76  ? 19.602  11.140  -6.539  1.00 78.68  ? 76  ARG A CA  1 
ATOM   611  C  C   . ARG A 1 76  ? 20.321  11.047  -7.876  1.00 92.45  ? 76  ARG A C   1 
ATOM   612  O  O   . ARG A 1 76  ? 21.484  10.649  -7.944  1.00 90.01  ? 76  ARG A O   1 
ATOM   613  C  CB  . ARG A 1 76  ? 19.436  9.743   -5.940  1.00 76.64  ? 76  ARG A CB  1 
ATOM   614  C  CG  . ARG A 1 76  ? 18.992  9.735   -4.487  1.00 71.98  ? 76  ARG A CG  1 
ATOM   615  C  CD  . ARG A 1 76  ? 19.916  10.574  -3.615  1.00 76.62  ? 76  ARG A CD  1 
ATOM   616  N  NE  . ARG A 1 76  ? 21.283  10.062  -3.604  1.00 70.62  ? 76  ARG A NE  1 
ATOM   617  C  CZ  . ARG A 1 76  ? 21.732  9.148   -2.751  1.00 78.00  ? 76  ARG A CZ  1 
ATOM   618  N  NH1 . ARG A 1 76  ? 20.926  8.642   -1.828  1.00 77.25  ? 76  ARG A NH1 1 
ATOM   619  N  NH2 . ARG A 1 76  ? 22.986  8.726   -2.830  1.00 119.94 ? 76  ARG A NH2 1 
ATOM   620  N  N   . GLY A 1 77  ? 19.621  11.429  -8.937  1.00 102.66 ? 77  GLY A N   1 
ATOM   621  C  CA  . GLY A 1 77  ? 20.147  11.335  -10.284 1.00 79.03  ? 77  GLY A CA  1 
ATOM   622  C  C   . GLY A 1 77  ? 20.032  9.929   -10.838 1.00 75.75  ? 77  GLY A C   1 
ATOM   623  O  O   . GLY A 1 77  ? 20.704  9.581   -11.808 1.00 76.99  ? 77  GLY A O   1 
ATOM   624  N  N   . GLY A 1 78  ? 19.175  9.119   -10.221 1.00 82.91  ? 78  GLY A N   1 
ATOM   625  C  CA  . GLY A 1 78  ? 18.790  7.842   -10.797 1.00 86.97  ? 78  GLY A CA  1 
ATOM   626  C  C   . GLY A 1 78  ? 17.759  8.117   -11.871 1.00 77.52  ? 78  GLY A C   1 
ATOM   627  O  O   . GLY A 1 78  ? 17.321  9.256   -12.017 1.00 102.71 ? 78  GLY A O   1 
ATOM   628  N  N   . ARG A 1 79  ? 17.359  7.104   -12.630 1.00 71.92  ? 79  ARG A N   1 
ATOM   629  C  CA  . ARG A 1 79  ? 16.385  7.357   -13.684 1.00 77.87  ? 79  ARG A CA  1 
ATOM   630  C  C   . ARG A 1 79  ? 15.136  6.498   -13.570 1.00 83.34  ? 79  ARG A C   1 
ATOM   631  O  O   . ARG A 1 79  ? 15.220  5.277   -13.447 1.00 76.40  ? 79  ARG A O   1 
ATOM   632  C  CB  . ARG A 1 79  ? 17.039  7.152   -15.046 1.00 79.75  ? 79  ARG A CB  1 
ATOM   633  C  CG  . ARG A 1 79  ? 18.142  8.154   -15.281 1.00 88.67  ? 79  ARG A CG  1 
ATOM   634  C  CD  . ARG A 1 79  ? 17.550  9.529   -15.505 1.00 96.48  ? 79  ARG A CD  1 
ATOM   635  N  NE  . ARG A 1 79  ? 18.548  10.583  -15.379 1.00 92.97  ? 79  ARG A NE  1 
ATOM   636  C  CZ  . ARG A 1 79  ? 18.564  11.466  -14.386 1.00 97.04  ? 79  ARG A CZ  1 
ATOM   637  N  NH1 . ARG A 1 79  ? 17.638  11.411  -13.438 1.00 102.98 ? 79  ARG A NH1 1 
ATOM   638  N  NH2 . ARG A 1 79  ? 19.488  12.415  -14.350 1.00 121.72 ? 79  ARG A NH2 1 
ATOM   639  N  N   . ILE A 1 80  ? 13.972  7.142   -13.615 1.00 92.58  ? 80  ILE A N   1 
ATOM   640  C  CA  . ILE A 1 80  ? 12.727  6.398   -13.571 1.00 81.76  ? 80  ILE A CA  1 
ATOM   641  C  C   . ILE A 1 80  ? 12.481  5.699   -14.900 1.00 83.62  ? 80  ILE A C   1 
ATOM   642  O  O   . ILE A 1 80  ? 12.403  6.349   -15.940 1.00 98.24  ? 80  ILE A O   1 
ATOM   643  C  CB  . ILE A 1 80  ? 11.534  7.317   -13.252 1.00 84.52  ? 80  ILE A CB  1 
ATOM   644  C  CG1 . ILE A 1 80  ? 11.790  8.090   -11.955 1.00 91.52  ? 80  ILE A CG1 1 
ATOM   645  C  CG2 . ILE A 1 80  ? 10.244  6.512   -13.174 1.00 98.45  ? 80  ILE A CG2 1 
ATOM   646  C  CD1 . ILE A 1 80  ? 10.916  9.315   -11.782 1.00 91.05  ? 80  ILE A CD1 1 
ATOM   647  N  N   . PHE A 1 81  ? 12.280  4.388   -14.827 1.00 86.85  ? 81  PHE A N   1 
ATOM   648  C  CA  . PHE A 1 81  ? 11.817  3.537   -15.925 1.00 100.78 ? 81  PHE A CA  1 
ATOM   649  C  C   . PHE A 1 81  ? 10.602  2.762   -15.435 1.00 85.41  ? 81  PHE A C   1 
ATOM   650  O  O   . PHE A 1 81  ? 10.706  1.879   -14.583 1.00 81.10  ? 81  PHE A O   1 
ATOM   651  C  CB  . PHE A 1 81  ? 12.917  2.610   -16.467 1.00 103.87 ? 81  PHE A CB  1 
ATOM   652  C  CG  . PHE A 1 81  ? 14.003  3.329   -17.237 1.00 113.25 ? 81  PHE A CG  1 
ATOM   653  C  CD1 . PHE A 1 81  ? 13.869  4.667   -17.562 1.00 138.69 ? 81  PHE A CD1 1 
ATOM   654  C  CD2 . PHE A 1 81  ? 15.127  2.655   -17.684 1.00 112.89 ? 81  PHE A CD2 1 
ATOM   655  C  CE1 . PHE A 1 81  ? 14.845  5.336   -18.277 1.00 124.92 ? 81  PHE A CE1 1 
ATOM   656  C  CE2 . PHE A 1 81  ? 16.109  3.318   -18.407 1.00 126.52 ? 81  PHE A CE2 1 
ATOM   657  C  CZ  . PHE A 1 81  ? 15.964  4.662   -18.703 1.00 115.95 ? 81  PHE A CZ  1 
ATOM   658  N  N   . LEU A 1 82  ? 9.448   3.114   -15.988 1.00 79.67  ? 82  LEU A N   1 
ATOM   659  C  CA  . LEU A 1 82  ? 8.178   2.499   -15.633 1.00 100.44 ? 82  LEU A CA  1 
ATOM   660  C  C   . LEU A 1 82  ? 7.919   1.165   -16.325 1.00 112.86 ? 82  LEU A C   1 
ATOM   661  O  O   . LEU A 1 82  ? 8.348   0.927   -17.454 1.00 89.62  ? 82  LEU A O   1 
ATOM   662  C  CB  . LEU A 1 82  ? 7.034   3.464   -15.950 1.00 95.41  ? 82  LEU A CB  1 
ATOM   663  C  CG  . LEU A 1 82  ? 7.008   4.749   -15.121 1.00 81.77  ? 82  LEU A CG  1 
ATOM   664  C  CD1 . LEU A 1 82  ? 5.957   5.706   -15.654 1.00 79.74  ? 82  LEU A CD1 1 
ATOM   665  C  CD2 . LEU A 1 82  ? 6.759   4.433   -13.655 1.00 78.13  ? 82  LEU A CD2 1 
ATOM   666  N  N   . GLN A 1 83  ? 7.195   0.309   -15.610 1.00 121.16 ? 83  GLN A N   1 
ATOM   667  C  CA  . GLN A 1 83  ? 6.792   -1.004  -16.092 1.00 90.59  ? 83  GLN A CA  1 
ATOM   668  C  C   . GLN A 1 83  ? 5.276   -1.099  -16.020 1.00 83.51  ? 83  GLN A C   1 
ATOM   669  O  O   . GLN A 1 83  ? 4.629   -0.275  -15.375 1.00 92.82  ? 83  GLN A O   1 
ATOM   670  C  CB  . GLN A 1 83  ? 7.419   -2.115  -15.243 1.00 84.95  ? 83  GLN A CB  1 
ATOM   671  C  CG  . GLN A 1 83  ? 8.941   -2.157  -15.222 1.00 88.11  ? 83  GLN A CG  1 
ATOM   672  C  CD  . GLN A 1 83  ? 9.553   -2.325  -16.597 1.00 90.72  ? 83  GLN A CD  1 
ATOM   673  O  OE1 . GLN A 1 83  ? 8.895   -2.780  -17.532 1.00 108.77 ? 83  GLN A OE1 1 
ATOM   674  N  NE2 . GLN A 1 83  ? 10.828  -1.971  -16.724 1.00 86.77  ? 83  GLN A NE2 1 
ATOM   675  N  N   . ASP A 1 84  ? 4.714   -2.096  -16.695 1.00 80.73  ? 84  ASP A N   1 
ATOM   676  C  CA  . ASP A 1 84  ? 3.274   -2.314  -16.668 1.00 81.32  ? 84  ASP A CA  1 
ATOM   677  C  C   . ASP A 1 84  ? 2.732   -2.427  -15.246 1.00 84.02  ? 84  ASP A C   1 
ATOM   678  O  O   . ASP A 1 84  ? 3.409   -2.922  -14.345 1.00 77.92  ? 84  ASP A O   1 
ATOM   679  C  CB  . ASP A 1 84  ? 2.937   -3.590  -17.442 1.00 83.93  ? 84  ASP A CB  1 
ATOM   680  C  CG  . ASP A 1 84  ? 3.327   -3.507  -18.903 1.00 81.41  ? 84  ASP A CG  1 
ATOM   681  O  OD1 . ASP A 1 84  ? 3.663   -2.396  -19.367 1.00 102.27 ? 84  ASP A OD1 1 
ATOM   682  O  OD2 . ASP A 1 84  ? 3.323   -4.557  -19.580 1.00 82.54  ? 84  ASP A OD2 1 
ATOM   683  N  N   . ILE A 1 85  ? 1.507   -1.949  -15.054 1.00 83.19  ? 85  ILE A N   1 
ATOM   684  C  CA  . ILE A 1 85  ? 0.780   -2.136  -13.802 1.00 94.10  ? 85  ILE A CA  1 
ATOM   685  C  C   . ILE A 1 85  ? -0.166  -3.339  -13.837 1.00 91.84  ? 85  ILE A C   1 
ATOM   686  O  O   . ILE A 1 85  ? -1.172  -3.328  -14.550 1.00 83.10  ? 85  ILE A O   1 
ATOM   687  C  CB  . ILE A 1 85  ? 0.006   -0.866  -13.431 1.00 103.41 ? 85  ILE A CB  1 
ATOM   688  C  CG1 . ILE A 1 85  ? 0.955   0.335   -13.484 1.00 80.66  ? 85  ILE A CG1 1 
ATOM   689  C  CG2 . ILE A 1 85  ? -0.589  -0.998  -12.039 1.00 107.77 ? 85  ILE A CG2 1 
ATOM   690  C  CD1 . ILE A 1 85  ? 0.263   1.672   -13.459 1.00 92.08  ? 85  ILE A CD1 1 
ATOM   691  N  N   . ALA A 1 86  ? 0.162   -4.373  -13.066 1.00 84.03  ? 86  ALA A N   1 
ATOM   692  C  CA  . ALA A 1 86  ? -0.616  -5.611  -13.051 1.00 89.88  ? 86  ALA A CA  1 
ATOM   693  C  C   . ALA A 1 86  ? -2.019  -5.417  -12.476 1.00 76.14  ? 86  ALA A C   1 
ATOM   694  O  O   . ALA A 1 86  ? -2.206  -4.681  -11.508 1.00 84.00  ? 86  ALA A O   1 
ATOM   695  C  CB  . ALA A 1 86  ? 0.126   -6.684  -12.267 1.00 100.49 ? 86  ALA A CB  1 
ATOM   696  N  N   . LYS A 1 87  ? -3.000  -6.086  -13.072 1.00 73.01  ? 87  LYS A N   1 
ATOM   697  C  CA  . LYS A 1 87  ? -4.347  -6.148  -12.510 1.00 79.37  ? 87  LYS A CA  1 
ATOM   698  C  C   . LYS A 1 87  ? -4.330  -6.915  -11.194 1.00 76.84  ? 87  LYS A C   1 
ATOM   699  O  O   . LYS A 1 87  ? -3.478  -7.782  -10.990 1.00 73.90  ? 87  LYS A O   1 
ATOM   700  C  CB  . LYS A 1 87  ? -5.330  -6.806  -13.482 1.00 81.94  ? 87  LYS A CB  1 
ATOM   701  C  CG  . LYS A 1 87  ? -5.248  -8.324  -13.515 1.00 80.29  ? 87  LYS A CG  1 
ATOM   702  C  CD  . LYS A 1 87  ? -6.320  -8.926  -14.410 1.00 74.88  ? 87  LYS A CD  1 
ATOM   703  C  CE  . LYS A 1 87  ? -6.255  -10.445 -14.399 1.00 101.20 ? 87  LYS A CE  1 
ATOM   704  N  NZ  . LYS A 1 87  ? -7.375  -11.061 -15.162 1.00 96.68  ? 87  LYS A NZ  1 
ATOM   705  N  N   . PRO A 1 88  ? -5.256  -6.583  -10.283 1.00 78.21  ? 88  PRO A N   1 
ATOM   706  C  CA  . PRO A 1 88  ? -5.241  -7.213  -8.960  1.00 85.67  ? 88  PRO A CA  1 
ATOM   707  C  C   . PRO A 1 88  ? -5.506  -8.710  -9.099  1.00 93.16  ? 88  PRO A C   1 
ATOM   708  O  O   . PRO A 1 88  ? -5.968  -9.138  -10.156 1.00 92.88  ? 88  PRO A O   1 
ATOM   709  C  CB  . PRO A 1 88  ? -6.391  -6.524  -8.223  1.00 104.62 ? 88  PRO A CB  1 
ATOM   710  C  CG  . PRO A 1 88  ? -6.566  -5.213  -8.912  1.00 92.67  ? 88  PRO A CG  1 
ATOM   711  C  CD  . PRO A 1 88  ? -6.146  -5.411  -10.342 1.00 83.93  ? 88  PRO A CD  1 
ATOM   712  N  N   . ASP A 1 89  ? -5.225  -9.498  -8.067  1.00 86.38  ? 89  ASP A N   1 
ATOM   713  C  CA  . ASP A 1 89  ? -5.424  -10.936 -8.189  1.00 82.73  ? 89  ASP A CA  1 
ATOM   714  C  C   . ASP A 1 89  ? -6.892  -11.350 -8.263  1.00 84.88  ? 89  ASP A C   1 
ATOM   715  O  O   . ASP A 1 89  ? -7.208  -12.440 -8.735  1.00 130.23 ? 89  ASP A O   1 
ATOM   716  C  CB  . ASP A 1 89  ? -4.776  -11.643 -6.995  1.00 94.39  ? 89  ASP A CB  1 
ATOM   717  C  CG  . ASP A 1 89  ? -3.269  -11.748 -7.118  1.00 127.66 ? 89  ASP A CG  1 
ATOM   718  O  OD1 . ASP A 1 89  ? -2.743  -11.582 -8.238  1.00 122.46 ? 89  ASP A OD1 1 
ATOM   719  O  OD2 . ASP A 1 89  ? -2.607  -11.988 -6.085  1.00 118.93 ? 89  ASP A OD2 1 
ATOM   720  N  N   . GLU A 1 90  ? -7.783  -10.483 -7.794  1.00 82.69  ? 90  GLU A N   1 
ATOM   721  C  CA  . GLU A 1 90  ? -9.225  -10.743 -7.851  1.00 83.70  ? 90  GLU A CA  1 
ATOM   722  C  C   . GLU A 1 90  ? -10.073 -9.586  -8.396  1.00 87.65  ? 90  GLU A C   1 
ATOM   723  O  O   . GLU A 1 90  ? -9.674  -8.423  -8.322  1.00 98.14  ? 90  GLU A O   1 
ATOM   724  C  CB  . GLU A 1 90  ? -9.721  -11.177 -6.473  1.00 78.89  ? 90  GLU A CB  1 
ATOM   725  C  CG  . GLU A 1 90  ? -8.943  -12.379 -5.948  1.00 81.53  ? 90  GLU A CG  1 
ATOM   726  C  CD  . GLU A 1 90  ? -9.712  -13.199 -4.937  1.00 96.42  ? 90  GLU A CD  1 
ATOM   727  O  OE1 . GLU A 1 90  ? -10.824 -13.664 -5.266  1.00 92.68  ? 90  GLU A OE1 1 
ATOM   728  O  OE2 . GLU A 1 90  ? -9.196  -13.386 -3.815  1.00 98.62  ? 90  GLU A OE2 1 
ATOM   729  N  N   . ASP A 1 91  ? -11.242 -9.922  -8.937  1.00 84.87  ? 91  ASP A N   1 
ATOM   730  C  CA  . ASP A 1 91  ? -12.254 -8.931  -9.331  1.00 98.90  ? 91  ASP A CA  1 
ATOM   731  C  C   . ASP A 1 91  ? -13.372 -8.785  -8.286  1.00 99.37  ? 91  ASP A C   1 
ATOM   732  O  O   . ASP A 1 91  ? -13.875 -7.689  -8.068  1.00 101.05 ? 91  ASP A O   1 
ATOM   733  C  CB  . ASP A 1 91  ? -12.862 -9.251  -10.699 1.00 116.13 ? 91  ASP A CB  1 
ATOM   734  C  CG  . ASP A 1 91  ? -11.830 -9.306  -11.801 1.00 116.20 ? 91  ASP A CG  1 
ATOM   735  O  OD1 . ASP A 1 91  ? -11.090 -8.312  -11.976 1.00 111.47 ? 91  ASP A OD1 1 
ATOM   736  O  OD2 . ASP A 1 91  ? -11.779 -10.328 -12.513 1.00 115.64 ? 91  ASP A OD2 1 
ATOM   737  N  N   . ASP A 1 92  ? -13.753 -9.883  -7.647  1.00 97.29  ? 92  ASP A N   1 
ATOM   738  C  CA  . ASP A 1 92  ? -14.823 -9.888  -6.647  1.00 83.94  ? 92  ASP A CA  1 
ATOM   739  C  C   . ASP A 1 92  ? -14.177 -10.174 -5.322  1.00 80.73  ? 92  ASP A C   1 
ATOM   740  O  O   . ASP A 1 92  ? -13.596 -11.233 -5.148  1.00 80.84  ? 92  ASP A O   1 
ATOM   741  C  CB  . ASP A 1 92  ? -15.875 -10.961 -6.961  1.00 94.62  ? 92  ASP A CB  1 
ATOM   742  C  CG  . ASP A 1 92  ? -16.981 -11.064 -5.904  1.00 90.21  ? 92  ASP A CG  1 
ATOM   743  O  OD1 . ASP A 1 92  ? -16.711 -11.102 -4.676  1.00 105.50 ? 92  ASP A OD1 1 
ATOM   744  O  OD2 . ASP A 1 92  ? -18.161 -11.102 -6.327  1.00 79.42  ? 92  ASP A OD2 1 
ATOM   745  N  N   . TRP A 1 93  ? -14.263 -9.235  -4.380  1.00 81.37  ? 93  TRP A N   1 
ATOM   746  C  CA  . TRP A 1 93  ? -13.554 -9.382  -3.112  1.00 74.57  ? 93  TRP A CA  1 
ATOM   747  C  C   . TRP A 1 93  ? -14.363 -10.068 -2.013  1.00 83.42  ? 93  TRP A C   1 
ATOM   748  O  O   . TRP A 1 93  ? -13.918 -10.140 -0.866  1.00 81.04  ? 93  TRP A O   1 
ATOM   749  C  CB  . TRP A 1 93  ? -13.057 -8.022  -2.635  1.00 73.26  ? 93  TRP A CB  1 
ATOM   750  C  CG  . TRP A 1 93  ? -12.118 -7.436  -3.617  1.00 76.73  ? 93  TRP A CG  1 
ATOM   751  C  CD1 . TRP A 1 93  ? -12.416 -6.532  -4.588  1.00 77.31  ? 93  TRP A CD1 1 
ATOM   752  C  CD2 . TRP A 1 93  ? -10.724 -7.730  -3.751  1.00 74.62  ? 93  TRP A CD2 1 
ATOM   753  N  NE1 . TRP A 1 93  ? -11.293 -6.237  -5.318  1.00 87.93  ? 93  TRP A NE1 1 
ATOM   754  C  CE2 . TRP A 1 93  ? -10.238 -6.959  -4.824  1.00 78.69  ? 93  TRP A CE2 1 
ATOM   755  C  CE3 . TRP A 1 93  ? -9.836  -8.564  -3.063  1.00 75.87  ? 93  TRP A CE3 1 
ATOM   756  C  CZ2 . TRP A 1 93  ? -8.907  -6.995  -5.228  1.00 78.49  ? 93  TRP A CZ2 1 
ATOM   757  C  CZ3 . TRP A 1 93  ? -8.513  -8.600  -3.467  1.00 87.22  ? 93  TRP A CZ3 1 
ATOM   758  C  CH2 . TRP A 1 93  ? -8.062  -7.819  -4.539  1.00 82.11  ? 93  TRP A CH2 1 
ATOM   759  N  N   . GLU A 1 94  ? -15.558 -10.536 -2.361  1.00 99.88  ? 94  GLU A N   1 
ATOM   760  C  CA  . GLU A 1 94  ? -16.354 -11.385 -1.473  1.00 100.47 ? 94  GLU A CA  1 
ATOM   761  C  C   . GLU A 1 94  ? -16.998 -10.653 -0.300  1.00 75.58  ? 94  GLU A C   1 
ATOM   762  O  O   . GLU A 1 94  ? -18.201 -10.779 -0.074  1.00 81.91  ? 94  GLU A O   1 
ATOM   763  C  CB  . GLU A 1 94  ? -15.495 -12.543 -0.942  1.00 106.02 ? 94  GLU A CB  1 
ATOM   764  C  CG  . GLU A 1 94  ? -15.988 -13.929 -1.352  1.00 89.48  ? 94  GLU A CG  1 
ATOM   765  C  CD  . GLU A 1 94  ? -15.140 -15.052 -0.776  1.00 96.61  ? 94  GLU A CD  1 
ATOM   766  O  OE1 . GLU A 1 94  ? -14.546 -14.863 0.307   1.00 87.54  ? 94  GLU A OE1 1 
ATOM   767  O  OE2 . GLU A 1 94  ? -15.072 -16.127 -1.407  1.00 116.49 ? 94  GLU A OE2 1 
ATOM   768  N  N   . SER A 1 95  ? -16.209 -9.886  0.446   1.00 71.03  ? 95  SER A N   1 
ATOM   769  C  CA  . SER A 1 95  ? -16.737 -9.219  1.629   1.00 80.27  ? 95  SER A CA  1 
ATOM   770  C  C   . SER A 1 95  ? -15.802 -8.153  2.182   1.00 90.21  ? 95  SER A C   1 
ATOM   771  O  O   . SER A 1 95  ? -14.624 -8.089  1.826   1.00 82.92  ? 95  SER A O   1 
ATOM   772  C  CB  . SER A 1 95  ? -17.036 -10.243 2.724   1.00 72.14  ? 95  SER A CB  1 
ATOM   773  O  OG  . SER A 1 95  ? -15.840 -10.825 3.213   1.00 73.93  ? 95  SER A OG  1 
ATOM   774  N  N   . GLY A 1 96  ? -16.353 -7.315  3.054   1.00 80.77  ? 96  GLY A N   1 
ATOM   775  C  CA  . GLY A 1 96  ? -15.572 -6.346  3.795   1.00 68.83  ? 96  GLY A CA  1 
ATOM   776  C  C   . GLY A 1 96  ? -14.451 -7.088  4.486   1.00 69.48  ? 96  GLY A C   1 
ATOM   777  O  O   . GLY A 1 96  ? -13.307 -6.636  4.504   1.00 74.75  ? 96  GLY A O   1 
ATOM   778  N  N   . LEU A 1 97  ? -14.780 -8.244  5.046   1.00 67.45  ? 97  LEU A N   1 
ATOM   779  C  CA  . LEU A 1 97  ? -13.806 -9.014  5.795   1.00 70.98  ? 97  LEU A CA  1 
ATOM   780  C  C   . LEU A 1 97  ? -12.677 -9.554  4.928   1.00 68.18  ? 97  LEU A C   1 
ATOM   781  O  O   . LEU A 1 97  ? -11.509 -9.445  5.295   1.00 62.22  ? 97  LEU A O   1 
ATOM   782  C  CB  . LEU A 1 97  ? -14.498 -10.184 6.489   1.00 82.62  ? 97  LEU A CB  1 
ATOM   783  C  CG  . LEU A 1 97  ? -13.538 -11.189 7.123   1.00 98.92  ? 97  LEU A CG  1 
ATOM   784  C  CD1 . LEU A 1 97  ? -12.665 -10.519 8.168   1.00 80.14  ? 97  LEU A CD1 1 
ATOM   785  C  CD2 . LEU A 1 97  ? -14.299 -12.363 7.713   1.00 114.98 ? 97  LEU A CD2 1 
ATOM   786  N  N   . ASN A 1 98  ? -13.026 -10.127 3.780   1.00 72.78  ? 98  ASN A N   1 
ATOM   787  C  CA  . ASN A 1 98  ? -12.021 -10.682 2.881   1.00 77.46  ? 98  ASN A CA  1 
ATOM   788  C  C   . ASN A 1 98  ? -11.072 -9.611  2.363   1.00 87.75  ? 98  ASN A C   1 
ATOM   789  O  O   . ASN A 1 98  ? -9.869  -9.841  2.238   1.00 78.46  ? 98  ASN A O   1 
ATOM   790  C  CB  . ASN A 1 98  ? -12.674 -11.408 1.701   1.00 79.63  ? 98  ASN A CB  1 
ATOM   791  C  CG  . ASN A 1 98  ? -11.663 -12.183 0.864   1.00 93.91  ? 98  ASN A CG  1 
ATOM   792  O  OD1 . ASN A 1 98  ? -11.033 -13.122 1.348   1.00 109.31 ? 98  ASN A OD1 1 
ATOM   793  N  ND2 . ASN A 1 98  ? -11.505 -11.787 -0.395  1.00 90.52  ? 98  ASN A ND2 1 
ATOM   794  N  N   . ALA A 1 99  ? -11.621 -8.436  2.073   1.00 85.06  ? 99  ALA A N   1 
ATOM   795  C  CA  . ALA A 1 99  ? -10.817 -7.331  1.572   1.00 74.84  ? 99  ALA A CA  1 
ATOM   796  C  C   . ALA A 1 99  ? -9.814  -6.825  2.598   1.00 77.21  ? 99  ALA A C   1 
ATOM   797  O  O   . ALA A 1 99  ? -8.657  -6.576  2.263   1.00 77.37  ? 99  ALA A O   1 
ATOM   798  C  CB  . ALA A 1 99  ? -11.720 -6.192  1.119   1.00 63.30  ? 99  ALA A CB  1 
ATOM   799  N  N   . MET A 1 100 ? -10.251 -6.661  3.841   1.00 73.27  ? 100 MET A N   1 
ATOM   800  C  CA  . MET A 1 100 ? -9.327  -6.229  4.883   1.00 75.94  ? 100 MET A CA  1 
ATOM   801  C  C   . MET A 1 100 ? -8.178  -7.206  5.080   1.00 77.47  ? 100 MET A C   1 
ATOM   802  O  O   . MET A 1 100 ? -7.036  -6.792  5.279   1.00 74.53  ? 100 MET A O   1 
ATOM   803  C  CB  . MET A 1 100 ? -10.067 -6.024  6.204   1.00 78.75  ? 100 MET A CB  1 
ATOM   804  C  CG  . MET A 1 100 ? -11.032 -4.863  6.162   1.00 91.08  ? 100 MET A CG  1 
ATOM   805  S  SD  . MET A 1 100 ? -10.128 -3.307  6.158   1.00 84.11  ? 100 MET A SD  1 
ATOM   806  C  CE  . MET A 1 100 ? -11.469 -2.141  5.962   1.00 87.24  ? 100 MET A CE  1 
ATOM   807  N  N   . GLU A 1 101 ? -8.475  -8.499  5.011   1.00 89.19  ? 101 GLU A N   1 
ATOM   808  C  CA  . GLU A 1 101 ? -7.429  -9.511  5.092   1.00 83.32  ? 101 GLU A CA  1 
ATOM   809  C  C   . GLU A 1 101 ? -6.460  -9.430  3.917   1.00 78.02  ? 101 GLU A C   1 
ATOM   810  O  O   . GLU A 1 101 ? -5.246  -9.516  4.094   1.00 83.04  ? 101 GLU A O   1 
ATOM   811  C  CB  . GLU A 1 101 ? -8.036  -10.914 5.163   1.00 83.43  ? 101 GLU A CB  1 
ATOM   812  C  CG  . GLU A 1 101 ? -8.733  -11.225 6.475   1.00 90.80  ? 101 GLU A CG  1 
ATOM   813  C  CD  . GLU A 1 101 ? -9.400  -12.585 6.460   1.00 98.06  ? 101 GLU A CD  1 
ATOM   814  O  OE1 . GLU A 1 101 ? -9.704  -13.080 5.356   1.00 104.42 ? 101 GLU A OE1 1 
ATOM   815  O  OE2 . GLU A 1 101 ? -9.631  -13.149 7.552   1.00 114.41 ? 101 GLU A OE2 1 
ATOM   816  N  N   . ALA A 1 102 ? -7.006  -9.265  2.718   1.00 74.74  ? 102 ALA A N   1 
ATOM   817  C  CA  . ALA A 1 102 ? -6.194  -9.080  1.523   1.00 74.65  ? 102 ALA A CA  1 
ATOM   818  C  C   . ALA A 1 102 ? -5.354  -7.809  1.579   1.00 74.99  ? 102 ALA A C   1 
ATOM   819  O  O   . ALA A 1 102 ? -4.193  -7.802  1.165   1.00 68.51  ? 102 ALA A O   1 
ATOM   820  C  CB  . ALA A 1 102 ? -7.079  -9.068  0.285   1.00 78.14  ? 102 ALA A CB  1 
ATOM   821  N  N   . ALA A 1 103 ? -5.934  -6.747  2.129   1.00 73.26  ? 103 ALA A N   1 
ATOM   822  C  CA  . ALA A 1 103 ? -5.201  -5.507  2.343   1.00 70.35  ? 103 ALA A CA  1 
ATOM   823  C  C   . ALA A 1 103 ? -4.086  -5.662  3.366   1.00 80.32  ? 103 ALA A C   1 
ATOM   824  O  O   . ALA A 1 103 ? -2.988  -5.140  3.177   1.00 89.42  ? 103 ALA A O   1 
ATOM   825  C  CB  . ALA A 1 103 ? -6.159  -4.407  2.774   1.00 62.31  ? 103 ALA A CB  1 
ATOM   826  N  N   . LEU A 1 104 ? -4.368  -6.376  4.450   1.00 76.09  ? 104 LEU A N   1 
ATOM   827  C  CA  . LEU A 1 104 ? -3.337  -6.717  5.420   1.00 70.91  ? 104 LEU A CA  1 
ATOM   828  C  C   . LEU A 1 104 ? -2.165  -7.429  4.750   1.00 74.14  ? 104 LEU A C   1 
ATOM   829  O  O   . LEU A 1 104 ? -1.006  -7.059  4.938   1.00 73.84  ? 104 LEU A O   1 
ATOM   830  C  CB  . LEU A 1 104 ? -3.924  -7.591  6.532   1.00 66.16  ? 104 LEU A CB  1 
ATOM   831  C  CG  . LEU A 1 104 ? -2.974  -8.089  7.623   1.00 58.55  ? 104 LEU A CG  1 
ATOM   832  C  CD1 . LEU A 1 104 ? -2.317  -6.926  8.340   1.00 63.48  ? 104 LEU A CD1 1 
ATOM   833  C  CD2 . LEU A 1 104 ? -3.716  -8.974  8.614   1.00 69.08  ? 104 LEU A CD2 1 
ATOM   834  N  N   . HIS A 1 105 ? -2.490  -8.442  3.953   1.00 78.07  ? 105 HIS A N   1 
ATOM   835  C  CA  . HIS A 1 105 ? -1.512  -9.208  3.187   1.00 90.38  ? 105 HIS A CA  1 
ATOM   836  C  C   . HIS A 1 105 ? -0.682  -8.379  2.211   1.00 94.37  ? 105 HIS A C   1 
ATOM   837  O  O   . HIS A 1 105 ? 0.541   -8.535  2.125   1.00 94.05  ? 105 HIS A O   1 
ATOM   838  C  CB  . HIS A 1 105 ? -2.219  -10.323 2.414   1.00 93.24  ? 105 HIS A CB  1 
ATOM   839  C  CG  . HIS A 1 105 ? -1.288  -11.205 1.643   1.00 114.68 ? 105 HIS A CG  1 
ATOM   840  N  ND1 . HIS A 1 105 ? -0.875  -10.912 0.361   1.00 127.18 ? 105 HIS A ND1 1 
ATOM   841  C  CD2 . HIS A 1 105 ? -0.688  -12.373 1.974   1.00 99.68  ? 105 HIS A CD2 1 
ATOM   842  C  CE1 . HIS A 1 105 ? -0.061  -11.862 -0.065  1.00 111.47 ? 105 HIS A CE1 1 
ATOM   843  N  NE2 . HIS A 1 105 ? 0.069   -12.760 0.895   1.00 117.35 ? 105 HIS A NE2 1 
ATOM   844  N  N   . LEU A 1 106 ? -1.354  -7.495  1.484   1.00 75.66  ? 106 LEU A N   1 
ATOM   845  C  CA  . LEU A 1 106 ? -0.687  -6.574  0.572   1.00 73.95  ? 106 LEU A CA  1 
ATOM   846  C  C   . LEU A 1 106 ? 0.325   -5.682  1.267   1.00 75.20  ? 106 LEU A C   1 
ATOM   847  O  O   . LEU A 1 106 ? 1.446   -5.518  0.793   1.00 75.49  ? 106 LEU A O   1 
ATOM   848  C  CB  . LEU A 1 106 ? -1.724  -5.717  -0.151  1.00 58.20  ? 106 LEU A CB  1 
ATOM   849  C  CG  . LEU A 1 106 ? -1.177  -4.534  -0.946  1.00 66.20  ? 106 LEU A CG  1 
ATOM   850  C  CD1 . LEU A 1 106 ? -0.422  -5.010  -2.165  1.00 69.39  ? 106 LEU A CD1 1 
ATOM   851  C  CD2 . LEU A 1 106 ? -2.316  -3.615  -1.354  1.00 106.84 ? 106 LEU A CD2 1 
ATOM   852  N  N   . GLU A 1 107 ? -0.054  -5.103  2.391   1.00 75.57  ? 107 GLU A N   1 
ATOM   853  C  CA  . GLU A 1 107 ? 0.853   -4.182  3.050   1.00 82.45  ? 107 GLU A CA  1 
ATOM   854  C  C   . GLU A 1 107 ? 2.068   -4.914  3.636   1.00 93.27  ? 107 GLU A C   1 
ATOM   855  O  O   . GLU A 1 107 ? 3.180   -4.406  3.544   1.00 116.82 ? 107 GLU A O   1 
ATOM   856  C  CB  . GLU A 1 107 ? 0.141   -3.380  4.135   1.00 90.50  ? 107 GLU A CB  1 
ATOM   857  C  CG  . GLU A 1 107 ? -0.932  -2.418  3.625   1.00 92.50  ? 107 GLU A CG  1 
ATOM   858  C  CD  . GLU A 1 107 ? -0.336  -1.180  2.958   1.00 82.20  ? 107 GLU A CD  1 
ATOM   859  O  OE1 . GLU A 1 107 ? 0.901   -1.070  2.917   1.00 102.24 ? 107 GLU A OE1 1 
ATOM   860  O  OE2 . GLU A 1 107 ? -1.113  -0.318  2.479   1.00 57.01  ? 107 GLU A OE2 1 
ATOM   861  N  N   . LYS A 1 108 ? 1.875   -6.155  4.075   1.00 72.07  ? 108 LYS A N   1 
ATOM   862  C  CA  . LYS A 1 108 ? 2.999   -6.947  4.569   1.00 72.73  ? 108 LYS A CA  1 
ATOM   863  C  C   . LYS A 1 108 ? 3.959   -7.231  3.432   1.00 83.19  ? 108 LYS A C   1 
ATOM   864  O  O   . LYS A 1 108 ? 5.181   -7.267  3.624   1.00 81.68  ? 108 LYS A O   1 
ATOM   865  C  CB  . LYS A 1 108 ? 2.484   -8.278  5.150   1.00 84.02  ? 108 LYS A CB  1 
ATOM   866  C  CG  . LYS A 1 108 ? 1.555   -8.133  6.356   1.00 86.61  ? 108 LYS A CG  1 
ATOM   867  C  CD  . LYS A 1 108 ? 0.982   -9.452  6.937   1.00 104.09 ? 108 LYS A CD  1 
ATOM   868  C  CE  . LYS A 1 108 ? 1.975   -10.137 7.914   1.00 106.04 ? 108 LYS A CE  1 
ATOM   869  N  NZ  . LYS A 1 108 ? 1.288   -11.336 8.496   1.00 97.45  ? 108 LYS A NZ  1 
ATOM   870  N  N   . ASN A 1 109 ? 3.410   -7.402  2.239   1.00 76.10  ? 109 ASN A N   1 
ATOM   871  C  CA  . ASN A 1 109 ? 4.192   -7.526  1.009   1.00 80.73  ? 109 ASN A CA  1 
ATOM   872  C  C   . ASN A 1 109 ? 4.956   -6.256  0.683   1.00 82.81  ? 109 ASN A C   1 
ATOM   873  O  O   . ASN A 1 109 ? 6.175   -6.277  0.482   1.00 75.58  ? 109 ASN A O   1 
ATOM   874  C  CB  . ASN A 1 109 ? 3.269   -7.893  -0.161  1.00 84.13  ? 109 ASN A CB  1 
ATOM   875  C  CG  . ASN A 1 109 ? 4.028   -8.318  -1.412  1.00 116.72 ? 109 ASN A CG  1 
ATOM   876  O  OD1 . ASN A 1 109 ? 5.251   -8.465  -1.404  1.00 116.03 ? 109 ASN A OD1 1 
ATOM   877  N  ND2 . ASN A 1 109 ? 3.293   -8.502  -2.503  1.00 111.44 ? 109 ASN A ND2 1 
ATOM   878  N  N   . VAL A 1 110 ? 4.234   -5.145  0.620   1.00 83.07  ? 110 VAL A N   1 
ATOM   879  C  CA  . VAL A 1 110 ? 4.869   -3.855  0.408   1.00 81.80  ? 110 VAL A CA  1 
ATOM   880  C  C   . VAL A 1 110 ? 5.873   -3.518  1.503   1.00 77.97  ? 110 VAL A C   1 
ATOM   881  O  O   . VAL A 1 110 ? 6.976   -3.062  1.210   1.00 78.77  ? 110 VAL A O   1 
ATOM   882  C  CB  . VAL A 1 110 ? 3.821   -2.725  0.337   1.00 89.12  ? 110 VAL A CB  1 
ATOM   883  C  CG1 . VAL A 1 110 ? 4.508   -1.361  0.346   1.00 100.30 ? 110 VAL A CG1 1 
ATOM   884  C  CG2 . VAL A 1 110 ? 2.943   -2.888  -0.895  1.00 82.30  ? 110 VAL A CG2 1 
ATOM   885  N  N   . ASN A 1 111 ? 5.502   -3.747  2.760   1.00 74.22  ? 111 ASN A N   1 
ATOM   886  C  CA  . ASN A 1 111 ? 6.444   -3.507  3.848   1.00 76.48  ? 111 ASN A CA  1 
ATOM   887  C  C   . ASN A 1 111 ? 7.722   -4.340  3.829   1.00 85.84  ? 111 ASN A C   1 
ATOM   888  O  O   . ASN A 1 111 ? 8.804   -3.804  4.061   1.00 96.98  ? 111 ASN A O   1 
ATOM   889  C  CB  . ASN A 1 111 ? 5.742   -3.732  5.189   1.00 82.46  ? 111 ASN A CB  1 
ATOM   890  C  CG  . ASN A 1 111 ? 6.514   -3.149  6.359   1.00 94.23  ? 111 ASN A CG  1 
ATOM   891  O  OD1 . ASN A 1 111 ? 7.138   -2.093  6.244   1.00 109.02 ? 111 ASN A OD1 1 
ATOM   892  N  ND2 . ASN A 1 111 ? 6.487   -3.842  7.489   1.00 88.20  ? 111 ASN A ND2 1 
ATOM   893  N  N   . GLN A 1 112 ? 7.610   -5.638  3.556   1.00 97.52  ? 112 GLN A N   1 
ATOM   894  C  CA  . GLN A 1 112 ? 8.803   -6.478  3.466   1.00 109.07 ? 112 GLN A CA  1 
ATOM   895  C  C   . GLN A 1 112 ? 9.753   -6.002  2.375   1.00 85.92  ? 112 GLN A C   1 
ATOM   896  O  O   . GLN A 1 112 ? 10.972  -6.018  2.544   1.00 89.66  ? 112 GLN A O   1 
ATOM   897  C  CB  . GLN A 1 112 ? 8.462   -7.950  3.245   1.00 101.03 ? 112 GLN A CB  1 
ATOM   898  C  CG  . GLN A 1 112 ? 9.724   -8.800  3.126   1.00 96.68  ? 112 GLN A CG  1 
ATOM   899  C  CD  . GLN A 1 112 ? 9.468   -10.215 2.670   1.00 106.83 ? 112 GLN A CD  1 
ATOM   900  O  OE1 . GLN A 1 112 ? 8.398   -10.533 2.155   1.00 119.20 ? 112 GLN A OE1 1 
ATOM   901  N  NE2 . GLN A 1 112 ? 10.453  -11.084 2.870   1.00 115.38 ? 112 GLN A NE2 1 
ATOM   902  N  N   . SER A 1 113 ? 9.178   -5.569  1.261   1.00 77.78  ? 113 SER A N   1 
ATOM   903  C  CA  . SER A 1 113 ? 9.962   -5.114  0.123   1.00 76.40  ? 113 SER A CA  1 
ATOM   904  C  C   . SER A 1 113 ? 10.722  -3.858  0.494   1.00 78.68  ? 113 SER A C   1 
ATOM   905  O  O   . SER A 1 113 ? 11.862  -3.657  0.076   1.00 77.52  ? 113 SER A O   1 
ATOM   906  C  CB  . SER A 1 113 ? 9.063   -4.855  -1.084  1.00 73.40  ? 113 SER A CB  1 
ATOM   907  O  OG  . SER A 1 113 ? 9.775   -4.186  -2.108  1.00 73.43  ? 113 SER A OG  1 
ATOM   908  N  N   . LEU A 1 114 ? 10.074  -3.009  1.276   1.00 84.30  ? 114 LEU A N   1 
ATOM   909  C  CA  . LEU A 1 114 ? 10.703  -1.785  1.728   1.00 77.74  ? 114 LEU A CA  1 
ATOM   910  C  C   . LEU A 1 114 ? 11.831  -2.112  2.707   1.00 86.43  ? 114 LEU A C   1 
ATOM   911  O  O   . LEU A 1 114 ? 12.909  -1.518  2.642   1.00 92.60  ? 114 LEU A O   1 
ATOM   912  C  CB  . LEU A 1 114 ? 9.661   -0.874  2.375   1.00 74.74  ? 114 LEU A CB  1 
ATOM   913  C  CG  . LEU A 1 114 ? 8.703   -0.206  1.388   1.00 76.59  ? 114 LEU A CG  1 
ATOM   914  C  CD1 . LEU A 1 114 ? 7.421   0.243   2.079   1.00 82.93  ? 114 LEU A CD1 1 
ATOM   915  C  CD2 . LEU A 1 114 ? 9.385   0.963   0.701   1.00 101.38 ? 114 LEU A CD2 1 
ATOM   916  N  N   . LEU A 1 115 ? 11.577  -3.066  3.603   1.00 83.37  ? 115 LEU A N   1 
ATOM   917  C  CA  . LEU A 1 115 ? 12.604  -3.569  4.517   1.00 75.22  ? 115 LEU A CA  1 
ATOM   918  C  C   . LEU A 1 115 ? 13.768  -4.202  3.774   1.00 82.33  ? 115 LEU A C   1 
ATOM   919  O  O   . LEU A 1 115 ? 14.917  -4.110  4.199   1.00 80.10  ? 115 LEU A O   1 
ATOM   920  C  CB  . LEU A 1 115 ? 12.008  -4.594  5.481   1.00 65.66  ? 115 LEU A CB  1 
ATOM   921  C  CG  . LEU A 1 115 ? 10.961  -4.117  6.481   1.00 75.93  ? 115 LEU A CG  1 
ATOM   922  C  CD1 . LEU A 1 115 ? 10.374  -5.307  7.216   1.00 77.63  ? 115 LEU A CD1 1 
ATOM   923  C  CD2 . LEU A 1 115 ? 11.576  -3.131  7.460   1.00 97.77  ? 115 LEU A CD2 1 
ATOM   924  N  N   . GLU A 1 116 ? 13.469  -4.838  2.650   1.00 96.00  ? 116 GLU A N   1 
ATOM   925  C  CA  . GLU A 1 116 ? 14.530  -5.400  1.834   1.00 86.00  ? 116 GLU A CA  1 
ATOM   926  C  C   . GLU A 1 116 ? 15.272  -4.280  1.150   1.00 88.73  ? 116 GLU A C   1 
ATOM   927  O  O   . GLU A 1 116 ? 16.484  -4.347  0.972   1.00 88.03  ? 116 GLU A O   1 
ATOM   928  C  CB  . GLU A 1 116 ? 14.037  -6.362  0.781   1.00 97.28  ? 116 GLU A CB  1 
ATOM   929  C  CG  . GLU A 1 116 ? 15.137  -6.614  -0.238  1.00 122.52 ? 116 GLU A CG  1 
ATOM   930  C  CD  . GLU A 1 116 ? 14.949  -5.814  -1.510  1.00 145.07 ? 116 GLU A CD  1 
ATOM   931  O  OE1 . GLU A 1 116 ? 14.115  -4.879  -1.535  1.00 135.80 ? 116 GLU A OE1 1 
ATOM   932  O  OE2 . GLU A 1 116 ? 15.610  -6.169  -2.520  1.00 132.63 ? 116 GLU A OE2 1 
ATOM   933  N  N   . LEU A 1 117 ? 14.524  -3.260  0.746   1.00 85.60  ? 117 LEU A N   1 
ATOM   934  C  CA  . LEU A 1 117 ? 15.106  -2.056  0.176   1.00 81.53  ? 117 LEU A CA  1 
ATOM   935  C  C   . LEU A 1 117 ? 16.057  -1.399  1.167   1.00 82.37  ? 117 LEU A C   1 
ATOM   936  O  O   . LEU A 1 117 ? 17.164  -1.006  0.797   1.00 94.17  ? 117 LEU A O   1 
ATOM   937  C  CB  . LEU A 1 117 ? 14.008  -1.069  -0.230  1.00 80.34  ? 117 LEU A CB  1 
ATOM   938  C  CG  . LEU A 1 117 ? 14.286  -0.087  -1.371  1.00 87.90  ? 117 LEU A CG  1 
ATOM   939  C  CD1 . LEU A 1 117 ? 15.683  -0.282  -1.932  1.00 79.17  ? 117 LEU A CD1 1 
ATOM   940  C  CD2 . LEU A 1 117 ? 13.240  -0.212  -2.467  1.00 101.22 ? 117 LEU A CD2 1 
ATOM   941  N  N   . HIS A 1 118 ? 15.632  -1.286  2.422   1.00 83.08  ? 118 HIS A N   1 
ATOM   942  C  CA  . HIS A 1 118 ? 16.481  -0.724  3.473   1.00 87.30  ? 118 HIS A CA  1 
ATOM   943  C  C   . HIS A 1 118 ? 17.752  -1.546  3.668   1.00 88.84  ? 118 HIS A C   1 
ATOM   944  O  O   . HIS A 1 118 ? 18.832  -0.988  3.870   1.00 86.66  ? 118 HIS A O   1 
ATOM   945  C  CB  . HIS A 1 118 ? 15.724  -0.618  4.795   1.00 88.08  ? 118 HIS A CB  1 
ATOM   946  C  CG  . HIS A 1 118 ? 16.505  0.054   5.880   1.00 95.07  ? 118 HIS A CG  1 
ATOM   947  N  ND1 . HIS A 1 118 ? 17.428  -0.617  6.655   1.00 118.52 ? 118 HIS A ND1 1 
ATOM   948  C  CD2 . HIS A 1 118 ? 16.520  1.340   6.306   1.00 83.70  ? 118 HIS A CD2 1 
ATOM   949  C  CE1 . HIS A 1 118 ? 17.967  0.224   7.521   1.00 121.78 ? 118 HIS A CE1 1 
ATOM   950  N  NE2 . HIS A 1 118 ? 17.434  1.417   7.330   1.00 102.25 ? 118 HIS A NE2 1 
ATOM   951  N  N   . LYS A 1 119 ? 17.619  -2.868  3.637   1.00 89.92  ? 119 LYS A N   1 
ATOM   952  C  CA  . LYS A 1 119 ? 18.784  -3.732  3.784   1.00 95.95  ? 119 LYS A CA  1 
ATOM   953  C  C   . LYS A 1 119 ? 19.781  -3.451  2.674   1.00 90.52  ? 119 LYS A C   1 
ATOM   954  O  O   . LYS A 1 119 ? 20.976  -3.315  2.926   1.00 103.41 ? 119 LYS A O   1 
ATOM   955  C  CB  . LYS A 1 119 ? 18.381  -5.210  3.762   1.00 92.15  ? 119 LYS A CB  1 
ATOM   956  C  CG  . LYS A 1 119 ? 19.479  -6.192  4.205   1.00 95.99  ? 119 LYS A CG  1 
ATOM   957  C  CD  . LYS A 1 119 ? 20.590  -5.558  5.037   1.00 102.34 ? 119 LYS A CD  1 
ATOM   958  C  CE  . LYS A 1 119 ? 21.231  -6.573  5.979   1.00 90.63  ? 119 LYS A CE  1 
ATOM   959  N  NZ  . LYS A 1 119 ? 22.694  -6.720  5.699   1.00 87.89  ? 119 LYS A NZ  1 
ATOM   960  N  N   . LEU A 1 120 ? 19.281  -3.359  1.447   1.00 80.40  ? 120 LEU A N   1 
ATOM   961  C  CA  . LEU A 1 120 ? 20.124  -3.023  0.308   1.00 84.96  ? 120 LEU A CA  1 
ATOM   962  C  C   . LEU A 1 120 ? 20.796  -1.665  0.462   1.00 90.74  ? 120 LEU A C   1 
ATOM   963  O  O   . LEU A 1 120 ? 21.983  -1.514  0.187   1.00 109.21 ? 120 LEU A O   1 
ATOM   964  C  CB  . LEU A 1 120 ? 19.315  -3.039  -0.986  1.00 86.32  ? 120 LEU A CB  1 
ATOM   965  C  CG  . LEU A 1 120 ? 20.071  -2.564  -2.231  1.00 82.99  ? 120 LEU A CG  1 
ATOM   966  C  CD1 . LEU A 1 120 ? 21.211  -3.510  -2.589  1.00 111.01 ? 120 LEU A CD1 1 
ATOM   967  C  CD2 . LEU A 1 120 ? 19.116  -2.402  -3.401  1.00 92.10  ? 120 LEU A CD2 1 
ATOM   968  N  N   . ALA A 1 121 ? 20.019  -0.680  0.899   1.00 95.83  ? 121 ALA A N   1 
ATOM   969  C  CA  . ALA A 1 121 ? 20.541  0.652   1.166   1.00 96.86  ? 121 ALA A CA  1 
ATOM   970  C  C   . ALA A 1 121 ? 21.617  0.612   2.223   1.00 93.94  ? 121 ALA A C   1 
ATOM   971  O  O   . ALA A 1 121 ? 22.677  1.217   2.078   1.00 113.14 ? 121 ALA A O   1 
ATOM   972  C  CB  . ALA A 1 121 ? 19.421  1.583   1.605   1.00 113.72 ? 121 ALA A CB  1 
ATOM   973  N  N   . HIS A 1 122 ? 21.342  -0.099  3.302   1.00 85.46  ? 122 HIS A N   1 
ATOM   974  C  CA  . HIS A 1 122 ? 22.343  -0.254  4.327   1.00 83.21  ? 122 HIS A CA  1 
ATOM   975  C  C   . HIS A 1 122 ? 23.612  -0.985  3.915   1.00 92.01  ? 122 HIS A C   1 
ATOM   976  O  O   . HIS A 1 122 ? 24.712  -0.594  4.302   1.00 90.84  ? 122 HIS A O   1 
ATOM   977  C  CB  . HIS A 1 122 ? 21.742  -0.958  5.521   1.00 85.21  ? 122 HIS A CB  1 
ATOM   978  C  CG  . HIS A 1 122 ? 22.696  -1.043  6.656   1.00 86.03  ? 122 HIS A CG  1 
ATOM   979  N  ND1 . HIS A 1 122 ? 23.134  0.068   7.343   1.00 109.38 ? 122 HIS A ND1 1 
ATOM   980  C  CD2 . HIS A 1 122 ? 23.335  -2.104  7.198   1.00 74.17  ? 122 HIS A CD2 1 
ATOM   981  C  CE1 . HIS A 1 122 ? 23.993  -0.311  8.271   1.00 93.03  ? 122 HIS A CE1 1 
ATOM   982  N  NE2 . HIS A 1 122 ? 24.129  -1.623  8.206   1.00 72.07  ? 122 HIS A NE2 1 
ATOM   983  N  N   . ASP A 1 123 ? 23.451  -2.050  3.141   1.00 98.05  ? 123 ASP A N   1 
ATOM   984  C  CA  . ASP A 1 123 ? 24.590  -2.783  2.624   1.00 87.89  ? 123 ASP A CA  1 
ATOM   985  C  C   . ASP A 1 123 ? 25.440  -1.890  1.742   1.00 83.59  ? 123 ASP A C   1 
ATOM   986  O  O   . ASP A 1 123 ? 26.660  -2.046  1.682   1.00 105.41 ? 123 ASP A O   1 
ATOM   987  C  CB  . ASP A 1 123 ? 24.129  -4.030  1.885   1.00 86.88  ? 123 ASP A CB  1 
ATOM   988  C  CG  . ASP A 1 123 ? 23.642  -5.100  2.833   1.00 96.11  ? 123 ASP A CG  1 
ATOM   989  O  OD1 . ASP A 1 123 ? 24.289  -5.301  3.882   1.00 91.04  ? 123 ASP A OD1 1 
ATOM   990  O  OD2 . ASP A 1 123 ? 22.595  -5.718  2.550   1.00 120.28 ? 123 ASP A OD2 1 
ATOM   991  N  N   . LYS A 1 124 ? 24.801  -0.964  1.042   1.00 77.68  ? 124 LYS A N   1 
ATOM   992  C  CA  . LYS A 1 124 ? 25.582  -0.038  0.255   1.00 77.86  ? 124 LYS A CA  1 
ATOM   993  C  C   . LYS A 1 124 ? 25.959  1.239   1.023   1.00 89.02  ? 124 LYS A C   1 
ATOM   994  O  O   . LYS A 1 124 ? 26.554  2.176   0.478   1.00 89.07  ? 124 LYS A O   1 
ATOM   995  C  CB  . LYS A 1 124 ? 24.771  0.308   -0.977  1.00 83.34  ? 124 LYS A CB  1 
ATOM   996  C  CG  . LYS A 1 124 ? 25.403  1.336   -1.800  1.00 107.52 ? 124 LYS A CG  1 
ATOM   997  C  CD  . LYS A 1 124 ? 24.467  2.437   -2.065  1.00 122.62 ? 124 LYS A CD  1 
ATOM   998  C  CE  . LYS A 1 124 ? 25.146  3.364   -2.985  1.00 114.86 ? 124 LYS A CE  1 
ATOM   999  N  NZ  . LYS A 1 124 ? 24.180  4.388   -3.323  1.00 106.99 ? 124 LYS A NZ  1 
ATOM   1000 N  N   . ASN A 1 125 ? 25.656  1.241   2.310   1.00 100.33 ? 125 ASN A N   1 
ATOM   1001 C  CA  . ASN A 1 125 ? 25.930  2.384   3.174   1.00 113.67 ? 125 ASN A CA  1 
ATOM   1002 C  C   . ASN A 1 125 ? 25.442  3.712   2.610   1.00 117.46 ? 125 ASN A C   1 
ATOM   1003 O  O   . ASN A 1 125 ? 26.025  4.712   2.996   1.00 126.11 ? 125 ASN A O   1 
ATOM   1004 C  CB  . ASN A 1 125 ? 27.444  2.516   3.357   1.00 91.27  ? 125 ASN A CB  1 
ATOM   1005 C  CG  . ASN A 1 125 ? 28.103  1.246   3.842   1.00 95.51  ? 125 ASN A CG  1 
ATOM   1006 O  OD1 . ASN A 1 125 ? 27.748  0.660   4.850   1.00 113.88 ? 125 ASN A OD1 1 
ATOM   1007 N  ND2 . ASN A 1 125 ? 29.109  0.805   3.064   1.00 98.41  ? 125 ASN A ND2 1 
ATOM   1008 N  N   . ASP A 1 126 ? 24.190  3.777   2.199   1.00 116.69 ? 126 ASP A N   1 
ATOM   1009 C  CA  . ASP A 1 126 ? 23.547  4.966   1.600   1.00 95.91  ? 126 ASP A CA  1 
ATOM   1010 C  C   . ASP A 1 126 ? 22.582  5.410   2.615   1.00 104.65 ? 126 ASP A C   1 
ATOM   1011 O  O   . ASP A 1 126 ? 21.406  5.089   2.554   1.00 96.72  ? 126 ASP A O   1 
ATOM   1012 C  CB  . ASP A 1 126 ? 22.821  4.647   0.253   1.00 91.21  ? 126 ASP A CB  1 
ATOM   1013 C  CG  . ASP A 1 126 ? 22.242  5.903   -0.418  1.00 83.75  ? 126 ASP A CG  1 
ATOM   1014 O  OD1 . ASP A 1 126 ? 22.123  6.933   0.284   1.00 84.10  ? 126 ASP A OD1 1 
ATOM   1015 O  OD2 . ASP A 1 126 ? 21.845  5.853   -1.602  1.00 74.83  ? 126 ASP A OD2 1 
ATOM   1016 N  N   . PRO A 1 127 ? 23.093  6.194   3.585   1.00 95.93  ? 127 PRO A N   1 
ATOM   1017 C  CA  . PRO A 1 127 ? 22.259  6.550   4.738   1.00 85.58  ? 127 PRO A CA  1 
ATOM   1018 C  C   . PRO A 1 127 ? 21.138  7.506   4.408   1.00 82.53  ? 127 PRO A C   1 
ATOM   1019 O  O   . PRO A 1 127 ? 20.144  7.531   5.131   1.00 79.56  ? 127 PRO A O   1 
ATOM   1020 C  CB  . PRO A 1 127 ? 23.236  7.289   5.666   1.00 83.52  ? 127 PRO A CB  1 
ATOM   1021 C  CG  . PRO A 1 127 ? 24.298  7.788   4.755   1.00 86.96  ? 127 PRO A CG  1 
ATOM   1022 C  CD  . PRO A 1 127 ? 24.458  6.738   3.725   1.00 91.58  ? 127 PRO A CD  1 
ATOM   1023 N  N   . HIS A 1 128 ? 21.282  8.256   3.321   1.00 83.63  ? 128 HIS A N   1 
ATOM   1024 C  CA  . HIS A 1 128 ? 20.234  9.158   2.874   1.00 82.65  ? 128 HIS A CA  1 
ATOM   1025 C  C   . HIS A 1 128 ? 19.020  8.325   2.517   1.00 74.69  ? 128 HIS A C   1 
ATOM   1026 O  O   . HIS A 1 128 ? 17.891  8.628   2.906   1.00 79.23  ? 128 HIS A O   1 
ATOM   1027 C  CB  . HIS A 1 128 ? 20.681  9.996   1.683   1.00 77.12  ? 128 HIS A CB  1 
ATOM   1028 C  CG  . HIS A 1 128 ? 19.566  10.757  1.042   1.00 81.40  ? 128 HIS A CG  1 
ATOM   1029 N  ND1 . HIS A 1 128 ? 18.930  10.327  -0.102  1.00 85.52  ? 128 HIS A ND1 1 
ATOM   1030 C  CD2 . HIS A 1 128 ? 18.959  11.914  1.398   1.00 90.71  ? 128 HIS A CD2 1 
ATOM   1031 C  CE1 . HIS A 1 128 ? 17.987  11.192  -0.431  1.00 88.00  ? 128 HIS A CE1 1 
ATOM   1032 N  NE2 . HIS A 1 128 ? 17.985  12.164  0.463   1.00 100.31 ? 128 HIS A NE2 1 
ATOM   1033 N  N   . LEU A 1 129 ? 19.274  7.265   1.766   1.00 70.06  ? 129 LEU A N   1 
ATOM   1034 C  CA  . LEU A 1 129 ? 18.226  6.364   1.343   1.00 74.42  ? 129 LEU A CA  1 
ATOM   1035 C  C   . LEU A 1 129 ? 17.652  5.625   2.547   1.00 74.96  ? 129 LEU A C   1 
ATOM   1036 O  O   . LEU A 1 129 ? 16.434  5.479   2.662   1.00 69.53  ? 129 LEU A O   1 
ATOM   1037 C  CB  . LEU A 1 129 ? 18.770  5.375   0.308   1.00 77.23  ? 129 LEU A CB  1 
ATOM   1038 C  CG  . LEU A 1 129 ? 17.819  4.323   -0.267  1.00 77.24  ? 129 LEU A CG  1 
ATOM   1039 C  CD1 . LEU A 1 129 ? 16.584  4.961   -0.878  1.00 72.18  ? 129 LEU A CD1 1 
ATOM   1040 C  CD2 . LEU A 1 129 ? 18.544  3.469   -1.298  1.00 101.51 ? 129 LEU A CD2 1 
ATOM   1041 N  N   . ALA A 1 130 ? 18.513  5.152   3.443   1.00 71.01  ? 130 ALA A N   1 
ATOM   1042 C  CA  . ALA A 1 130 ? 18.022  4.467   4.638   1.00 76.28  ? 130 ALA A CA  1 
ATOM   1043 C  C   . ALA A 1 130 ? 17.085  5.300   5.514   1.00 81.86  ? 130 ALA A C   1 
ATOM   1044 O  O   . ALA A 1 130 ? 16.061  4.791   5.979   1.00 83.36  ? 130 ALA A O   1 
ATOM   1045 C  CB  . ALA A 1 130 ? 19.202  3.999   5.470   1.00 79.92  ? 130 ALA A CB  1 
ATOM   1046 N  N   . ASP A 1 131 ? 17.415  6.576   5.717   1.00 78.12  ? 131 ASP A N   1 
ATOM   1047 C  CA  . ASP A 1 131 ? 16.572  7.463   6.519   1.00 79.76  ? 131 ASP A CA  1 
ATOM   1048 C  C   . ASP A 1 131 ? 15.301  7.870   5.791   1.00 74.24  ? 131 ASP A C   1 
ATOM   1049 O  O   . ASP A 1 131 ? 14.249  8.047   6.410   1.00 79.24  ? 131 ASP A O   1 
ATOM   1050 C  CB  . ASP A 1 131 ? 17.319  8.742   6.903   1.00 74.06  ? 131 ASP A CB  1 
ATOM   1051 C  CG  . ASP A 1 131 ? 16.573  9.563   7.941   1.00 81.97  ? 131 ASP A CG  1 
ATOM   1052 O  OD1 . ASP A 1 131 ? 16.283  9.017   9.024   1.00 84.26  ? 131 ASP A OD1 1 
ATOM   1053 O  OD2 . ASP A 1 131 ? 16.185  10.714  7.649   1.00 77.11  ? 131 ASP A OD2 1 
ATOM   1054 N  N   . PHE A 1 132 ? 15.407  8.021   4.470   1.00 65.04  ? 132 PHE A N   1 
ATOM   1055 C  CA  . PHE A 1 132 ? 14.243  8.287   3.628   1.00 72.97  ? 132 PHE A CA  1 
ATOM   1056 C  C   . PHE A 1 132 ? 13.216  7.175   3.761   1.00 77.18  ? 132 PHE A C   1 
ATOM   1057 O  O   . PHE A 1 132 ? 12.017  7.433   3.872   1.00 70.33  ? 132 PHE A O   1 
ATOM   1058 C  CB  . PHE A 1 132 ? 14.666  8.461   2.159   1.00 60.21  ? 132 PHE A CB  1 
ATOM   1059 C  CG  . PHE A 1 132 ? 13.509  8.553   1.185   1.00 55.99  ? 132 PHE A CG  1 
ATOM   1060 C  CD1 . PHE A 1 132 ? 12.921  9.776   0.891   1.00 64.04  ? 132 PHE A CD1 1 
ATOM   1061 C  CD2 . PHE A 1 132 ? 13.026  7.420   0.548   1.00 58.81  ? 132 PHE A CD2 1 
ATOM   1062 C  CE1 . PHE A 1 132 ? 11.863  9.862   -0.008  1.00 77.87  ? 132 PHE A CE1 1 
ATOM   1063 C  CE2 . PHE A 1 132 ? 11.969  7.501   -0.350  1.00 60.36  ? 132 PHE A CE2 1 
ATOM   1064 C  CZ  . PHE A 1 132 ? 11.389  8.721   -0.628  1.00 66.77  ? 132 PHE A CZ  1 
ATOM   1065 N  N   . ILE A 1 133 ? 13.693  5.938   3.742   1.00 70.46  ? 133 ILE A N   1 
ATOM   1066 C  CA  . ILE A 1 133 ? 12.824  4.785   3.917   1.00 69.46  ? 133 ILE A CA  1 
ATOM   1067 C  C   . ILE A 1 133 ? 12.241  4.728   5.320   1.00 71.30  ? 133 ILE A C   1 
ATOM   1068 O  O   . ILE A 1 133 ? 11.043  4.500   5.505   1.00 73.79  ? 133 ILE A O   1 
ATOM   1069 C  CB  . ILE A 1 133 ? 13.573  3.476   3.645   1.00 76.26  ? 133 ILE A CB  1 
ATOM   1070 C  CG1 . ILE A 1 133 ? 14.013  3.408   2.181   1.00 69.89  ? 133 ILE A CG1 1 
ATOM   1071 C  CG2 . ILE A 1 133 ? 12.698  2.289   4.007   1.00 90.57  ? 133 ILE A CG2 1 
ATOM   1072 C  CD1 . ILE A 1 133 ? 12.872  3.459   1.191   1.00 58.92  ? 133 ILE A CD1 1 
ATOM   1073 N  N   . GLU A 1 134 ? 13.108  4.942   6.304   1.00 68.27  ? 134 GLU A N   1 
ATOM   1074 C  CA  . GLU A 1 134 ? 12.701  5.016   7.700   1.00 74.35  ? 134 GLU A CA  1 
ATOM   1075 C  C   . GLU A 1 134 ? 11.637  6.068   7.943   1.00 85.05  ? 134 GLU A C   1 
ATOM   1076 O  O   . GLU A 1 134 ? 10.612  5.805   8.573   1.00 106.14 ? 134 GLU A O   1 
ATOM   1077 C  CB  . GLU A 1 134 ? 13.903  5.328   8.590   1.00 76.93  ? 134 GLU A CB  1 
ATOM   1078 C  CG  . GLU A 1 134 ? 14.912  4.208   8.746   1.00 90.54  ? 134 GLU A CG  1 
ATOM   1079 C  CD  . GLU A 1 134 ? 16.242  4.726   9.254   1.00 76.68  ? 134 GLU A CD  1 
ATOM   1080 O  OE1 . GLU A 1 134 ? 16.286  5.908   9.656   1.00 75.10  ? 134 GLU A OE1 1 
ATOM   1081 O  OE2 . GLU A 1 134 ? 17.234  3.966   9.252   1.00 64.19  ? 134 GLU A OE2 1 
ATOM   1082 N  N   . THR A 1 135 ? 11.885  7.263   7.422   1.00 80.75  ? 135 THR A N   1 
ATOM   1083 C  CA  . THR A 1 135 ? 11.076  8.422   7.764   1.00 79.70  ? 135 THR A CA  1 
ATOM   1084 C  C   . THR A 1 135 ? 9.719   8.448   7.075   1.00 69.56  ? 135 THR A C   1 
ATOM   1085 O  O   . THR A 1 135 ? 8.707   8.739   7.709   1.00 72.38  ? 135 THR A O   1 
ATOM   1086 C  CB  . THR A 1 135 ? 11.822  9.723   7.428   1.00 66.42  ? 135 THR A CB  1 
ATOM   1087 O  OG1 . THR A 1 135 ? 13.073  9.749   8.128   1.00 65.62  ? 135 THR A OG1 1 
ATOM   1088 C  CG2 . THR A 1 135 ? 10.994  10.929  7.836   1.00 77.44  ? 135 THR A CG2 1 
ATOM   1089 N  N   . HIS A 1 136 ? 9.690   8.138   5.785   1.00 67.83  ? 136 HIS A N   1 
ATOM   1090 C  CA  . HIS A 1 136 ? 8.467   8.348   5.024   1.00 67.78  ? 136 HIS A CA  1 
ATOM   1091 C  C   . HIS A 1 136 ? 7.667   7.069   4.813   1.00 69.62  ? 136 HIS A C   1 
ATOM   1092 O  O   . HIS A 1 136 ? 6.483   7.124   4.486   1.00 74.10  ? 136 HIS A O   1 
ATOM   1093 C  CB  . HIS A 1 136 ? 8.809   8.970   3.672   1.00 60.03  ? 136 HIS A CB  1 
ATOM   1094 C  CG  . HIS A 1 136 ? 9.434   10.326  3.775   1.00 63.82  ? 136 HIS A CG  1 
ATOM   1095 N  ND1 . HIS A 1 136 ? 8.778   11.409  4.321   1.00 73.73  ? 136 HIS A ND1 1 
ATOM   1096 C  CD2 . HIS A 1 136 ? 10.665  10.769  3.426   1.00 68.70  ? 136 HIS A CD2 1 
ATOM   1097 C  CE1 . HIS A 1 136 ? 9.574   12.463  4.289   1.00 79.97  ? 136 HIS A CE1 1 
ATOM   1098 N  NE2 . HIS A 1 136 ? 10.725  12.101  3.752   1.00 58.04  ? 136 HIS A NE2 1 
ATOM   1099 N  N   . TYR A 1 137 ? 8.306   5.919   4.991   1.00 66.81  ? 137 TYR A N   1 
ATOM   1100 C  CA  . TYR A 1 137 ? 7.674   4.672   4.578   1.00 64.66  ? 137 TYR A CA  1 
ATOM   1101 C  C   . TYR A 1 137 ? 7.528   3.616   5.659   1.00 68.28  ? 137 TYR A C   1 
ATOM   1102 O  O   . TYR A 1 137 ? 6.494   2.956   5.738   1.00 74.62  ? 137 TYR A O   1 
ATOM   1103 C  CB  . TYR A 1 137 ? 8.421   4.088   3.388   1.00 54.32  ? 137 TYR A CB  1 
ATOM   1104 C  CG  . TYR A 1 137 ? 8.173   4.882   2.136   1.00 56.76  ? 137 TYR A CG  1 
ATOM   1105 C  CD1 . TYR A 1 137 ? 7.060   4.625   1.347   1.00 65.81  ? 137 TYR A CD1 1 
ATOM   1106 C  CD2 . TYR A 1 137 ? 9.035   5.894   1.746   1.00 60.00  ? 137 TYR A CD2 1 
ATOM   1107 C  CE1 . TYR A 1 137 ? 6.800   5.369   0.219   1.00 65.16  ? 137 TYR A CE1 1 
ATOM   1108 C  CE2 . TYR A 1 137 ? 8.798   6.626   0.601   1.00 74.29  ? 137 TYR A CE2 1 
ATOM   1109 C  CZ  . TYR A 1 137 ? 7.674   6.364   -0.156  1.00 66.73  ? 137 TYR A CZ  1 
ATOM   1110 O  OH  . TYR A 1 137 ? 7.443   7.072   -1.311  1.00 68.68  ? 137 TYR A OH  1 
ATOM   1111 N  N   . LEU A 1 138 ? 8.547   3.447   6.491   1.00 66.42  ? 138 LEU A N   1 
ATOM   1112 C  CA  . LEU A 1 138 ? 8.578   2.263   7.336   1.00 70.09  ? 138 LEU A CA  1 
ATOM   1113 C  C   . LEU A 1 138 ? 7.530   2.347   8.425   1.00 71.56  ? 138 LEU A C   1 
ATOM   1114 O  O   . LEU A 1 138 ? 6.806   1.381   8.665   1.00 69.51  ? 138 LEU A O   1 
ATOM   1115 C  CB  . LEU A 1 138 ? 9.959   2.059   7.955   1.00 74.66  ? 138 LEU A CB  1 
ATOM   1116 C  CG  . LEU A 1 138 ? 11.083  1.721   6.978   1.00 77.83  ? 138 LEU A CG  1 
ATOM   1117 C  CD1 . LEU A 1 138 ? 12.372  1.437   7.729   1.00 88.37  ? 138 LEU A CD1 1 
ATOM   1118 C  CD2 . LEU A 1 138 ? 10.685  0.531   6.124   1.00 77.36  ? 138 LEU A CD2 1 
ATOM   1119 N  N   . ASN A 1 139 ? 7.442   3.493   9.093   1.00 70.55  ? 139 ASN A N   1 
ATOM   1120 C  CA  . ASN A 1 139 ? 6.468   3.604   10.163  1.00 80.96  ? 139 ASN A CA  1 
ATOM   1121 C  C   . ASN A 1 139 ? 5.048   3.671   9.615   1.00 74.98  ? 139 ASN A C   1 
ATOM   1122 O  O   . ASN A 1 139 ? 4.115   3.153   10.231  1.00 67.60  ? 139 ASN A O   1 
ATOM   1123 C  CB  . ASN A 1 139 ? 6.774   4.837   11.017  1.00 78.68  ? 139 ASN A CB  1 
ATOM   1124 C  CG  . ASN A 1 139 ? 5.992   4.860   12.314  1.00 68.85  ? 139 ASN A CG  1 
ATOM   1125 O  OD1 . ASN A 1 139 ? 5.447   5.892   12.702  1.00 82.32  ? 139 ASN A OD1 1 
ATOM   1126 N  ND2 . ASN A 1 139 ? 5.925   3.720   12.989  1.00 68.46  ? 139 ASN A ND2 1 
ATOM   1127 N  N   . GLU A 1 140 ? 4.884   4.306   8.457   1.00 73.24  ? 140 GLU A N   1 
ATOM   1128 C  CA  . GLU A 1 140 ? 3.586   4.332   7.789   1.00 94.60  ? 140 GLU A CA  1 
ATOM   1129 C  C   . GLU A 1 140 ? 3.072   2.930   7.507   1.00 81.51  ? 140 GLU A C   1 
ATOM   1130 O  O   . GLU A 1 140 ? 1.894   2.627   7.696   1.00 78.63  ? 140 GLU A O   1 
ATOM   1131 C  CB  . GLU A 1 140 ? 3.646   5.131   6.488   1.00 83.05  ? 140 GLU A CB  1 
ATOM   1132 C  CG  . GLU A 1 140 ? 2.447   4.880   5.570   1.00 111.44 ? 140 GLU A CG  1 
ATOM   1133 C  CD  . GLU A 1 140 ? 1.110   5.201   6.223   1.00 129.56 ? 140 GLU A CD  1 
ATOM   1134 O  OE1 . GLU A 1 140 ? 1.062   6.095   7.094   1.00 137.61 ? 140 GLU A OE1 1 
ATOM   1135 O  OE2 . GLU A 1 140 ? 0.102   4.555   5.857   1.00 108.45 ? 140 GLU A OE2 1 
ATOM   1136 N  N   . GLN A 1 141 ? 3.987   2.078   7.061   1.00 76.54  ? 141 GLN A N   1 
ATOM   1137 C  CA  . GLN A 1 141 ? 3.645   0.713   6.713   1.00 73.42  ? 141 GLN A CA  1 
ATOM   1138 C  C   . GLN A 1 141 ? 3.278   -0.041  7.977   1.00 72.14  ? 141 GLN A C   1 
ATOM   1139 O  O   . GLN A 1 141 ? 2.292   -0.777  8.018   1.00 81.66  ? 141 GLN A O   1 
ATOM   1140 C  CB  . GLN A 1 141 ? 4.823   0.046   6.009   1.00 72.99  ? 141 GLN A CB  1 
ATOM   1141 C  CG  . GLN A 1 141 ? 4.941   0.392   4.531   1.00 85.55  ? 141 GLN A CG  1 
ATOM   1142 C  CD  . GLN A 1 141 ? 3.620   0.341   3.798   1.00 82.33  ? 141 GLN A CD  1 
ATOM   1143 O  OE1 . GLN A 1 141 ? 3.336   1.191   2.951   1.00 73.29  ? 141 GLN A OE1 1 
ATOM   1144 N  NE2 . GLN A 1 141 ? 2.805   -0.660  4.111   1.00 72.56  ? 141 GLN A NE2 1 
ATOM   1145 N  N   . VAL A 1 142 ? 4.092   0.162   9.007   1.00 68.20  ? 142 VAL A N   1 
ATOM   1146 C  CA  . VAL A 1 142 ? 3.859   -0.419  10.320  1.00 68.92  ? 142 VAL A CA  1 
ATOM   1147 C  C   . VAL A 1 142 ? 2.495   -0.016  10.850  1.00 70.69  ? 142 VAL A C   1 
ATOM   1148 O  O   . VAL A 1 142 ? 1.740   -0.836  11.373  1.00 62.95  ? 142 VAL A O   1 
ATOM   1149 C  CB  . VAL A 1 142 ? 4.937   0.014   11.328  1.00 67.01  ? 142 VAL A CB  1 
ATOM   1150 C  CG1 . VAL A 1 142 ? 4.450   -0.205  12.753  1.00 58.06  ? 142 VAL A CG1 1 
ATOM   1151 C  CG2 . VAL A 1 142 ? 6.231   -0.739  11.070  1.00 79.25  ? 142 VAL A CG2 1 
ATOM   1152 N  N   . LYS A 1 143 ? 2.195   1.268   10.698  1.00 89.24  ? 143 LYS A N   1 
ATOM   1153 C  CA  . LYS A 1 143 ? 0.941   1.831   11.165  1.00 93.23  ? 143 LYS A CA  1 
ATOM   1154 C  C   . LYS A 1 143 ? -0.216  1.239   10.375  1.00 70.39  ? 143 LYS A C   1 
ATOM   1155 O  O   . LYS A 1 143 ? -1.264  0.909   10.932  1.00 60.19  ? 143 LYS A O   1 
ATOM   1156 C  CB  . LYS A 1 143 ? 0.974   3.354   11.019  1.00 71.22  ? 143 LYS A CB  1 
ATOM   1157 C  CG  . LYS A 1 143 ? 1.850   4.041   12.055  1.00 67.34  ? 143 LYS A CG  1 
ATOM   1158 C  CD  . LYS A 1 143 ? 1.097   5.076   12.861  1.00 98.65  ? 143 LYS A CD  1 
ATOM   1159 C  CE  . LYS A 1 143 ? 2.047   5.836   13.772  1.00 96.87  ? 143 LYS A CE  1 
ATOM   1160 N  NZ  . LYS A 1 143 ? 3.117   6.510   12.986  1.00 118.05 ? 143 LYS A NZ  1 
ATOM   1161 N  N   . ALA A 1 144 ? 0.001   1.085   9.074   1.00 66.33  ? 144 ALA A N   1 
ATOM   1162 C  CA  . ALA A 1 144 ? -1.020  0.602   8.156   1.00 64.23  ? 144 ALA A CA  1 
ATOM   1163 C  C   . ALA A 1 144 ? -1.389  -0.829  8.513   1.00 63.45  ? 144 ALA A C   1 
ATOM   1164 O  O   . ALA A 1 144 ? -2.558  -1.217  8.504   1.00 58.61  ? 144 ALA A O   1 
ATOM   1165 C  CB  . ALA A 1 144 ? -0.535  0.692   6.720   1.00 65.79  ? 144 ALA A CB  1 
ATOM   1166 N  N   . ILE A 1 145 ? -0.361  -1.602  8.837   1.00 64.55  ? 145 ILE A N   1 
ATOM   1167 C  CA  . ILE A 1 145 ? -0.506  -3.003  9.195   1.00 75.63  ? 145 ILE A CA  1 
ATOM   1168 C  C   . ILE A 1 145 ? -1.256  -3.212  10.505  1.00 73.62  ? 145 ILE A C   1 
ATOM   1169 O  O   . ILE A 1 145 ? -2.147  -4.057  10.587  1.00 75.25  ? 145 ILE A O   1 
ATOM   1170 C  CB  . ILE A 1 145 ? 0.874   -3.676  9.313   1.00 73.44  ? 145 ILE A CB  1 
ATOM   1171 C  CG1 . ILE A 1 145 ? 1.571   -3.703  7.952   1.00 70.62  ? 145 ILE A CG1 1 
ATOM   1172 C  CG2 . ILE A 1 145 ? 0.742   -5.070  9.910   1.00 70.48  ? 145 ILE A CG2 1 
ATOM   1173 C  CD1 . ILE A 1 145 ? 3.058   -3.938  8.040   1.00 80.02  ? 145 ILE A CD1 1 
ATOM   1174 N  N   . LYS A 1 146 ? -0.904  -2.437  11.524  1.00 68.26  ? 146 LYS A N   1 
ATOM   1175 C  CA  . LYS A 1 146 ? -1.680  -2.427  12.757  1.00 66.97  ? 146 LYS A CA  1 
ATOM   1176 C  C   . LYS A 1 146 ? -3.147  -2.072  12.531  1.00 71.09  ? 146 LYS A C   1 
ATOM   1177 O  O   . LYS A 1 146 ? -4.031  -2.733  13.078  1.00 65.57  ? 146 LYS A O   1 
ATOM   1178 C  CB  . LYS A 1 146 ? -1.062  -1.458  13.766  1.00 75.18  ? 146 LYS A CB  1 
ATOM   1179 C  CG  . LYS A 1 146 ? -1.771  -1.434  15.115  1.00 85.31  ? 146 LYS A CG  1 
ATOM   1180 C  CD  . LYS A 1 146 ? -1.817  -2.810  15.756  1.00 64.70  ? 146 LYS A CD  1 
ATOM   1181 C  CE  . LYS A 1 146 ? -1.959  -2.701  17.267  1.00 79.89  ? 146 LYS A CE  1 
ATOM   1182 N  NZ  . LYS A 1 146 ? -3.229  -2.030  17.658  1.00 66.79  ? 146 LYS A NZ  1 
ATOM   1183 N  N   . GLU A 1 147 ? -3.415  -1.041  11.732  1.00 75.02  ? 147 GLU A N   1 
ATOM   1184 C  CA  . GLU A 1 147 ? -4.796  -0.604  11.544  1.00 77.03  ? 147 GLU A CA  1 
ATOM   1185 C  C   . GLU A 1 147 ? -5.639  -1.667  10.858  1.00 77.66  ? 147 GLU A C   1 
ATOM   1186 O  O   . GLU A 1 147 ? -6.787  -1.901  11.235  1.00 93.76  ? 147 GLU A O   1 
ATOM   1187 C  CB  . GLU A 1 147 ? -4.857  0.683   10.713  1.00 76.42  ? 147 GLU A CB  1 
ATOM   1188 C  CG  . GLU A 1 147 ? -6.274  1.033   10.251  1.00 79.85  ? 147 GLU A CG  1 
ATOM   1189 C  CD  . GLU A 1 147 ? -6.369  2.372   9.538   1.00 82.93  ? 147 GLU A CD  1 
ATOM   1190 O  OE1 . GLU A 1 147 ? -6.381  3.416   10.221  1.00 104.53 ? 147 GLU A OE1 1 
ATOM   1191 O  OE2 . GLU A 1 147 ? -6.444  2.379   8.290   1.00 82.46  ? 147 GLU A OE2 1 
ATOM   1192 N  N   . LEU A 1 148 ? -5.064  -2.320  9.856   1.00 68.90  ? 148 LEU A N   1 
ATOM   1193 C  CA  . LEU A 1 148 ? -5.796  -3.334  9.119   1.00 70.40  ? 148 LEU A CA  1 
ATOM   1194 C  C   . LEU A 1 148 ? -6.082  -4.547  9.997   1.00 73.96  ? 148 LEU A C   1 
ATOM   1195 O  O   . LEU A 1 148 ? -7.155  -5.142  9.920   1.00 77.69  ? 148 LEU A O   1 
ATOM   1196 C  CB  . LEU A 1 148 ? -5.031  -3.734  7.860   1.00 66.42  ? 148 LEU A CB  1 
ATOM   1197 C  CG  . LEU A 1 148 ? -5.127  -2.696  6.741   1.00 65.13  ? 148 LEU A CG  1 
ATOM   1198 C  CD1 . LEU A 1 148 ? -4.052  -2.916  5.687   1.00 70.69  ? 148 LEU A CD1 1 
ATOM   1199 C  CD2 . LEU A 1 148 ? -6.517  -2.720  6.119   1.00 66.79  ? 148 LEU A CD2 1 
ATOM   1200 N  N   . GLY A 1 149 ? -5.118  -4.898  10.844  1.00 65.93  ? 149 GLY A N   1 
ATOM   1201 C  CA  . GLY A 1 149 ? -5.297  -5.981  11.793  1.00 71.11  ? 149 GLY A CA  1 
ATOM   1202 C  C   . GLY A 1 149 ? -6.323  -5.674  12.863  1.00 79.71  ? 149 GLY A C   1 
ATOM   1203 O  O   . GLY A 1 149 ? -7.103  -6.542  13.258  1.00 94.10  ? 149 GLY A O   1 
ATOM   1204 N  N   . ASP A 1 150 ? -6.313  -4.433  13.341  1.00 75.68  ? 150 ASP A N   1 
ATOM   1205 C  CA  . ASP A 1 150 ? -7.368  -3.943  14.217  1.00 75.16  ? 150 ASP A CA  1 
ATOM   1206 C  C   . ASP A 1 150 ? -8.726  -4.111  13.540  1.00 74.22  ? 150 ASP A C   1 
ATOM   1207 O  O   . ASP A 1 150 ? -9.682  -4.581  14.158  1.00 72.56  ? 150 ASP A O   1 
ATOM   1208 C  CB  . ASP A 1 150 ? -7.109  -2.488  14.610  1.00 71.30  ? 150 ASP A CB  1 
ATOM   1209 C  CG  . ASP A 1 150 ? -5.859  -2.333  15.463  1.00 67.87  ? 150 ASP A CG  1 
ATOM   1210 O  OD1 . ASP A 1 150 ? -5.278  -3.365  15.860  1.00 72.04  ? 150 ASP A OD1 1 
ATOM   1211 O  OD2 . ASP A 1 150 ? -5.460  -1.183  15.743  1.00 66.68  ? 150 ASP A OD2 1 
ATOM   1212 N  N   . HIS A 1 151 ? -8.802  -3.737  12.265  1.00 76.82  ? 151 HIS A N   1 
ATOM   1213 C  CA  . HIS A 1 151 ? -10.043 -3.864  11.507  1.00 87.33  ? 151 HIS A CA  1 
ATOM   1214 C  C   . HIS A 1 151 ? -10.425 -5.331  11.372  1.00 82.12  ? 151 HIS A C   1 
ATOM   1215 O  O   . HIS A 1 151 ? -11.583 -5.702  11.565  1.00 72.43  ? 151 HIS A O   1 
ATOM   1216 C  CB  . HIS A 1 151 ? -9.913  -3.229  10.119  1.00 86.92  ? 151 HIS A CB  1 
ATOM   1217 C  CG  . HIS A 1 151 ? -9.878  -1.733  10.134  1.00 84.30  ? 151 HIS A CG  1 
ATOM   1218 N  ND1 . HIS A 1 151 ? -10.415 -0.987  11.160  1.00 71.35  ? 151 HIS A ND1 1 
ATOM   1219 C  CD2 . HIS A 1 151 ? -9.387  -0.843  9.238   1.00 89.99  ? 151 HIS A CD2 1 
ATOM   1220 C  CE1 . HIS A 1 151 ? -10.250 0.297   10.900  1.00 98.66  ? 151 HIS A CE1 1 
ATOM   1221 N  NE2 . HIS A 1 151 ? -9.628  0.412   9.740   1.00 90.12  ? 151 HIS A NE2 1 
ATOM   1222 N  N   . VAL A 1 152 ? -9.444  -6.160  11.031  1.00 88.18  ? 152 VAL A N   1 
ATOM   1223 C  CA  . VAL A 1 152 ? -9.661  -7.597  10.934  1.00 79.68  ? 152 VAL A CA  1 
ATOM   1224 C  C   . VAL A 1 152 ? -10.203 -8.176  12.235  1.00 79.78  ? 152 VAL A C   1 
ATOM   1225 O  O   . VAL A 1 152 ? -11.159 -8.951  12.230  1.00 77.44  ? 152 VAL A O   1 
ATOM   1226 C  CB  . VAL A 1 152 ? -8.363  -8.330  10.573  1.00 72.75  ? 152 VAL A CB  1 
ATOM   1227 C  CG1 . VAL A 1 152 ? -8.560  -9.832  10.673  1.00 85.42  ? 152 VAL A CG1 1 
ATOM   1228 C  CG2 . VAL A 1 152 ? -7.893  -7.924  9.187   1.00 69.40  ? 152 VAL A CG2 1 
ATOM   1229 N  N   . THR A 1 153 ? -9.578  -7.799  13.345  1.00 73.67  ? 153 THR A N   1 
ATOM   1230 C  CA  . THR A 1 153 ? -9.933  -8.326  14.657  1.00 72.37  ? 153 THR A CA  1 
ATOM   1231 C  C   . THR A 1 153 ? -11.388 -8.033  15.007  1.00 77.05  ? 153 THR A C   1 
ATOM   1232 O  O   . THR A 1 153 ? -12.151 -8.933  15.360  1.00 74.02  ? 153 THR A O   1 
ATOM   1233 C  CB  . THR A 1 153 ? -9.024  -7.762  15.756  1.00 69.86  ? 153 THR A CB  1 
ATOM   1234 O  OG1 . THR A 1 153 ? -7.746  -8.404  15.686  1.00 70.37  ? 153 THR A OG1 1 
ATOM   1235 C  CG2 . THR A 1 153 ? -9.631  -8.010  17.130  1.00 68.86  ? 153 THR A CG2 1 
ATOM   1236 N  N   . ASN A 1 154 ? -11.760 -6.763  14.895  1.00 79.47  ? 154 ASN A N   1 
ATOM   1237 C  CA  . ASN A 1 154 ? -13.120 -6.310  15.163  1.00 75.42  ? 154 ASN A CA  1 
ATOM   1238 C  C   . ASN A 1 154 ? -14.171 -7.015  14.303  1.00 75.17  ? 154 ASN A C   1 
ATOM   1239 O  O   . ASN A 1 154 ? -15.224 -7.411  14.803  1.00 90.79  ? 154 ASN A O   1 
ATOM   1240 C  CB  . ASN A 1 154 ? -13.210 -4.794  14.967  1.00 77.93  ? 154 ASN A CB  1 
ATOM   1241 C  CG  . ASN A 1 154 ? -12.701 -4.017  16.174  1.00 87.78  ? 154 ASN A CG  1 
ATOM   1242 O  OD1 . ASN A 1 154 ? -13.376 -3.919  17.199  1.00 89.50  ? 154 ASN A OD1 1 
ATOM   1243 N  ND2 . ASN A 1 154 ? -11.500 -3.462  16.055  1.00 106.76 ? 154 ASN A ND2 1 
ATOM   1244 N  N   . LEU A 1 155 ? -13.883 -7.190  13.020  1.00 71.91  ? 155 LEU A N   1 
ATOM   1245 C  CA  . LEU A 1 155 ? -14.833 -7.814  12.103  1.00 85.04  ? 155 LEU A CA  1 
ATOM   1246 C  C   . LEU A 1 155 ? -15.095 -9.274  12.468  1.00 92.36  ? 155 LEU A C   1 
ATOM   1247 O  O   . LEU A 1 155 ? -16.234 -9.739  12.404  1.00 88.33  ? 155 LEU A O   1 
ATOM   1248 C  CB  . LEU A 1 155 ? -14.342 -7.717  10.657  1.00 85.79  ? 155 LEU A CB  1 
ATOM   1249 C  CG  . LEU A 1 155 ? -14.641 -6.401  9.935   1.00 79.40  ? 155 LEU A CG  1 
ATOM   1250 C  CD1 . LEU A 1 155 ? -13.764 -6.237  8.701   1.00 66.36  ? 155 LEU A CD1 1 
ATOM   1251 C  CD2 . LEU A 1 155 ? -16.114 -6.326  9.565   1.00 82.36  ? 155 LEU A CD2 1 
ATOM   1252 N  N   . ARG A 1 156 ? -14.043 -9.992  12.854  1.00 78.77  ? 156 ARG A N   1 
ATOM   1253 C  CA  . ARG A 1 156 ? -14.196 -11.374 13.302  1.00 84.64  ? 156 ARG A CA  1 
ATOM   1254 C  C   . ARG A 1 156 ? -15.071 -11.521 14.530  1.00 75.35  ? 156 ARG A C   1 
ATOM   1255 O  O   . ARG A 1 156 ? -16.018 -12.304 14.559  1.00 84.76  ? 156 ARG A O   1 
ATOM   1256 C  CB  . ARG A 1 156 ? -12.849 -11.940 13.737  1.00 98.41  ? 156 ARG A CB  1 
ATOM   1257 C  CG  . ARG A 1 156 ? -11.808 -12.347 12.746  1.00 96.78  ? 156 ARG A CG  1 
ATOM   1258 C  CD  . ARG A 1 156 ? -10.654 -12.761 13.648  1.00 126.22 ? 156 ARG A CD  1 
ATOM   1259 N  NE  . ARG A 1 156 ? -9.405  -13.107 12.988  1.00 140.56 ? 156 ARG A NE  1 
ATOM   1260 C  CZ  . ARG A 1 156 ? -8.233  -13.083 13.614  1.00 138.69 ? 156 ARG A CZ  1 
ATOM   1261 N  NH1 . ARG A 1 156 ? -8.177  -12.729 14.894  1.00 145.88 ? 156 ARG A NH1 1 
ATOM   1262 N  NH2 . ARG A 1 156 ? -7.120  -13.405 12.972  1.00 122.80 ? 156 ARG A NH2 1 
ATOM   1263 N  N   . LYS A 1 157 ? -14.740 -10.730 15.541  1.00 60.84  ? 157 LYS A N   1 
ATOM   1264 C  CA  . LYS A 1 157 ? -15.494 -10.679 16.784  1.00 64.83  ? 157 LYS A CA  1 
ATOM   1265 C  C   . LYS A 1 157 ? -16.970 -10.369 16.573  1.00 74.13  ? 157 LYS A C   1 
ATOM   1266 O  O   . LYS A 1 157 ? -17.822 -10.901 17.287  1.00 81.65  ? 157 LYS A O   1 
ATOM   1267 C  CB  . LYS A 1 157 ? -14.826 -9.707  17.760  1.00 61.68  ? 157 LYS A CB  1 
ATOM   1268 C  CG  . LYS A 1 157 ? -13.567 -10.342 18.360  1.00 55.75  ? 157 LYS A CG  1 
ATOM   1269 C  CD  . LYS A 1 157 ? -12.966 -9.609  19.544  1.00 60.35  ? 157 LYS A CD  1 
ATOM   1270 C  CE  . LYS A 1 157 ? -12.077 -10.571 20.344  1.00 66.92  ? 157 LYS A CE  1 
ATOM   1271 N  NZ  . LYS A 1 157 ? -11.061 -9.898  21.189  1.00 68.18  ? 157 LYS A NZ  1 
ATOM   1272 N  N   . MET A 1 158 ? -17.274 -9.496  15.619  1.00 75.80  ? 158 MET A N   1 
ATOM   1273 C  CA  . MET A 1 158 ? -18.660 -9.119  15.368  1.00 90.77  ? 158 MET A CA  1 
ATOM   1274 C  C   . MET A 1 158 ? -19.458 -10.210 14.654  1.00 86.34  ? 158 MET A C   1 
ATOM   1275 O  O   . MET A 1 158 ? -20.681 -10.115 14.548  1.00 82.18  ? 158 MET A O   1 
ATOM   1276 C  CB  . MET A 1 158 ? -18.718 -7.838  14.532  1.00 95.43  ? 158 MET A CB  1 
ATOM   1277 C  CG  . MET A 1 158 ? -18.147 -6.604  15.202  1.00 92.07  ? 158 MET A CG  1 
ATOM   1278 S  SD  . MET A 1 158 ? -17.898 -5.267  14.014  1.00 94.40  ? 158 MET A SD  1 
ATOM   1279 C  CE  . MET A 1 158 ? -19.568 -4.653  13.820  1.00 79.88  ? 158 MET A CE  1 
ATOM   1280 N  N   . GLY A 1 159 ? -18.778 -11.240 14.159  1.00 85.76  ? 159 GLY A N   1 
ATOM   1281 C  CA  . GLY A 1 159 ? -19.455 -12.280 13.399  1.00 105.52 ? 159 GLY A CA  1 
ATOM   1282 C  C   . GLY A 1 159 ? -19.406 -12.167 11.885  1.00 87.96  ? 159 GLY A C   1 
ATOM   1283 O  O   . GLY A 1 159 ? -20.177 -12.821 11.185  1.00 93.12  ? 159 GLY A O   1 
ATOM   1284 N  N   . ALA A 1 160 ? -18.498 -11.348 11.375  1.00 79.63  ? 160 ALA A N   1 
ATOM   1285 C  CA  . ALA A 1 160 ? -18.273 -11.262 9.940   1.00 80.38  ? 160 ALA A CA  1 
ATOM   1286 C  C   . ALA A 1 160 ? -17.528 -12.484 9.420   1.00 81.14  ? 160 ALA A C   1 
ATOM   1287 O  O   . ALA A 1 160 ? -16.759 -13.102 10.156  1.00 80.82  ? 160 ALA A O   1 
ATOM   1288 C  CB  . ALA A 1 160 ? -17.503 -9.994  9.599   1.00 88.78  ? 160 ALA A CB  1 
ATOM   1289 N  N   . PRO A 1 161 ? -17.760 -12.847 8.149   1.00 82.02  ? 161 PRO A N   1 
ATOM   1290 C  CA  . PRO A 1 161 ? -18.601 -12.128 7.189   1.00 90.17  ? 161 PRO A CA  1 
ATOM   1291 C  C   . PRO A 1 161 ? -20.047 -12.626 7.087   1.00 89.85  ? 161 PRO A C   1 
ATOM   1292 O  O   . PRO A 1 161 ? -20.834 -12.022 6.355   1.00 97.17  ? 161 PRO A O   1 
ATOM   1293 C  CB  . PRO A 1 161 ? -17.879 -12.374 5.866   1.00 81.13  ? 161 PRO A CB  1 
ATOM   1294 C  CG  . PRO A 1 161 ? -17.337 -13.757 6.029   1.00 87.61  ? 161 PRO A CG  1 
ATOM   1295 C  CD  . PRO A 1 161 ? -17.007 -13.932 7.497   1.00 87.84  ? 161 PRO A CD  1 
ATOM   1296 N  N   . GLU A 1 162 ? -20.394 -13.690 7.804   1.00 82.24  ? 162 GLU A N   1 
ATOM   1297 C  CA  . GLU A 1 162 ? -21.751 -14.236 7.728   1.00 91.50  ? 162 GLU A CA  1 
ATOM   1298 C  C   . GLU A 1 162 ? -22.825 -13.259 8.193   1.00 91.95  ? 162 GLU A C   1 
ATOM   1299 O  O   . GLU A 1 162 ? -23.807 -13.030 7.485   1.00 108.24 ? 162 GLU A O   1 
ATOM   1300 C  CB  . GLU A 1 162 ? -21.850 -15.548 8.514   1.00 107.77 ? 162 GLU A CB  1 
ATOM   1301 C  CG  . GLU A 1 162 ? -21.452 -15.478 9.976   1.00 124.96 ? 162 GLU A CG  1 
ATOM   1302 C  CD  . GLU A 1 162 ? -21.488 -16.846 10.643  1.00 130.28 ? 162 GLU A CD  1 
ATOM   1303 O  OE1 . GLU A 1 162 ? -20.744 -17.747 10.199  1.00 122.14 ? 162 GLU A OE1 1 
ATOM   1304 O  OE2 . GLU A 1 162 ? -22.267 -17.023 11.602  1.00 129.94 ? 162 GLU A OE2 1 
ATOM   1305 N  N   . SER A 1 163 ? -22.648 -12.685 9.374   1.00 85.72  ? 163 SER A N   1 
ATOM   1306 C  CA  . SER A 1 163 ? -23.468 -11.548 9.763   1.00 86.41  ? 163 SER A CA  1 
ATOM   1307 C  C   . SER A 1 163 ? -23.223 -10.378 8.815   1.00 87.58  ? 163 SER A C   1 
ATOM   1308 O  O   . SER A 1 163 ? -22.213 -9.680  8.915   1.00 80.48  ? 163 SER A O   1 
ATOM   1309 C  CB  . SER A 1 163 ? -23.186 -11.138 11.206  1.00 90.17  ? 163 SER A CB  1 
ATOM   1310 O  OG  . SER A 1 163 ? -24.087 -10.127 11.621  1.00 80.43  ? 163 SER A OG  1 
ATOM   1311 N  N   . GLY A 1 164 ? -24.154 -10.178 7.888   1.00 85.52  ? 164 GLY A N   1 
ATOM   1312 C  CA  . GLY A 1 164 ? -24.164 -9.004  7.035   1.00 85.59  ? 164 GLY A CA  1 
ATOM   1313 C  C   . GLY A 1 164 ? -24.367 -7.743  7.849   1.00 82.16  ? 164 GLY A C   1 
ATOM   1314 O  O   . GLY A 1 164 ? -23.823 -6.684  7.534   1.00 83.82  ? 164 GLY A O   1 
ATOM   1315 N  N   . LEU A 1 165 ? -25.161 -7.870  8.906   1.00 76.87  ? 165 LEU A N   1 
ATOM   1316 C  CA  . LEU A 1 165 ? -25.280 -6.849  9.942   1.00 77.41  ? 165 LEU A CA  1 
ATOM   1317 C  C   . LEU A 1 165 ? -23.958 -6.434  10.586  1.00 77.21  ? 165 LEU A C   1 
ATOM   1318 O  O   . LEU A 1 165 ? -23.713 -5.246  10.796  1.00 103.48 ? 165 LEU A O   1 
ATOM   1319 C  CB  . LEU A 1 165 ? -26.232 -7.325  11.039  1.00 70.96  ? 165 LEU A CB  1 
ATOM   1320 C  CG  . LEU A 1 165 ? -26.687 -6.218  11.991  1.00 59.05  ? 165 LEU A CG  1 
ATOM   1321 C  CD1 . LEU A 1 165 ? -27.321 -5.073  11.220  1.00 75.66  ? 165 LEU A CD1 1 
ATOM   1322 C  CD2 . LEU A 1 165 ? -27.649 -6.764  13.028  1.00 61.12  ? 165 LEU A CD2 1 
ATOM   1323 N  N   . ALA A 1 166 ? -23.118 -7.408  10.914  1.00 73.46  ? 166 ALA A N   1 
ATOM   1324 C  CA  . ALA A 1 166 ? -21.779 -7.119  11.418  1.00 72.76  ? 166 ALA A CA  1 
ATOM   1325 C  C   . ALA A 1 166 ? -21.010 -6.173  10.499  1.00 73.62  ? 166 ALA A C   1 
ATOM   1326 O  O   . ALA A 1 166 ? -20.471 -5.168  10.960  1.00 78.69  ? 166 ALA A O   1 
ATOM   1327 C  CB  . ALA A 1 166 ? -21.001 -8.412  11.608  1.00 103.80 ? 166 ALA A CB  1 
ATOM   1328 N  N   . GLU A 1 167 ? -20.962 -6.478  9.206   1.00 72.49  ? 167 GLU A N   1 
ATOM   1329 C  CA  . GLU A 1 167 ? -20.200 -5.654  8.274   1.00 72.71  ? 167 GLU A CA  1 
ATOM   1330 C  C   . GLU A 1 167 ? -20.844 -4.277  8.123   1.00 66.79  ? 167 GLU A C   1 
ATOM   1331 O  O   . GLU A 1 167 ? -20.152 -3.263  8.052   1.00 67.95  ? 167 GLU A O   1 
ATOM   1332 C  CB  . GLU A 1 167 ? -20.070 -6.340  6.913   1.00 79.83  ? 167 GLU A CB  1 
ATOM   1333 C  CG  . GLU A 1 167 ? -19.341 -7.670  6.968   1.00 68.30  ? 167 GLU A CG  1 
ATOM   1334 C  CD  . GLU A 1 167 ? -18.624 -7.991  5.671   1.00 73.91  ? 167 GLU A CD  1 
ATOM   1335 O  OE1 . GLU A 1 167 ? -19.063 -7.496  4.611   1.00 61.04  ? 167 GLU A OE1 1 
ATOM   1336 O  OE2 . GLU A 1 167 ? -17.613 -8.725  5.715   1.00 70.49  ? 167 GLU A OE2 1 
ATOM   1337 N  N   . TYR A 1 168 ? -22.171 -4.254  8.066   1.00 63.26  ? 168 TYR A N   1 
ATOM   1338 C  CA  . TYR A 1 168 ? -22.921 -3.005  7.996   1.00 65.46  ? 168 TYR A CA  1 
ATOM   1339 C  C   . TYR A 1 168 ? -22.596 -2.079  9.158   1.00 68.86  ? 168 TYR A C   1 
ATOM   1340 O  O   . TYR A 1 168 ? -22.270 -0.909  8.962   1.00 75.02  ? 168 TYR A O   1 
ATOM   1341 C  CB  . TYR A 1 168 ? -24.419 -3.301  7.983   1.00 72.66  ? 168 TYR A CB  1 
ATOM   1342 C  CG  . TYR A 1 168 ? -25.320 -2.084  8.030   1.00 71.20  ? 168 TYR A CG  1 
ATOM   1343 C  CD1 . TYR A 1 168 ? -25.698 -1.425  6.870   1.00 78.64  ? 168 TYR A CD1 1 
ATOM   1344 C  CD2 . TYR A 1 168 ? -25.810 -1.608  9.242   1.00 67.24  ? 168 TYR A CD2 1 
ATOM   1345 C  CE1 . TYR A 1 168 ? -26.535 -0.322  6.914   1.00 85.00  ? 168 TYR A CE1 1 
ATOM   1346 C  CE2 . TYR A 1 168 ? -26.645 -0.507  9.294   1.00 72.02  ? 168 TYR A CE2 1 
ATOM   1347 C  CZ  . TYR A 1 168 ? -27.003 0.134   8.128   1.00 77.18  ? 168 TYR A CZ  1 
ATOM   1348 O  OH  . TYR A 1 168 ? -27.836 1.231   8.175   1.00 74.67  ? 168 TYR A OH  1 
ATOM   1349 N  N   . LEU A 1 169 ? -22.689 -2.613  10.369  1.00 64.15  ? 169 LEU A N   1 
ATOM   1350 C  CA  . LEU A 1 169 ? -22.450 -1.828  11.570  1.00 57.22  ? 169 LEU A CA  1 
ATOM   1351 C  C   . LEU A 1 169 ? -20.993 -1.388  11.684  1.00 62.44  ? 169 LEU A C   1 
ATOM   1352 O  O   . LEU A 1 169 ? -20.707 -0.279  12.129  1.00 81.96  ? 169 LEU A O   1 
ATOM   1353 C  CB  . LEU A 1 169 ? -22.862 -2.624  12.803  1.00 53.91  ? 169 LEU A CB  1 
ATOM   1354 C  CG  . LEU A 1 169 ? -24.377 -2.788  12.928  1.00 54.23  ? 169 LEU A CG  1 
ATOM   1355 C  CD1 . LEU A 1 169 ? -24.728 -3.604  14.158  1.00 57.47  ? 169 LEU A CD1 1 
ATOM   1356 C  CD2 . LEU A 1 169 ? -25.081 -1.441  12.938  1.00 53.44  ? 169 LEU A CD2 1 
ATOM   1357 N  N   . PHE A 1 170 ? -20.073 -2.256  11.277  1.00 65.72  ? 170 PHE A N   1 
ATOM   1358 C  CA  . PHE A 1 170 ? -18.665 -1.883  11.208  1.00 68.13  ? 170 PHE A CA  1 
ATOM   1359 C  C   . PHE A 1 170 ? -18.416 -0.755  10.223  1.00 70.71  ? 170 PHE A C   1 
ATOM   1360 O  O   . PHE A 1 170 ? -17.681 0.187   10.515  1.00 74.80  ? 170 PHE A O   1 
ATOM   1361 C  CB  . PHE A 1 170 ? -17.802 -3.083  10.828  1.00 78.26  ? 170 PHE A CB  1 
ATOM   1362 C  CG  . PHE A 1 170 ? -16.333 -2.791  10.853  1.00 66.42  ? 170 PHE A CG  1 
ATOM   1363 C  CD1 . PHE A 1 170 ? -15.599 -2.943  12.015  1.00 68.15  ? 170 PHE A CD1 1 
ATOM   1364 C  CD2 . PHE A 1 170 ? -15.685 -2.362  9.707   1.00 59.11  ? 170 PHE A CD2 1 
ATOM   1365 C  CE1 . PHE A 1 170 ? -14.246 -2.668  12.035  1.00 65.54  ? 170 PHE A CE1 1 
ATOM   1366 C  CE2 . PHE A 1 170 ? -14.335 -2.088  9.720   1.00 66.08  ? 170 PHE A CE2 1 
ATOM   1367 C  CZ  . PHE A 1 170 ? -13.614 -2.242  10.886  1.00 69.88  ? 170 PHE A CZ  1 
ATOM   1368 N  N   . ASP A 1 171 ? -19.021 -0.873  9.047   1.00 67.19  ? 171 ASP A N   1 
ATOM   1369 C  CA  . ASP A 1 171 ? -18.955 0.165   8.032   1.00 67.30  ? 171 ASP A CA  1 
ATOM   1370 C  C   . ASP A 1 171 ? -19.378 1.498   8.636   1.00 72.64  ? 171 ASP A C   1 
ATOM   1371 O  O   . ASP A 1 171 ? -18.733 2.526   8.434   1.00 95.47  ? 171 ASP A O   1 
ATOM   1372 C  CB  . ASP A 1 171 ? -19.843 -0.200  6.838   1.00 68.50  ? 171 ASP A CB  1 
ATOM   1373 C  CG  . ASP A 1 171 ? -19.907 0.896   5.796   1.00 68.08  ? 171 ASP A CG  1 
ATOM   1374 O  OD1 . ASP A 1 171 ? -20.693 1.846   5.980   1.00 69.74  ? 171 ASP A OD1 1 
ATOM   1375 O  OD2 . ASP A 1 171 ? -19.176 0.802   4.786   1.00 73.92  ? 171 ASP A OD2 1 
ATOM   1376 N  N   . LYS A 1 172 ? -20.474 1.456   9.383   1.00 71.62  ? 172 LYS A N   1 
ATOM   1377 C  CA  . LYS A 1 172 ? -21.085 2.635   9.981   1.00 76.13  ? 172 LYS A CA  1 
ATOM   1378 C  C   . LYS A 1 172 ? -20.286 3.222   11.153  1.00 69.08  ? 172 LYS A C   1 
ATOM   1379 O  O   . LYS A 1 172 ? -20.031 4.423   11.203  1.00 80.10  ? 172 LYS A O   1 
ATOM   1380 C  CB  . LYS A 1 172 ? -22.499 2.282   10.440  1.00 83.56  ? 172 LYS A CB  1 
ATOM   1381 C  CG  . LYS A 1 172 ? -23.392 1.878   9.280   1.00 107.66 ? 172 LYS A CG  1 
ATOM   1382 C  CD  . LYS A 1 172 ? -23.445 2.950   8.208   1.00 98.22  ? 172 LYS A CD  1 
ATOM   1383 C  CE  . LYS A 1 172 ? -24.531 2.646   7.191   1.00 103.66 ? 172 LYS A CE  1 
ATOM   1384 N  NZ  . LYS A 1 172 ? -24.179 1.431   6.395   1.00 81.56  ? 172 LYS A NZ  1 
ATOM   1385 N  N   . HIS A 1 173 ? -19.894 2.364   12.090  1.00 67.00  ? 173 HIS A N   1 
ATOM   1386 C  CA  . HIS A 1 173 ? -19.339 2.791   13.374  1.00 66.11  ? 173 HIS A CA  1 
ATOM   1387 C  C   . HIS A 1 173 ? -17.825 2.990   13.390  1.00 73.83  ? 173 HIS A C   1 
ATOM   1388 O  O   . HIS A 1 173 ? -17.304 3.784   14.174  1.00 82.78  ? 173 HIS A O   1 
ATOM   1389 C  CB  . HIS A 1 173 ? -19.698 1.779   14.461  1.00 69.78  ? 173 HIS A CB  1 
ATOM   1390 C  CG  . HIS A 1 173 ? -21.145 1.775   14.834  1.00 72.09  ? 173 HIS A CG  1 
ATOM   1391 N  ND1 . HIS A 1 173 ? -21.699 2.722   15.666  1.00 79.09  ? 173 HIS A ND1 1 
ATOM   1392 C  CD2 . HIS A 1 173 ? -22.149 0.925   14.509  1.00 101.54 ? 173 HIS A CD2 1 
ATOM   1393 C  CE1 . HIS A 1 173 ? -22.984 2.465   15.826  1.00 80.07  ? 173 HIS A CE1 1 
ATOM   1394 N  NE2 . HIS A 1 173 ? -23.283 1.378   15.137  1.00 76.16  ? 173 HIS A NE2 1 
ATOM   1395 N  N   . THR A 1 174 ? -17.121 2.261   12.536  1.00 75.08  ? 174 THR A N   1 
ATOM   1396 C  CA  . THR A 1 174 ? -15.672 2.390   12.429  1.00 75.84  ? 174 THR A CA  1 
ATOM   1397 C  C   . THR A 1 174 ? -15.186 3.220   11.240  1.00 78.70  ? 174 THR A C   1 
ATOM   1398 O  O   . THR A 1 174 ? -14.378 4.131   11.410  1.00 86.75  ? 174 THR A O   1 
ATOM   1399 C  CB  . THR A 1 174 ? -15.011 1.003   12.352  1.00 92.40  ? 174 THR A CB  1 
ATOM   1400 O  OG1 . THR A 1 174 ? -15.324 0.260   13.537  1.00 82.42  ? 174 THR A OG1 1 
ATOM   1401 C  CG2 . THR A 1 174 ? -13.505 1.142   12.232  1.00 103.75 ? 174 THR A CG2 1 
ATOM   1402 N  N   . LEU A 1 175 ? -15.683 2.918   10.046  1.00 73.99  ? 175 LEU A N   1 
ATOM   1403 C  CA  . LEU A 1 175 ? -15.212 3.581   8.833   1.00 73.41  ? 175 LEU A CA  1 
ATOM   1404 C  C   . LEU A 1 175 ? -15.894 4.915   8.540   1.00 76.39  ? 175 LEU A C   1 
ATOM   1405 O  O   . LEU A 1 175 ? -15.430 5.674   7.689   1.00 71.43  ? 175 LEU A O   1 
ATOM   1406 C  CB  . LEU A 1 175 ? -15.377 2.654   7.628   1.00 75.25  ? 175 LEU A CB  1 
ATOM   1407 C  CG  . LEU A 1 175 ? -14.663 1.308   7.735   1.00 77.23  ? 175 LEU A CG  1 
ATOM   1408 C  CD1 . LEU A 1 175 ? -14.913 0.474   6.492   1.00 97.85  ? 175 LEU A CD1 1 
ATOM   1409 C  CD2 . LEU A 1 175 ? -13.174 1.512   7.958   1.00 69.27  ? 175 LEU A CD2 1 
ATOM   1410 N  N   . GLY A 1 176 ? -16.985 5.212   9.234   1.00 83.98  ? 176 GLY A N   1 
ATOM   1411 C  CA  . GLY A 1 176 ? -17.751 6.404   8.926   1.00 88.28  ? 176 GLY A CA  1 
ATOM   1412 C  C   . GLY A 1 176 ? -17.510 7.444   10.002  1.00 95.97  ? 176 GLY A C   1 
ATOM   1413 O  O   . GLY A 1 176 ? -18.268 8.405   10.154  1.00 91.27  ? 176 GLY A O   1 
ATOM   1414 N  N   . ASP A 1 177 ? -16.421 7.241   10.737  1.00 98.95  ? 177 ASP A N   1 
ATOM   1415 C  CA  . ASP A 1 177 ? -15.962 8.177   11.750  1.00 103.07 ? 177 ASP A CA  1 
ATOM   1416 C  C   . ASP A 1 177 ? -14.689 7.644   12.400  1.00 92.18  ? 177 ASP A C   1 
ATOM   1417 O  O   . ASP A 1 177 ? -14.649 7.400   13.604  1.00 82.16  ? 177 ASP A O   1 
ATOM   1418 C  CB  . ASP A 1 177 ? -17.040 8.417   12.809  1.00 114.43 ? 177 ASP A CB  1 
ATOM   1419 C  CG  . ASP A 1 177 ? -16.706 9.575   13.727  1.00 135.73 ? 177 ASP A CG  1 
ATOM   1420 O  OD1 . ASP A 1 177 ? -15.583 10.111  13.622  1.00 130.07 ? 177 ASP A OD1 1 
ATOM   1421 O  OD2 . ASP A 1 177 ? -17.561 9.942   14.561  1.00 140.67 ? 177 ASP A OD2 1 
HETATM 1422 ZN ZN  . ZN  B 2 .   ? 2.806   2.265   0.058   1.00 61.24  ? 201 ZN  A ZN  1 
HETATM 1423 ZN ZN  . ZN  C 2 .   ? 25.126  -1.536  9.973   0.33 93.49  ? 202 ZN  A ZN  1 
HETATM 1424 NA NA  . NA  D 3 .   ? 16.703  7.887   11.046  0.33 70.04  ? 203 NA  A NA  1 
HETATM 1425 NA NA  . NA  E 3 .   ? 18.386  6.004   10.832  0.33 72.41  ? 204 NA  A NA  1 
HETATM 1426 NA NA  . NA  F 3 .   ? 0.843   0.911   1.656   1.00 47.02  ? 205 NA  A NA  1 
HETATM 1427 C  CAA . BYD G 4 .   ? 28.520  -6.975  10.094  0.16 77.72  ? 206 BYD A CAA 1 
HETATM 1428 C  CAB . BYD G 4 .   ? 27.718  -5.880  10.381  0.16 77.69  ? 206 BYD A CAB 1 
HETATM 1429 C  CAC . BYD G 4 .   ? 28.012  -4.643  9.821   0.16 66.46  ? 206 BYD A CAC 1 
HETATM 1430 C  CAD . BYD G 4 .   ? 29.108  -4.491  8.979   0.16 78.61  ? 206 BYD A CAD 1 
HETATM 1431 C  CAE . BYD G 4 .   ? 29.914  -5.586  8.694   0.16 78.70  ? 206 BYD A CAE 1 
HETATM 1432 C  CAF . BYD G 4 .   ? 29.618  -6.823  9.254   0.16 65.52  ? 206 BYD A CAF 1 
HETATM 1433 C  CAG . BYD G 4 .   ? 30.417  -7.919  8.970   0.16 70.59  ? 206 BYD A CAG 1 
HETATM 1434 C  CAK . BYD G 4 .   ? 27.206  -3.555  10.112  0.16 72.94  ? 206 BYD A CAK 1 
HETATM 1435 N  NAI . BYD G 4 .   ? 29.861  -8.812  8.140   0.16 80.50  ? 206 BYD A NAI 1 
HETATM 1436 N  NAL . BYD G 4 .   ? 27.352  -3.072  11.352  0.16 78.07  ? 206 BYD A NAL 1 
HETATM 1437 O  OAH . BYD G 4 .   ? 31.539  -8.033  9.462   0.16 76.57  ? 206 BYD A OAH 1 
HETATM 1438 O  OAJ . BYD G 4 .   ? 30.642  -9.969  7.814   0.16 84.45  ? 206 BYD A OAJ 1 
HETATM 1439 O  OAM . BYD G 4 .   ? 26.427  -3.099  9.277   0.16 76.44  ? 206 BYD A OAM 1 
HETATM 1440 O  OAN . BYD G 4 .   ? 26.541  -1.952  11.709  0.16 85.53  ? 206 BYD A OAN 1 
HETATM 1441 H  HAA . BYD G 4 .   ? 28.296  -7.949  10.530  0.16 93.26  ? 206 BYD A HAA 1 
HETATM 1442 H  HAB . BYD G 4 .   ? 26.856  -5.992  11.040  0.16 93.22  ? 206 BYD A HAB 1 
HETATM 1443 H  HAD . BYD G 4 .   ? 29.334  -3.518  8.545   0.16 94.33  ? 206 BYD A HAD 1 
HETATM 1444 H  HAE . BYD G 4 .   ? 30.774  -5.475  8.035   0.16 94.44  ? 206 BYD A HAE 1 
HETATM 1445 H  HAI . BYD G 4 .   ? 28.946  -8.701  7.753   0.16 96.60  ? 206 BYD A HAI 1 
HETATM 1446 H  HAL . BYD G 4 .   ? 27.990  -3.460  12.018  0.16 93.68  ? 206 BYD A HAL 1 
HETATM 1447 H  HAJ . BYD G 4 .   ? 30.125  -10.556 7.192   0.16 101.34 ? 206 BYD A HAJ 1 
HETATM 1448 H  HAN . BYD G 4 .   ? 26.737  -1.683  12.651  0.16 102.64 ? 206 BYD A HAN 1 
# 
loop_
_pdbx_poly_seq_scheme.asym_id 
_pdbx_poly_seq_scheme.entity_id 
_pdbx_poly_seq_scheme.seq_id 
_pdbx_poly_seq_scheme.mon_id 
_pdbx_poly_seq_scheme.ndb_seq_num 
_pdbx_poly_seq_scheme.pdb_seq_num 
_pdbx_poly_seq_scheme.auth_seq_num 
_pdbx_poly_seq_scheme.pdb_mon_id 
_pdbx_poly_seq_scheme.auth_mon_id 
_pdbx_poly_seq_scheme.pdb_strand_id 
_pdbx_poly_seq_scheme.pdb_ins_code 
_pdbx_poly_seq_scheme.hetero 
A 1 1   THR 1   1   ?   ?   ?   A . n 
A 1 2   THR 2   2   ?   ?   ?   A . n 
A 1 3   ALA 3   3   ?   ?   ?   A . n 
A 1 4   SER 4   4   ?   ?   ?   A . n 
A 1 5   THR 5   5   5   THR THR A . n 
A 1 6   SER 6   6   6   SER SER A . n 
A 1 7   GLN 7   7   7   GLN GLN A . n 
A 1 8   VAL 8   8   8   VAL VAL A . n 
A 1 9   ARG 9   9   9   ARG ARG A . n 
A 1 10  GLN 10  10  10  GLN GLN A . n 
A 1 11  ASN 11  11  11  ASN ASN A . n 
A 1 12  TYR 12  12  12  TYR TYR A . n 
A 1 13  HIS 13  13  13  HIS HIS A . n 
A 1 14  GLN 14  14  14  GLN GLN A . n 
A 1 15  ASP 15  15  15  ASP ASP A . n 
A 1 16  SER 16  16  16  SER SER A . n 
A 1 17  GLU 17  17  17  GLU GLU A . n 
A 1 18  ALA 18  18  18  ALA ALA A . n 
A 1 19  ALA 19  19  19  ALA ALA A . n 
A 1 20  ILE 20  20  20  ILE ILE A . n 
A 1 21  ASN 21  21  21  ASN ASN A . n 
A 1 22  ARG 22  22  22  ARG ARG A . n 
A 1 23  GLN 23  23  23  GLN GLN A . n 
A 1 24  ILE 24  24  24  ILE ILE A . n 
A 1 25  ASN 25  25  25  ASN ASN A . n 
A 1 26  LEU 26  26  26  LEU LEU A . n 
A 1 27  GLU 27  27  27  GLU GLU A . n 
A 1 28  LEU 28  28  28  LEU LEU A . n 
A 1 29  TYR 29  29  29  TYR TYR A . n 
A 1 30  ALA 30  30  30  ALA ALA A . n 
A 1 31  SER 31  31  31  SER SER A . n 
A 1 32  TYR 32  32  32  TYR TYR A . n 
A 1 33  VAL 33  33  33  VAL VAL A . n 
A 1 34  TYR 34  34  34  TYR TYR A . n 
A 1 35  LEU 35  35  35  LEU LEU A . n 
A 1 36  SER 36  36  36  SER SER A . n 
A 1 37  MET 37  37  37  MET MET A . n 
A 1 38  SER 38  38  38  SER SER A . n 
A 1 39  TYR 39  39  39  TYR TYR A . n 
A 1 40  TYR 40  40  40  TYR TYR A . n 
A 1 41  PHE 41  41  41  PHE PHE A . n 
A 1 42  ASP 42  42  42  ASP ASP A . n 
A 1 43  ARG 43  43  43  ARG ARG A . n 
A 1 44  ASP 44  44  44  ASP ASP A . n 
A 1 45  ASP 45  45  45  ASP ASP A . n 
A 1 46  VAL 46  46  46  VAL VAL A . n 
A 1 47  ALA 47  47  47  ALA ALA A . n 
A 1 48  LEU 48  48  48  LEU LEU A . n 
A 1 49  LYS 49  49  49  LYS LYS A . n 
A 1 50  ASN 50  50  50  ASN ASN A . n 
A 1 51  PHE 51  51  51  PHE PHE A . n 
A 1 52  ALA 52  52  52  ALA ALA A . n 
A 1 53  LYS 53  53  53  LYS LYS A . n 
A 1 54  TYR 54  54  54  TYR TYR A . n 
A 1 55  PHE 55  55  55  PHE PHE A . n 
A 1 56  LEU 56  56  56  LEU LEU A . n 
A 1 57  HIS 57  57  57  HIS HIS A . n 
A 1 58  GLN 58  58  58  GLN GLN A . n 
A 1 59  SER 59  59  59  SER SER A . n 
A 1 60  HIS 60  60  60  HIS HIS A . n 
A 1 61  GLU 61  61  61  GLU GLU A . n 
A 1 62  GLU 62  62  62  GLU GLU A . n 
A 1 63  ARG 63  63  63  ARG ARG A . n 
A 1 64  GLU 64  64  64  GLU GLU A . n 
A 1 65  HIS 65  65  65  HIS HIS A . n 
A 1 66  ALA 66  66  66  ALA ALA A . n 
A 1 67  GLU 67  67  67  GLU GLU A . n 
A 1 68  LYS 68  68  68  LYS LYS A . n 
A 1 69  LEU 69  69  69  LEU LEU A . n 
A 1 70  MET 70  70  70  MET MET A . n 
A 1 71  LYS 71  71  71  LYS LYS A . n 
A 1 72  LEU 72  72  72  LEU LEU A . n 
A 1 73  GLN 73  73  73  GLN GLN A . n 
A 1 74  ASN 74  74  74  ASN ASN A . n 
A 1 75  GLN 75  75  75  GLN GLN A . n 
A 1 76  ARG 76  76  76  ARG ARG A . n 
A 1 77  GLY 77  77  77  GLY GLY A . n 
A 1 78  GLY 78  78  78  GLY GLY A . n 
A 1 79  ARG 79  79  79  ARG ARG A . n 
A 1 80  ILE 80  80  80  ILE ILE A . n 
A 1 81  PHE 81  81  81  PHE PHE A . n 
A 1 82  LEU 82  82  82  LEU LEU A . n 
A 1 83  GLN 83  83  83  GLN GLN A . n 
A 1 84  ASP 84  84  84  ASP ASP A . n 
A 1 85  ILE 85  85  85  ILE ILE A . n 
A 1 86  ALA 86  86  86  ALA ALA A . n 
A 1 87  LYS 87  87  87  LYS LYS A . n 
A 1 88  PRO 88  88  88  PRO PRO A . n 
A 1 89  ASP 89  89  89  ASP ASP A . n 
A 1 90  GLU 90  90  90  GLU GLU A . n 
A 1 91  ASP 91  91  91  ASP ASP A . n 
A 1 92  ASP 92  92  92  ASP ASP A . n 
A 1 93  TRP 93  93  93  TRP TRP A . n 
A 1 94  GLU 94  94  94  GLU GLU A . n 
A 1 95  SER 95  95  95  SER SER A . n 
A 1 96  GLY 96  96  96  GLY GLY A . n 
A 1 97  LEU 97  97  97  LEU LEU A . n 
A 1 98  ASN 98  98  98  ASN ASN A . n 
A 1 99  ALA 99  99  99  ALA ALA A . n 
A 1 100 MET 100 100 100 MET MET A . n 
A 1 101 GLU 101 101 101 GLU GLU A . n 
A 1 102 ALA 102 102 102 ALA ALA A . n 
A 1 103 ALA 103 103 103 ALA ALA A . n 
A 1 104 LEU 104 104 104 LEU LEU A . n 
A 1 105 HIS 105 105 105 HIS HIS A . n 
A 1 106 LEU 106 106 106 LEU LEU A . n 
A 1 107 GLU 107 107 107 GLU GLU A . n 
A 1 108 LYS 108 108 108 LYS LYS A . n 
A 1 109 ASN 109 109 109 ASN ASN A . n 
A 1 110 VAL 110 110 110 VAL VAL A . n 
A 1 111 ASN 111 111 111 ASN ASN A . n 
A 1 112 GLN 112 112 112 GLN GLN A . n 
A 1 113 SER 113 113 113 SER SER A . n 
A 1 114 LEU 114 114 114 LEU LEU A . n 
A 1 115 LEU 115 115 115 LEU LEU A . n 
A 1 116 GLU 116 116 116 GLU GLU A . n 
A 1 117 LEU 117 117 117 LEU LEU A . n 
A 1 118 HIS 118 118 118 HIS HIS A . n 
A 1 119 LYS 119 119 119 LYS LYS A . n 
A 1 120 LEU 120 120 120 LEU LEU A . n 
A 1 121 ALA 121 121 121 ALA ALA A . n 
A 1 122 HIS 122 122 122 HIS HIS A . n 
A 1 123 ASP 123 123 123 ASP ASP A . n 
A 1 124 LYS 124 124 124 LYS LYS A . n 
A 1 125 ASN 125 125 125 ASN ASN A . n 
A 1 126 ASP 126 126 126 ASP ASP A . n 
A 1 127 PRO 127 127 127 PRO PRO A . n 
A 1 128 HIS 128 128 128 HIS HIS A . n 
A 1 129 LEU 129 129 129 LEU LEU A . n 
A 1 130 ALA 130 130 130 ALA ALA A . n 
A 1 131 ASP 131 131 131 ASP ASP A . n 
A 1 132 PHE 132 132 132 PHE PHE A . n 
A 1 133 ILE 133 133 133 ILE ILE A . n 
A 1 134 GLU 134 134 134 GLU GLU A . n 
A 1 135 THR 135 135 135 THR THR A . n 
A 1 136 HIS 136 136 136 HIS HIS A . n 
A 1 137 TYR 137 137 137 TYR TYR A . n 
A 1 138 LEU 138 138 138 LEU LEU A . n 
A 1 139 ASN 139 139 139 ASN ASN A . n 
A 1 140 GLU 140 140 140 GLU GLU A . n 
A 1 141 GLN 141 141 141 GLN GLN A . n 
A 1 142 VAL 142 142 142 VAL VAL A . n 
A 1 143 LYS 143 143 143 LYS LYS A . n 
A 1 144 ALA 144 144 144 ALA ALA A . n 
A 1 145 ILE 145 145 145 ILE ILE A . n 
A 1 146 LYS 146 146 146 LYS LYS A . n 
A 1 147 GLU 147 147 147 GLU GLU A . n 
A 1 148 LEU 148 148 148 LEU LEU A . n 
A 1 149 GLY 149 149 149 GLY GLY A . n 
A 1 150 ASP 150 150 150 ASP ASP A . n 
A 1 151 HIS 151 151 151 HIS HIS A . n 
A 1 152 VAL 152 152 152 VAL VAL A . n 
A 1 153 THR 153 153 153 THR THR A . n 
A 1 154 ASN 154 154 154 ASN ASN A . n 
A 1 155 LEU 155 155 155 LEU LEU A . n 
A 1 156 ARG 156 156 156 ARG ARG A . n 
A 1 157 LYS 157 157 157 LYS LYS A . n 
A 1 158 MET 158 158 158 MET MET A . n 
A 1 159 GLY 159 159 159 GLY GLY A . n 
A 1 160 ALA 160 160 160 ALA ALA A . n 
A 1 161 PRO 161 161 161 PRO PRO A . n 
A 1 162 GLU 162 162 162 GLU GLU A . n 
A 1 163 SER 163 163 163 SER SER A . n 
A 1 164 GLY 164 164 164 GLY GLY A . n 
A 1 165 LEU 165 165 165 LEU LEU A . n 
A 1 166 ALA 166 166 166 ALA ALA A . n 
A 1 167 GLU 167 167 167 GLU GLU A . n 
A 1 168 TYR 168 168 168 TYR TYR A . n 
A 1 169 LEU 169 169 169 LEU LEU A . n 
A 1 170 PHE 170 170 170 PHE PHE A . n 
A 1 171 ASP 171 171 171 ASP ASP A . n 
A 1 172 LYS 172 172 172 LYS LYS A . n 
A 1 173 HIS 173 173 173 HIS HIS A . n 
A 1 174 THR 174 174 174 THR THR A . n 
A 1 175 LEU 175 175 175 LEU LEU A . n 
A 1 176 GLY 176 176 176 GLY GLY A . n 
A 1 177 ASP 177 177 177 ASP ASP A . n 
A 1 178 SER 178 178 ?   ?   ?   A . n 
A 1 179 ASP 179 179 ?   ?   ?   A . n 
A 1 180 ASN 180 180 ?   ?   ?   A . n 
A 1 181 GLU 181 181 ?   ?   ?   A . n 
A 1 182 SER 182 182 ?   ?   ?   A . n 
# 
loop_
_pdbx_nonpoly_scheme.asym_id 
_pdbx_nonpoly_scheme.entity_id 
_pdbx_nonpoly_scheme.mon_id 
_pdbx_nonpoly_scheme.ndb_seq_num 
_pdbx_nonpoly_scheme.pdb_seq_num 
_pdbx_nonpoly_scheme.auth_seq_num 
_pdbx_nonpoly_scheme.pdb_mon_id 
_pdbx_nonpoly_scheme.auth_mon_id 
_pdbx_nonpoly_scheme.pdb_strand_id 
_pdbx_nonpoly_scheme.pdb_ins_code 
B 2 ZN  1 201 178 ZN  ZN  A . 
C 2 ZN  1 202 179 ZN  ZN  A . 
D 3 NA  1 203 180 NA  NA  A . 
E 3 NA  1 204 181 NA  NA  A . 
F 3 NA  1 205 182 NA  NA  A . 
G 4 BYD 1 206 183 BYD BYD A . 
# 
_pdbx_struct_assembly.id                   1 
_pdbx_struct_assembly.details              author_defined_assembly 
_pdbx_struct_assembly.method_details       ? 
_pdbx_struct_assembly.oligomeric_details   24-meric 
_pdbx_struct_assembly.oligomeric_count     24 
# 
_pdbx_struct_assembly_gen.assembly_id       1 
_pdbx_struct_assembly_gen.oper_expression   1,2,3,4,5,6,7,8,9,10,11,12,13,14,15,16,17,18,19,20,21,22,23,24 
_pdbx_struct_assembly_gen.asym_id_list      A,B,C,D,E,F,G 
# 
loop_
_pdbx_struct_oper_list.id 
_pdbx_struct_oper_list.type 
_pdbx_struct_oper_list.name 
_pdbx_struct_oper_list.symmetry_operation 
_pdbx_struct_oper_list.matrix[1][1] 
_pdbx_struct_oper_list.matrix[1][2] 
_pdbx_struct_oper_list.matrix[1][3] 
_pdbx_struct_oper_list.vector[1] 
_pdbx_struct_oper_list.matrix[2][1] 
_pdbx_struct_oper_list.matrix[2][2] 
_pdbx_struct_oper_list.matrix[2][3] 
_pdbx_struct_oper_list.vector[2] 
_pdbx_struct_oper_list.matrix[3][1] 
_pdbx_struct_oper_list.matrix[3][2] 
_pdbx_struct_oper_list.matrix[3][3] 
_pdbx_struct_oper_list.vector[3] 
1  'identity operation'         1_555  x,y,z    1.0000000000  0.0000000000  0.0000000000  0.0000000000   0.0000000000  1.0000000000  0.0000000000  0.0000000000  0.0000000000  0.0000000000  1.0000000000  0.0000000000   
2  'crystal symmetry operation' 2_555  -x,-y,z  -0.9051025413 0.4249699272  -0.0137822603 -48.7126147577 0.4249699272  0.9031008997  -0.0617197367 11.9434362248 -0.0137822603 -0.0617197367 -0.9979983584 32.8609288195  
3  'crystal symmetry operation' 3_555  -x,y,-z  0.2038020628  -0.2380158829 0.9496384358  -16.4754317561 -0.2380158829 -0.9529394722 -0.1877626212 85.5214257221 0.9496384358  -0.1877626212 -0.2508625906 42.3199134171  
4  'crystal symmetry operation' 4_555  x,-y,-z  -0.2986995215 -0.1869540444 -0.9358561755 1.9601103965   -0.1869540444 -0.9501614275 0.2494823579  79.5643757887 -0.9358561755 0.2494823579  0.2488609491  -14.4255664901 
5  'crystal symmetry operation' 5_555  z,x,y    0.1614257231  -0.6666906971 -0.7276436287 27.3026536017  -0.8132438955 0.3278353569  -0.4807892940 24.1958868652 0.5590850583  0.6693634985  -0.4892610800 1.8333380032   
6  'crystal symmetry operation' 6_555  z,-x,-y  -0.4194017553 -0.4885779174 0.7651103099  -12.4344387696 0.8820156475  -0.0198616046 0.4708013533  51.9274213588 -0.2148268262 0.8722941793  0.4392633600  -33.4842303273 
7  'crystal symmetry operation' 7_555  -z,-x,y  -0.4994164871 0.7335182700  0.4610142297  -63.1670591774 -0.7003467985 -0.0285680302 -0.7132308389 45.2844169974 -0.5099975826 -0.6790690799 0.5279845173  29.1616044550  
8  'crystal symmetry operation' 8_555  -z,x,-y  0.7573925193  0.4217503445  -0.4984809109 -14.9290917720 0.6315750465  -0.2794057221 0.7232187796  55.6215125142 0.1657393505  -0.8625885980 -0.4779867972 63.2445636157  
9  'crystal symmetry operation' 9_555  y,z,x    0.1614257231  -0.8132438955 0.5590850583  14.2448148038  -0.6666906971 0.3278353569  0.6693634985  9.0429884158  -0.7276436287 -0.4807892940 -0.4892610800 32.3967062343  
10 'crystal symmetry operation' 10_555 -y,z,-x  -0.4994164871 -0.7003467985 -0.5099975826 15.0404734465  0.7335182700  -0.0285680302 -0.6790690799 67.4306224630 0.4610142297  -0.7132308389 0.5279845173  46.0222802028  
11 'crystal symmetry operation' 11_555 y,-z,-x  0.7573925193  0.6315750465  0.1657393505  -34.3040898209 0.4217503445  -0.2794057221 -0.8625885980 76.3913579267 -0.4984809109 0.7232187796  -0.4779867972 -17.4383232600 
12 'crystal symmetry operation' 12_555 -y,-z,x  -0.4194017553 0.8820156475  -0.2148268262 -58.2091345467 -0.4885779174 -0.0198616046 0.8722941793  24.1642689301 0.7651103099  0.4708013533  0.4392633600  -0.2253874306  
13 'crystal symmetry operation' 13_555 y,x,-z   0.8713695131  -0.4257895644 -0.2437589352 20.5134507852  -0.4257895644 -0.9031208151 0.0554620614  76.6541547486 -0.2437589352 0.0554620614  -0.9682486980 23.5876778868  
14 'crystal symmetry operation' 14_555 -y,-x,-z -0.9662669718 0.0008196372  0.2575411956  -35.0287721448 0.0008196372  -0.9999800846 0.0062576753  88.4316467622 0.2575411956  0.0062576753  0.9662470564  4.3066690402   
15 'crystal symmetry operation' 15_555 y,-x,z   0.0474487294  0.2441207154  0.9685833441  -40.5727258022 0.1808492118  0.9515504498  -0.2486871609 8.7801915940  -0.9823656044 0.1869674241  0.0010008208  -8.6292949125  
16 'crystal symmetry operation' 16_555 -y,x,z   0.0474487294  0.1808492118  -0.9823656044 -8.1398889555  0.2441207154  0.9515504498  0.1869674241  3.1632446308  0.9685833441  -0.2486871609 0.0010008208  41.4902237320  
17 'crystal symmetry operation' 17_555 x,z,-y   0.3506502392  -0.8836861556 -0.3100696504 33.5549021113  0.6967321112  0.0249192862  0.7168984547  43.2788414025 -0.6257865250 -0.4674160968 0.6244304745  16.4992387444  
18 'crystal symmetry operation' 18_555 -x,z,y   -0.6886410032 -0.6299045383 0.3591571261  -4.2696138610  -0.6299045383 0.2743480405  -0.7266040361 33.1947694764 0.3591571261  -0.7266040361 -0.5857070373 61.9197476927  
19 'crystal symmetry operation' 19_555 -x,-z,-y -0.0126594752 0.8168585827  0.5766990493  -60.9184326529 0.8168585827  -0.3241866130 0.4771216782  64.2700924705 0.5766990493  0.4771216782  -0.6631539118 13.2610945439  
20 'crystal symmetry operation' 20_555 x,-z,y   0.3506502392  0.6967321112  -0.6257865250 -31.5947917147 -0.8836861556 0.0249192862  -0.4674160968 36.2855343862 -0.3100696504 0.7168984547  0.6244304745  -30.9248052345 
21 'crystal symmetry operation' 21_555 z,y,-x   0.6019010314  -0.7310281247 0.3214234425  21.1785514094  0.4930122418  0.0235302639  -0.8697041199 64.2187383001 0.6282149933  0.6819414987  0.3745687047  -10.7511488554 
22 'crystal symmetry operation' 22_555 z,-y,x   -0.8598770636 -0.4242404898 -0.2839567612 -6.3103365773  -0.4242404898 0.2844434884  0.8597161792  11.9045699238 -0.2839567612 0.8597161792  -0.4245664247 -20.8997434688 
23 'crystal symmetry operation' 23_555 -z,y,x   0.6019010314  0.4930122418  0.6282149933  -37.6539831656 -0.7310281247 0.0235302639  0.6819414987  21.3026874221 0.3214234425  -0.8697041199 0.3745687047  53.0710622725  
24 'crystal symmetry operation' 24_555 -z,-y,-x -0.3439249992 0.6622563727  -0.6656816745 -40.4421677838 0.6622563727  -0.3315040162 -0.6719535580 79.6032420896 -0.6656816745 -0.6719535580 -0.3245709846 39.3351057982 
# 
loop_
_pdbx_struct_special_symmetry.id 
_pdbx_struct_special_symmetry.PDB_model_num 
_pdbx_struct_special_symmetry.auth_asym_id 
_pdbx_struct_special_symmetry.auth_comp_id 
_pdbx_struct_special_symmetry.auth_seq_id 
_pdbx_struct_special_symmetry.PDB_ins_code 
_pdbx_struct_special_symmetry.label_asym_id 
_pdbx_struct_special_symmetry.label_comp_id 
_pdbx_struct_special_symmetry.label_seq_id 
1 1 A ZN  202 ? C ZN  . 
2 1 A NA  203 ? D NA  . 
3 1 A NA  204 ? E NA  . 
4 1 A BYD 206 ? G BYD . 
5 1 A BYD 206 ? G BYD . 
# 
loop_
_pdbx_struct_conn_angle.id 
_pdbx_struct_conn_angle.ptnr1_label_atom_id 
_pdbx_struct_conn_angle.ptnr1_label_alt_id 
_pdbx_struct_conn_angle.ptnr1_label_asym_id 
_pdbx_struct_conn_angle.ptnr1_label_comp_id 
_pdbx_struct_conn_angle.ptnr1_label_seq_id 
_pdbx_struct_conn_angle.ptnr1_auth_atom_id 
_pdbx_struct_conn_angle.ptnr1_auth_asym_id 
_pdbx_struct_conn_angle.ptnr1_auth_comp_id 
_pdbx_struct_conn_angle.ptnr1_auth_seq_id 
_pdbx_struct_conn_angle.ptnr1_PDB_ins_code 
_pdbx_struct_conn_angle.ptnr1_symmetry 
_pdbx_struct_conn_angle.ptnr2_label_atom_id 
_pdbx_struct_conn_angle.ptnr2_label_alt_id 
_pdbx_struct_conn_angle.ptnr2_label_asym_id 
_pdbx_struct_conn_angle.ptnr2_label_comp_id 
_pdbx_struct_conn_angle.ptnr2_label_seq_id 
_pdbx_struct_conn_angle.ptnr2_auth_atom_id 
_pdbx_struct_conn_angle.ptnr2_auth_asym_id 
_pdbx_struct_conn_angle.ptnr2_auth_comp_id 
_pdbx_struct_conn_angle.ptnr2_auth_seq_id 
_pdbx_struct_conn_angle.ptnr2_PDB_ins_code 
_pdbx_struct_conn_angle.ptnr2_symmetry 
_pdbx_struct_conn_angle.ptnr3_label_atom_id 
_pdbx_struct_conn_angle.ptnr3_label_alt_id 
_pdbx_struct_conn_angle.ptnr3_label_asym_id 
_pdbx_struct_conn_angle.ptnr3_label_comp_id 
_pdbx_struct_conn_angle.ptnr3_label_seq_id 
_pdbx_struct_conn_angle.ptnr3_auth_atom_id 
_pdbx_struct_conn_angle.ptnr3_auth_asym_id 
_pdbx_struct_conn_angle.ptnr3_auth_comp_id 
_pdbx_struct_conn_angle.ptnr3_auth_seq_id 
_pdbx_struct_conn_angle.ptnr3_PDB_ins_code 
_pdbx_struct_conn_angle.ptnr3_symmetry 
_pdbx_struct_conn_angle.value 
_pdbx_struct_conn_angle.value_esd 
1  OE1 ? A GLU 27  ? A GLU 27  ? 1_555  ZN ? B ZN . ? A ZN 201 ? 1_555 OE1 ? A GLU 62  ? A GLU 62  ? 1_555  81.1  ? 
2  OE1 ? A GLU 27  ? A GLU 27  ? 1_555  ZN ? B ZN . ? A ZN 201 ? 1_555 ND1 ? A HIS 65  ? A HIS 65  ? 1_555  106.3 ? 
3  OE1 ? A GLU 62  ? A GLU 62  ? 1_555  ZN ? B ZN . ? A ZN 201 ? 1_555 ND1 ? A HIS 65  ? A HIS 65  ? 1_555  80.0  ? 
4  OE1 ? A GLU 62  ? A GLU 62  ? 1_555  NA ? F NA . ? A NA 205 ? 1_555 OE2 ? A GLU 62  ? A GLU 62  ? 1_555  48.1  ? 
5  OE1 ? A GLU 62  ? A GLU 62  ? 1_555  NA ? F NA . ? A NA 205 ? 1_555 OE1 ? A GLU 107 ? A GLU 107 ? 1_555  153.5 ? 
6  OE2 ? A GLU 62  ? A GLU 62  ? 1_555  NA ? F NA . ? A NA 205 ? 1_555 OE1 ? A GLU 107 ? A GLU 107 ? 1_555  129.1 ? 
7  OE1 ? A GLU 62  ? A GLU 62  ? 1_555  NA ? F NA . ? A NA 205 ? 1_555 OE2 ? A GLU 107 ? A GLU 107 ? 1_555  120.9 ? 
8  OE2 ? A GLU 62  ? A GLU 62  ? 1_555  NA ? F NA . ? A NA 205 ? 1_555 OE2 ? A GLU 107 ? A GLU 107 ? 1_555  76.2  ? 
9  OE1 ? A GLU 107 ? A GLU 107 ? 1_555  NA ? F NA . ? A NA 205 ? 1_555 OE2 ? A GLU 107 ? A GLU 107 ? 1_555  54.3  ? 
10 OE1 ? A GLU 62  ? A GLU 62  ? 1_555  NA ? F NA . ? A NA 205 ? 1_555 OE1 ? A GLN 141 ? A GLN 141 ? 1_555  112.2 ? 
11 OE2 ? A GLU 62  ? A GLU 62  ? 1_555  NA ? F NA . ? A NA 205 ? 1_555 OE1 ? A GLN 141 ? A GLN 141 ? 1_555  149.6 ? 
12 OE1 ? A GLU 107 ? A GLU 107 ? 1_555  NA ? F NA . ? A NA 205 ? 1_555 OE1 ? A GLN 141 ? A GLN 141 ? 1_555  79.4  ? 
13 OE2 ? A GLU 107 ? A GLU 107 ? 1_555  NA ? F NA . ? A NA 205 ? 1_555 OE1 ? A GLN 141 ? A GLN 141 ? 1_555  126.9 ? 
14 NE2 ? A HIS 122 ? A HIS 122 ? 1_555  ZN ? C ZN . ? A ZN 202 ? 1_555 NE2 ? A HIS 122 ? A HIS 122 ? 1_555  0.0   ? 
15 NE2 ? A HIS 122 ? A HIS 122 ? 1_555  ZN ? C ZN . ? A ZN 202 ? 1_555 OAN ? G BYD .   ? A BYD 206 ? 1_555  163.8 ? 
16 NE2 ? A HIS 122 ? A HIS 122 ? 1_555  ZN ? C ZN . ? A ZN 202 ? 1_555 OAN ? G BYD .   ? A BYD 206 ? 1_555  163.8 ? 
17 NE2 ? A HIS 122 ? A HIS 122 ? 1_555  ZN ? C ZN . ? A ZN 202 ? 1_555 OAM ? G BYD .   ? A BYD 206 ? 1_555  89.1  ? 
18 NE2 ? A HIS 122 ? A HIS 122 ? 1_555  ZN ? C ZN . ? A ZN 202 ? 1_555 OAM ? G BYD .   ? A BYD 206 ? 1_555  89.1  ? 
19 OAN ? G BYD .   ? A BYD 206 ? 1_555  ZN ? C ZN . ? A ZN 202 ? 1_555 OAM ? G BYD .   ? A BYD 206 ? 1_555  74.8  ? 
20 NE2 ? A HIS 122 ? A HIS 122 ? 1_555  ZN ? C ZN . ? A ZN 202 ? 1_555 OAN ? G BYD .   ? A BYD 206 ? 9_555  72.0  ? 
21 NE2 ? A HIS 122 ? A HIS 122 ? 1_555  ZN ? C ZN . ? A ZN 202 ? 1_555 OAN ? G BYD .   ? A BYD 206 ? 9_555  72.0  ? 
22 OAN ? G BYD .   ? A BYD 206 ? 1_555  ZN ? C ZN . ? A ZN 202 ? 1_555 OAN ? G BYD .   ? A BYD 206 ? 9_555  98.6  ? 
23 OAM ? G BYD .   ? A BYD 206 ? 1_555  ZN ? C ZN . ? A ZN 202 ? 1_555 OAN ? G BYD .   ? A BYD 206 ? 9_555  51.6  ? 
24 NE2 ? A HIS 122 ? A HIS 122 ? 1_555  ZN ? C ZN . ? A ZN 202 ? 1_555 OAJ ? G BYD .   ? A BYD 206 ? 38_555 72.7  ? 
25 NE2 ? A HIS 122 ? A HIS 122 ? 1_555  ZN ? C ZN . ? A ZN 202 ? 1_555 OAJ ? G BYD .   ? A BYD 206 ? 38_555 72.7  ? 
26 OAN ? G BYD .   ? A BYD 206 ? 1_555  ZN ? C ZN . ? A ZN 202 ? 1_555 OAJ ? G BYD .   ? A BYD 206 ? 38_555 97.9  ? 
27 OAM ? G BYD .   ? A BYD 206 ? 1_555  ZN ? C ZN . ? A ZN 202 ? 1_555 OAJ ? G BYD .   ? A BYD 206 ? 38_555 51.4  ? 
28 OAN ? G BYD .   ? A BYD 206 ? 9_555  ZN ? C ZN . ? A ZN 202 ? 1_555 OAJ ? G BYD .   ? A BYD 206 ? 38_555 0.6   ? 
29 NE2 ? A HIS 122 ? A HIS 122 ? 1_555  ZN ? C ZN . ? A ZN 202 ? 1_555 OAM ? G BYD .   ? A BYD 206 ? 5_555  112.7 ? 
30 NE2 ? A HIS 122 ? A HIS 122 ? 1_555  ZN ? C ZN . ? A ZN 202 ? 1_555 OAM ? G BYD .   ? A BYD 206 ? 5_555  112.7 ? 
31 OAN ? G BYD .   ? A BYD 206 ? 1_555  ZN ? C ZN . ? A ZN 202 ? 1_555 OAM ? G BYD .   ? A BYD 206 ? 5_555  51.6  ? 
32 OAM ? G BYD .   ? A BYD 206 ? 1_555  ZN ? C ZN . ? A ZN 202 ? 1_555 OAM ? G BYD .   ? A BYD 206 ? 5_555  24.5  ? 
33 OAN ? G BYD .   ? A BYD 206 ? 9_555  ZN ? C ZN . ? A ZN 202 ? 1_555 OAM ? G BYD .   ? A BYD 206 ? 5_555  58.4  ? 
34 OAJ ? G BYD .   ? A BYD 206 ? 38_555 ZN ? C ZN . ? A ZN 202 ? 1_555 OAM ? G BYD .   ? A BYD 206 ? 5_555  58.0  ? 
35 NE2 ? A HIS 122 ? A HIS 122 ? 1_555  ZN ? C ZN . ? A ZN 202 ? 1_555 OAH ? G BYD .   ? A BYD 206 ? 38_555 106.6 ? 
36 NE2 ? A HIS 122 ? A HIS 122 ? 1_555  ZN ? C ZN . ? A ZN 202 ? 1_555 OAH ? G BYD .   ? A BYD 206 ? 38_555 106.6 ? 
37 OAN ? G BYD .   ? A BYD 206 ? 1_555  ZN ? C ZN . ? A ZN 202 ? 1_555 OAH ? G BYD .   ? A BYD 206 ? 38_555 57.6  ? 
38 OAM ? G BYD .   ? A BYD 206 ? 1_555  ZN ? C ZN . ? A ZN 202 ? 1_555 OAH ? G BYD .   ? A BYD 206 ? 38_555 24.8  ? 
39 OAN ? G BYD .   ? A BYD 206 ? 9_555  ZN ? C ZN . ? A ZN 202 ? 1_555 OAH ? G BYD .   ? A BYD 206 ? 38_555 74.8  ? 
40 OAJ ? G BYD .   ? A BYD 206 ? 38_555 ZN ? C ZN . ? A ZN 202 ? 1_555 OAH ? G BYD .   ? A BYD 206 ? 38_555 74.5  ? 
41 OAM ? G BYD .   ? A BYD 206 ? 5_555  ZN ? C ZN . ? A ZN 202 ? 1_555 OAH ? G BYD .   ? A BYD 206 ? 38_555 23.8  ? 
42 OD1 ? A ASP 131 ? A ASP 131 ? 1_555  NA ? D NA . ? A NA 203 ? 1_555 OD1 ? A ASP 131 ? A ASP 131 ? 1_555  0.0   ? 
43 OD1 ? A ASP 131 ? A ASP 131 ? 1_555  NA ? D NA . ? A NA 203 ? 1_555 OE1 ? A GLU 134 ? A GLU 134 ? 1_555  82.5  ? 
44 OD1 ? A ASP 131 ? A ASP 131 ? 1_555  NA ? D NA . ? A NA 203 ? 1_555 OE1 ? A GLU 134 ? A GLU 134 ? 1_555  82.5  ? 
45 OD1 ? A ASP 131 ? A ASP 131 ? 1_555  NA ? D NA . ? A NA 203 ? 1_555 OE1 ? A GLU 134 ? A GLU 134 ? 1_555  82.5  ? 
46 OD1 ? A ASP 131 ? A ASP 131 ? 1_555  NA ? D NA . ? A NA 203 ? 1_555 OE1 ? A GLU 134 ? A GLU 134 ? 1_555  82.5  ? 
47 OE1 ? A GLU 134 ? A GLU 134 ? 1_555  NA ? D NA . ? A NA 203 ? 1_555 OE1 ? A GLU 134 ? A GLU 134 ? 1_555  0.0   ? 
48 OE1 ? A GLU 134 ? A GLU 134 ? 1_555  NA ? E NA . ? A NA 204 ? 1_555 OE2 ? A GLU 134 ? A GLU 134 ? 1_555  48.9  ? 
49 OE1 ? A GLU 134 ? A GLU 134 ? 1_555  NA ? E NA . ? A NA 204 ? 1_555 OE1 ? A GLU 134 ? A GLU 134 ? 1_555  0.0   ? 
50 OE2 ? A GLU 134 ? A GLU 134 ? 1_555  NA ? E NA . ? A NA 204 ? 1_555 OE1 ? A GLU 134 ? A GLU 134 ? 1_555  48.9  ? 
51 OE1 ? A GLU 134 ? A GLU 134 ? 1_555  NA ? E NA . ? A NA 204 ? 1_555 OE2 ? A GLU 134 ? A GLU 134 ? 1_555  48.9  ? 
52 OE2 ? A GLU 134 ? A GLU 134 ? 1_555  NA ? E NA . ? A NA 204 ? 1_555 OE2 ? A GLU 134 ? A GLU 134 ? 1_555  0.0   ? 
53 OE1 ? A GLU 134 ? A GLU 134 ? 1_555  NA ? E NA . ? A NA 204 ? 1_555 OE2 ? A GLU 134 ? A GLU 134 ? 1_555  48.9  ? 
# 
loop_
_pdbx_audit_revision_history.ordinal 
_pdbx_audit_revision_history.data_content_type 
_pdbx_audit_revision_history.major_revision 
_pdbx_audit_revision_history.minor_revision 
_pdbx_audit_revision_history.revision_date 
1 'Structure model' 1 0 2015-09-09 
2 'Structure model' 1 1 2015-09-23 
3 'Structure model' 1 2 2015-09-30 
4 'Structure model' 1 3 2017-09-20 
5 'Structure model' 1 4 2019-12-04 
6 'Structure model' 1 5 2023-09-27 
# 
_pdbx_audit_revision_details.ordinal             1 
_pdbx_audit_revision_details.revision_ordinal    1 
_pdbx_audit_revision_details.data_content_type   'Structure model' 
_pdbx_audit_revision_details.provider            repository 
_pdbx_audit_revision_details.type                'Initial release' 
_pdbx_audit_revision_details.description         ? 
_pdbx_audit_revision_details.details             ? 
# 
loop_
_pdbx_audit_revision_group.ordinal 
_pdbx_audit_revision_group.revision_ordinal 
_pdbx_audit_revision_group.data_content_type 
_pdbx_audit_revision_group.group 
1  2 'Structure model' 'Derived calculations'       
2  3 'Structure model' 'Database references'        
3  4 'Structure model' 'Author supporting evidence' 
4  4 'Structure model' 'Derived calculations'       
5  5 'Structure model' 'Author supporting evidence' 
6  5 'Structure model' 'Derived calculations'       
7  6 'Structure model' 'Data collection'            
8  6 'Structure model' 'Database references'        
9  6 'Structure model' 'Derived calculations'       
10 6 'Structure model' 'Refinement description'     
# 
loop_
_pdbx_audit_revision_category.ordinal 
_pdbx_audit_revision_category.revision_ordinal 
_pdbx_audit_revision_category.data_content_type 
_pdbx_audit_revision_category.category 
1  4 'Structure model' pdbx_audit_support            
2  4 'Structure model' pdbx_struct_oper_list         
3  5 'Structure model' pdbx_audit_support            
4  5 'Structure model' pdbx_struct_special_symmetry  
5  6 'Structure model' chem_comp_atom                
6  6 'Structure model' chem_comp_bond                
7  6 'Structure model' database_2                    
8  6 'Structure model' pdbx_initial_refinement_model 
9  6 'Structure model' pdbx_struct_conn_angle        
10 6 'Structure model' struct_conn                   
# 
loop_
_pdbx_audit_revision_item.ordinal 
_pdbx_audit_revision_item.revision_ordinal 
_pdbx_audit_revision_item.data_content_type 
_pdbx_audit_revision_item.item 
1  4 'Structure model' '_pdbx_audit_support.funding_organization'    
2  4 'Structure model' '_pdbx_struct_oper_list.symmetry_operation'   
3  5 'Structure model' '_pdbx_audit_support.funding_organization'    
4  6 'Structure model' '_database_2.pdbx_DOI'                        
5  6 'Structure model' '_database_2.pdbx_database_accession'         
6  6 'Structure model' '_pdbx_struct_conn_angle.ptnr1_auth_comp_id'  
7  6 'Structure model' '_pdbx_struct_conn_angle.ptnr1_auth_seq_id'   
8  6 'Structure model' '_pdbx_struct_conn_angle.ptnr1_label_asym_id' 
9  6 'Structure model' '_pdbx_struct_conn_angle.ptnr1_label_atom_id' 
10 6 'Structure model' '_pdbx_struct_conn_angle.ptnr1_label_comp_id' 
11 6 'Structure model' '_pdbx_struct_conn_angle.ptnr1_label_seq_id'  
12 6 'Structure model' '_pdbx_struct_conn_angle.ptnr3_auth_comp_id'  
13 6 'Structure model' '_pdbx_struct_conn_angle.ptnr3_auth_seq_id'   
14 6 'Structure model' '_pdbx_struct_conn_angle.ptnr3_label_asym_id' 
15 6 'Structure model' '_pdbx_struct_conn_angle.ptnr3_label_atom_id' 
16 6 'Structure model' '_pdbx_struct_conn_angle.ptnr3_label_comp_id' 
17 6 'Structure model' '_pdbx_struct_conn_angle.ptnr3_label_seq_id'  
18 6 'Structure model' '_pdbx_struct_conn_angle.value'               
19 6 'Structure model' '_struct_conn.pdbx_dist_value'                
20 6 'Structure model' '_struct_conn.ptnr1_auth_comp_id'             
21 6 'Structure model' '_struct_conn.ptnr1_auth_seq_id'              
22 6 'Structure model' '_struct_conn.ptnr1_label_asym_id'            
23 6 'Structure model' '_struct_conn.ptnr1_label_atom_id'            
24 6 'Structure model' '_struct_conn.ptnr1_label_comp_id'            
25 6 'Structure model' '_struct_conn.ptnr1_label_seq_id'             
26 6 'Structure model' '_struct_conn.ptnr2_auth_comp_id'             
27 6 'Structure model' '_struct_conn.ptnr2_auth_seq_id'              
28 6 'Structure model' '_struct_conn.ptnr2_label_asym_id'            
29 6 'Structure model' '_struct_conn.ptnr2_label_atom_id'            
30 6 'Structure model' '_struct_conn.ptnr2_label_comp_id'            
31 6 'Structure model' '_struct_conn.ptnr2_symmetry'                 
# 
loop_
_software.citation_id 
_software.classification 
_software.compiler_name 
_software.compiler_version 
_software.contact_author 
_software.contact_author_email 
_software.date 
_software.description 
_software.dependencies 
_software.hardware 
_software.language 
_software.location 
_software.mods 
_software.name 
_software.os 
_software.os_version 
_software.type 
_software.version 
_software.pdbx_ordinal 
? 'data extraction' ? ? ? ? ? ? ? ? ? ? ? PDB_EXTRACT ? ? ? .                           1 
? refinement        ? ? ? ? ? ? ? ? ? ? ? PHENIX      ? ? ? '(phenix.refine: 1.9_1692)' 2 
? 'model building'  ? ? ? ? ? ? ? ? ? ? ? Coot        ? ? ? .                           3 
? 'data scaling'    ? ? ? ? ? ? ? ? ? ? ? SCALA       ? ? ? .                           4 
? 'data reduction'  ? ? ? ? ? ? ? ? ? ? ? MOSFLM      ? ? ? .                           5 
? phasing           ? ? ? ? ? ? ? ? ? ? ? MOLREP      ? ? ? .                           6 
# 
_pdbx_validate_close_contact.id               1 
_pdbx_validate_close_contact.PDB_model_num    1 
_pdbx_validate_close_contact.auth_atom_id_1   O 
_pdbx_validate_close_contact.auth_asym_id_1   A 
_pdbx_validate_close_contact.auth_comp_id_1   ASN 
_pdbx_validate_close_contact.auth_seq_id_1    11 
_pdbx_validate_close_contact.PDB_ins_code_1   ? 
_pdbx_validate_close_contact.label_alt_id_1   ? 
_pdbx_validate_close_contact.auth_atom_id_2   NZ 
_pdbx_validate_close_contact.auth_asym_id_2   A 
_pdbx_validate_close_contact.auth_comp_id_2   LYS 
_pdbx_validate_close_contact.auth_seq_id_2    124 
_pdbx_validate_close_contact.PDB_ins_code_2   ? 
_pdbx_validate_close_contact.label_alt_id_2   ? 
_pdbx_validate_close_contact.dist             2.13 
# 
_pdbx_validate_symm_contact.id                1 
_pdbx_validate_symm_contact.PDB_model_num     1 
_pdbx_validate_symm_contact.auth_atom_id_1    O 
_pdbx_validate_symm_contact.auth_asym_id_1    A 
_pdbx_validate_symm_contact.auth_comp_id_1    ASP 
_pdbx_validate_symm_contact.auth_seq_id_1     44 
_pdbx_validate_symm_contact.PDB_ins_code_1    ? 
_pdbx_validate_symm_contact.label_alt_id_1    ? 
_pdbx_validate_symm_contact.site_symmetry_1   1_555 
_pdbx_validate_symm_contact.auth_atom_id_2    OG1 
_pdbx_validate_symm_contact.auth_asym_id_2    A 
_pdbx_validate_symm_contact.auth_comp_id_2    THR 
_pdbx_validate_symm_contact.auth_seq_id_2     153 
_pdbx_validate_symm_contact.PDB_ins_code_2    ? 
_pdbx_validate_symm_contact.label_alt_id_2    ? 
_pdbx_validate_symm_contact.site_symmetry_2   15_555 
_pdbx_validate_symm_contact.dist              2.17 
# 
loop_
_pdbx_validate_torsion.id 
_pdbx_validate_torsion.PDB_model_num 
_pdbx_validate_torsion.auth_comp_id 
_pdbx_validate_torsion.auth_asym_id 
_pdbx_validate_torsion.auth_seq_id 
_pdbx_validate_torsion.PDB_ins_code 
_pdbx_validate_torsion.label_alt_id 
_pdbx_validate_torsion.phi 
_pdbx_validate_torsion.psi 
1 1 VAL A 46 ? ? -120.84 -59.34 
2 1 GLU A 94 ? ? 73.81   -50.96 
# 
_pdbx_validate_main_chain_plane.id                       1 
_pdbx_validate_main_chain_plane.PDB_model_num            1 
_pdbx_validate_main_chain_plane.auth_comp_id             ASN 
_pdbx_validate_main_chain_plane.auth_asym_id             A 
_pdbx_validate_main_chain_plane.auth_seq_id              125 
_pdbx_validate_main_chain_plane.PDB_ins_code             ? 
_pdbx_validate_main_chain_plane.label_alt_id             ? 
_pdbx_validate_main_chain_plane.improper_torsion_angle   -14.19 
# 
loop_
_pdbx_unobs_or_zero_occ_residues.id 
_pdbx_unobs_or_zero_occ_residues.PDB_model_num 
_pdbx_unobs_or_zero_occ_residues.polymer_flag 
_pdbx_unobs_or_zero_occ_residues.occupancy_flag 
_pdbx_unobs_or_zero_occ_residues.auth_asym_id 
_pdbx_unobs_or_zero_occ_residues.auth_comp_id 
_pdbx_unobs_or_zero_occ_residues.auth_seq_id 
_pdbx_unobs_or_zero_occ_residues.PDB_ins_code 
_pdbx_unobs_or_zero_occ_residues.label_asym_id 
_pdbx_unobs_or_zero_occ_residues.label_comp_id 
_pdbx_unobs_or_zero_occ_residues.label_seq_id 
1 1 Y 1 A THR 1   ? A THR 1   
2 1 Y 1 A THR 2   ? A THR 2   
3 1 Y 1 A ALA 3   ? A ALA 3   
4 1 Y 1 A SER 4   ? A SER 4   
5 1 Y 1 A SER 178 ? A SER 178 
6 1 Y 1 A ASP 179 ? A ASP 179 
7 1 Y 1 A ASN 180 ? A ASN 180 
8 1 Y 1 A GLU 181 ? A GLU 181 
9 1 Y 1 A SER 182 ? A SER 182 
# 
loop_
_chem_comp_atom.comp_id 
_chem_comp_atom.atom_id 
_chem_comp_atom.type_symbol 
_chem_comp_atom.pdbx_aromatic_flag 
_chem_comp_atom.pdbx_stereo_config 
_chem_comp_atom.pdbx_ordinal 
ALA N    N  N N 1   
ALA CA   C  N S 2   
ALA C    C  N N 3   
ALA O    O  N N 4   
ALA CB   C  N N 5   
ALA OXT  O  N N 6   
ALA H    H  N N 7   
ALA H2   H  N N 8   
ALA HA   H  N N 9   
ALA HB1  H  N N 10  
ALA HB2  H  N N 11  
ALA HB3  H  N N 12  
ALA HXT  H  N N 13  
ARG N    N  N N 14  
ARG CA   C  N S 15  
ARG C    C  N N 16  
ARG O    O  N N 17  
ARG CB   C  N N 18  
ARG CG   C  N N 19  
ARG CD   C  N N 20  
ARG NE   N  N N 21  
ARG CZ   C  N N 22  
ARG NH1  N  N N 23  
ARG NH2  N  N N 24  
ARG OXT  O  N N 25  
ARG H    H  N N 26  
ARG H2   H  N N 27  
ARG HA   H  N N 28  
ARG HB2  H  N N 29  
ARG HB3  H  N N 30  
ARG HG2  H  N N 31  
ARG HG3  H  N N 32  
ARG HD2  H  N N 33  
ARG HD3  H  N N 34  
ARG HE   H  N N 35  
ARG HH11 H  N N 36  
ARG HH12 H  N N 37  
ARG HH21 H  N N 38  
ARG HH22 H  N N 39  
ARG HXT  H  N N 40  
ASN N    N  N N 41  
ASN CA   C  N S 42  
ASN C    C  N N 43  
ASN O    O  N N 44  
ASN CB   C  N N 45  
ASN CG   C  N N 46  
ASN OD1  O  N N 47  
ASN ND2  N  N N 48  
ASN OXT  O  N N 49  
ASN H    H  N N 50  
ASN H2   H  N N 51  
ASN HA   H  N N 52  
ASN HB2  H  N N 53  
ASN HB3  H  N N 54  
ASN HD21 H  N N 55  
ASN HD22 H  N N 56  
ASN HXT  H  N N 57  
ASP N    N  N N 58  
ASP CA   C  N S 59  
ASP C    C  N N 60  
ASP O    O  N N 61  
ASP CB   C  N N 62  
ASP CG   C  N N 63  
ASP OD1  O  N N 64  
ASP OD2  O  N N 65  
ASP OXT  O  N N 66  
ASP H    H  N N 67  
ASP H2   H  N N 68  
ASP HA   H  N N 69  
ASP HB2  H  N N 70  
ASP HB3  H  N N 71  
ASP HD2  H  N N 72  
ASP HXT  H  N N 73  
BYD CAA  C  Y N 74  
BYD CAB  C  Y N 75  
BYD CAC  C  Y N 76  
BYD CAD  C  Y N 77  
BYD CAE  C  Y N 78  
BYD CAF  C  Y N 79  
BYD CAG  C  N N 80  
BYD CAK  C  N N 81  
BYD NAI  N  N N 82  
BYD NAL  N  N N 83  
BYD OAH  O  N N 84  
BYD OAJ  O  N N 85  
BYD OAM  O  N N 86  
BYD OAN  O  N N 87  
BYD HAA  H  N N 88  
BYD HAB  H  N N 89  
BYD HAD  H  N N 90  
BYD HAE  H  N N 91  
BYD HAI  H  N N 92  
BYD HAL  H  N N 93  
BYD HAJ  H  N N 94  
BYD HAN  H  N N 95  
CYS N    N  N N 96  
CYS CA   C  N R 97  
CYS C    C  N N 98  
CYS O    O  N N 99  
CYS CB   C  N N 100 
CYS SG   S  N N 101 
CYS OXT  O  N N 102 
CYS H    H  N N 103 
CYS H2   H  N N 104 
CYS HA   H  N N 105 
CYS HB2  H  N N 106 
CYS HB3  H  N N 107 
CYS HG   H  N N 108 
CYS HXT  H  N N 109 
GLN N    N  N N 110 
GLN CA   C  N S 111 
GLN C    C  N N 112 
GLN O    O  N N 113 
GLN CB   C  N N 114 
GLN CG   C  N N 115 
GLN CD   C  N N 116 
GLN OE1  O  N N 117 
GLN NE2  N  N N 118 
GLN OXT  O  N N 119 
GLN H    H  N N 120 
GLN H2   H  N N 121 
GLN HA   H  N N 122 
GLN HB2  H  N N 123 
GLN HB3  H  N N 124 
GLN HG2  H  N N 125 
GLN HG3  H  N N 126 
GLN HE21 H  N N 127 
GLN HE22 H  N N 128 
GLN HXT  H  N N 129 
GLU N    N  N N 130 
GLU CA   C  N S 131 
GLU C    C  N N 132 
GLU O    O  N N 133 
GLU CB   C  N N 134 
GLU CG   C  N N 135 
GLU CD   C  N N 136 
GLU OE1  O  N N 137 
GLU OE2  O  N N 138 
GLU OXT  O  N N 139 
GLU H    H  N N 140 
GLU H2   H  N N 141 
GLU HA   H  N N 142 
GLU HB2  H  N N 143 
GLU HB3  H  N N 144 
GLU HG2  H  N N 145 
GLU HG3  H  N N 146 
GLU HE2  H  N N 147 
GLU HXT  H  N N 148 
GLY N    N  N N 149 
GLY CA   C  N N 150 
GLY C    C  N N 151 
GLY O    O  N N 152 
GLY OXT  O  N N 153 
GLY H    H  N N 154 
GLY H2   H  N N 155 
GLY HA2  H  N N 156 
GLY HA3  H  N N 157 
GLY HXT  H  N N 158 
HIS N    N  N N 159 
HIS CA   C  N S 160 
HIS C    C  N N 161 
HIS O    O  N N 162 
HIS CB   C  N N 163 
HIS CG   C  Y N 164 
HIS ND1  N  Y N 165 
HIS CD2  C  Y N 166 
HIS CE1  C  Y N 167 
HIS NE2  N  Y N 168 
HIS OXT  O  N N 169 
HIS H    H  N N 170 
HIS H2   H  N N 171 
HIS HA   H  N N 172 
HIS HB2  H  N N 173 
HIS HB3  H  N N 174 
HIS HD1  H  N N 175 
HIS HD2  H  N N 176 
HIS HE1  H  N N 177 
HIS HE2  H  N N 178 
HIS HXT  H  N N 179 
ILE N    N  N N 180 
ILE CA   C  N S 181 
ILE C    C  N N 182 
ILE O    O  N N 183 
ILE CB   C  N S 184 
ILE CG1  C  N N 185 
ILE CG2  C  N N 186 
ILE CD1  C  N N 187 
ILE OXT  O  N N 188 
ILE H    H  N N 189 
ILE H2   H  N N 190 
ILE HA   H  N N 191 
ILE HB   H  N N 192 
ILE HG12 H  N N 193 
ILE HG13 H  N N 194 
ILE HG21 H  N N 195 
ILE HG22 H  N N 196 
ILE HG23 H  N N 197 
ILE HD11 H  N N 198 
ILE HD12 H  N N 199 
ILE HD13 H  N N 200 
ILE HXT  H  N N 201 
LEU N    N  N N 202 
LEU CA   C  N S 203 
LEU C    C  N N 204 
LEU O    O  N N 205 
LEU CB   C  N N 206 
LEU CG   C  N N 207 
LEU CD1  C  N N 208 
LEU CD2  C  N N 209 
LEU OXT  O  N N 210 
LEU H    H  N N 211 
LEU H2   H  N N 212 
LEU HA   H  N N 213 
LEU HB2  H  N N 214 
LEU HB3  H  N N 215 
LEU HG   H  N N 216 
LEU HD11 H  N N 217 
LEU HD12 H  N N 218 
LEU HD13 H  N N 219 
LEU HD21 H  N N 220 
LEU HD22 H  N N 221 
LEU HD23 H  N N 222 
LEU HXT  H  N N 223 
LYS N    N  N N 224 
LYS CA   C  N S 225 
LYS C    C  N N 226 
LYS O    O  N N 227 
LYS CB   C  N N 228 
LYS CG   C  N N 229 
LYS CD   C  N N 230 
LYS CE   C  N N 231 
LYS NZ   N  N N 232 
LYS OXT  O  N N 233 
LYS H    H  N N 234 
LYS H2   H  N N 235 
LYS HA   H  N N 236 
LYS HB2  H  N N 237 
LYS HB3  H  N N 238 
LYS HG2  H  N N 239 
LYS HG3  H  N N 240 
LYS HD2  H  N N 241 
LYS HD3  H  N N 242 
LYS HE2  H  N N 243 
LYS HE3  H  N N 244 
LYS HZ1  H  N N 245 
LYS HZ2  H  N N 246 
LYS HZ3  H  N N 247 
LYS HXT  H  N N 248 
MET N    N  N N 249 
MET CA   C  N S 250 
MET C    C  N N 251 
MET O    O  N N 252 
MET CB   C  N N 253 
MET CG   C  N N 254 
MET SD   S  N N 255 
MET CE   C  N N 256 
MET OXT  O  N N 257 
MET H    H  N N 258 
MET H2   H  N N 259 
MET HA   H  N N 260 
MET HB2  H  N N 261 
MET HB3  H  N N 262 
MET HG2  H  N N 263 
MET HG3  H  N N 264 
MET HE1  H  N N 265 
MET HE2  H  N N 266 
MET HE3  H  N N 267 
MET HXT  H  N N 268 
NA  NA   NA N N 269 
PHE N    N  N N 270 
PHE CA   C  N S 271 
PHE C    C  N N 272 
PHE O    O  N N 273 
PHE CB   C  N N 274 
PHE CG   C  Y N 275 
PHE CD1  C  Y N 276 
PHE CD2  C  Y N 277 
PHE CE1  C  Y N 278 
PHE CE2  C  Y N 279 
PHE CZ   C  Y N 280 
PHE OXT  O  N N 281 
PHE H    H  N N 282 
PHE H2   H  N N 283 
PHE HA   H  N N 284 
PHE HB2  H  N N 285 
PHE HB3  H  N N 286 
PHE HD1  H  N N 287 
PHE HD2  H  N N 288 
PHE HE1  H  N N 289 
PHE HE2  H  N N 290 
PHE HZ   H  N N 291 
PHE HXT  H  N N 292 
PRO N    N  N N 293 
PRO CA   C  N S 294 
PRO C    C  N N 295 
PRO O    O  N N 296 
PRO CB   C  N N 297 
PRO CG   C  N N 298 
PRO CD   C  N N 299 
PRO OXT  O  N N 300 
PRO H    H  N N 301 
PRO HA   H  N N 302 
PRO HB2  H  N N 303 
PRO HB3  H  N N 304 
PRO HG2  H  N N 305 
PRO HG3  H  N N 306 
PRO HD2  H  N N 307 
PRO HD3  H  N N 308 
PRO HXT  H  N N 309 
SER N    N  N N 310 
SER CA   C  N S 311 
SER C    C  N N 312 
SER O    O  N N 313 
SER CB   C  N N 314 
SER OG   O  N N 315 
SER OXT  O  N N 316 
SER H    H  N N 317 
SER H2   H  N N 318 
SER HA   H  N N 319 
SER HB2  H  N N 320 
SER HB3  H  N N 321 
SER HG   H  N N 322 
SER HXT  H  N N 323 
THR N    N  N N 324 
THR CA   C  N S 325 
THR C    C  N N 326 
THR O    O  N N 327 
THR CB   C  N R 328 
THR OG1  O  N N 329 
THR CG2  C  N N 330 
THR OXT  O  N N 331 
THR H    H  N N 332 
THR H2   H  N N 333 
THR HA   H  N N 334 
THR HB   H  N N 335 
THR HG1  H  N N 336 
THR HG21 H  N N 337 
THR HG22 H  N N 338 
THR HG23 H  N N 339 
THR HXT  H  N N 340 
TRP N    N  N N 341 
TRP CA   C  N S 342 
TRP C    C  N N 343 
TRP O    O  N N 344 
TRP CB   C  N N 345 
TRP CG   C  Y N 346 
TRP CD1  C  Y N 347 
TRP CD2  C  Y N 348 
TRP NE1  N  Y N 349 
TRP CE2  C  Y N 350 
TRP CE3  C  Y N 351 
TRP CZ2  C  Y N 352 
TRP CZ3  C  Y N 353 
TRP CH2  C  Y N 354 
TRP OXT  O  N N 355 
TRP H    H  N N 356 
TRP H2   H  N N 357 
TRP HA   H  N N 358 
TRP HB2  H  N N 359 
TRP HB3  H  N N 360 
TRP HD1  H  N N 361 
TRP HE1  H  N N 362 
TRP HE3  H  N N 363 
TRP HZ2  H  N N 364 
TRP HZ3  H  N N 365 
TRP HH2  H  N N 366 
TRP HXT  H  N N 367 
TYR N    N  N N 368 
TYR CA   C  N S 369 
TYR C    C  N N 370 
TYR O    O  N N 371 
TYR CB   C  N N 372 
TYR CG   C  Y N 373 
TYR CD1  C  Y N 374 
TYR CD2  C  Y N 375 
TYR CE1  C  Y N 376 
TYR CE2  C  Y N 377 
TYR CZ   C  Y N 378 
TYR OH   O  N N 379 
TYR OXT  O  N N 380 
TYR H    H  N N 381 
TYR H2   H  N N 382 
TYR HA   H  N N 383 
TYR HB2  H  N N 384 
TYR HB3  H  N N 385 
TYR HD1  H  N N 386 
TYR HD2  H  N N 387 
TYR HE1  H  N N 388 
TYR HE2  H  N N 389 
TYR HH   H  N N 390 
TYR HXT  H  N N 391 
VAL N    N  N N 392 
VAL CA   C  N S 393 
VAL C    C  N N 394 
VAL O    O  N N 395 
VAL CB   C  N N 396 
VAL CG1  C  N N 397 
VAL CG2  C  N N 398 
VAL OXT  O  N N 399 
VAL H    H  N N 400 
VAL H2   H  N N 401 
VAL HA   H  N N 402 
VAL HB   H  N N 403 
VAL HG11 H  N N 404 
VAL HG12 H  N N 405 
VAL HG13 H  N N 406 
VAL HG21 H  N N 407 
VAL HG22 H  N N 408 
VAL HG23 H  N N 409 
VAL HXT  H  N N 410 
ZN  ZN   ZN N N 411 
# 
loop_
_chem_comp_bond.comp_id 
_chem_comp_bond.atom_id_1 
_chem_comp_bond.atom_id_2 
_chem_comp_bond.value_order 
_chem_comp_bond.pdbx_aromatic_flag 
_chem_comp_bond.pdbx_stereo_config 
_chem_comp_bond.pdbx_ordinal 
ALA N   CA   sing N N 1   
ALA N   H    sing N N 2   
ALA N   H2   sing N N 3   
ALA CA  C    sing N N 4   
ALA CA  CB   sing N N 5   
ALA CA  HA   sing N N 6   
ALA C   O    doub N N 7   
ALA C   OXT  sing N N 8   
ALA CB  HB1  sing N N 9   
ALA CB  HB2  sing N N 10  
ALA CB  HB3  sing N N 11  
ALA OXT HXT  sing N N 12  
ARG N   CA   sing N N 13  
ARG N   H    sing N N 14  
ARG N   H2   sing N N 15  
ARG CA  C    sing N N 16  
ARG CA  CB   sing N N 17  
ARG CA  HA   sing N N 18  
ARG C   O    doub N N 19  
ARG C   OXT  sing N N 20  
ARG CB  CG   sing N N 21  
ARG CB  HB2  sing N N 22  
ARG CB  HB3  sing N N 23  
ARG CG  CD   sing N N 24  
ARG CG  HG2  sing N N 25  
ARG CG  HG3  sing N N 26  
ARG CD  NE   sing N N 27  
ARG CD  HD2  sing N N 28  
ARG CD  HD3  sing N N 29  
ARG NE  CZ   sing N N 30  
ARG NE  HE   sing N N 31  
ARG CZ  NH1  sing N N 32  
ARG CZ  NH2  doub N N 33  
ARG NH1 HH11 sing N N 34  
ARG NH1 HH12 sing N N 35  
ARG NH2 HH21 sing N N 36  
ARG NH2 HH22 sing N N 37  
ARG OXT HXT  sing N N 38  
ASN N   CA   sing N N 39  
ASN N   H    sing N N 40  
ASN N   H2   sing N N 41  
ASN CA  C    sing N N 42  
ASN CA  CB   sing N N 43  
ASN CA  HA   sing N N 44  
ASN C   O    doub N N 45  
ASN C   OXT  sing N N 46  
ASN CB  CG   sing N N 47  
ASN CB  HB2  sing N N 48  
ASN CB  HB3  sing N N 49  
ASN CG  OD1  doub N N 50  
ASN CG  ND2  sing N N 51  
ASN ND2 HD21 sing N N 52  
ASN ND2 HD22 sing N N 53  
ASN OXT HXT  sing N N 54  
ASP N   CA   sing N N 55  
ASP N   H    sing N N 56  
ASP N   H2   sing N N 57  
ASP CA  C    sing N N 58  
ASP CA  CB   sing N N 59  
ASP CA  HA   sing N N 60  
ASP C   O    doub N N 61  
ASP C   OXT  sing N N 62  
ASP CB  CG   sing N N 63  
ASP CB  HB2  sing N N 64  
ASP CB  HB3  sing N N 65  
ASP CG  OD1  doub N N 66  
ASP CG  OD2  sing N N 67  
ASP OD2 HD2  sing N N 68  
ASP OXT HXT  sing N N 69  
BYD OAN NAL  sing N N 70  
BYD NAL CAK  sing N N 71  
BYD OAM CAK  doub N N 72  
BYD CAK CAC  sing N N 73  
BYD CAD CAC  doub Y N 74  
BYD CAD CAE  sing Y N 75  
BYD CAC CAB  sing Y N 76  
BYD CAE CAF  doub Y N 77  
BYD CAB CAA  doub Y N 78  
BYD CAF CAA  sing Y N 79  
BYD CAF CAG  sing N N 80  
BYD OAH CAG  doub N N 81  
BYD CAG NAI  sing N N 82  
BYD NAI OAJ  sing N N 83  
BYD CAA HAA  sing N N 84  
BYD CAB HAB  sing N N 85  
BYD CAD HAD  sing N N 86  
BYD CAE HAE  sing N N 87  
BYD NAI HAI  sing N N 88  
BYD NAL HAL  sing N N 89  
BYD OAJ HAJ  sing N N 90  
BYD OAN HAN  sing N N 91  
CYS N   CA   sing N N 92  
CYS N   H    sing N N 93  
CYS N   H2   sing N N 94  
CYS CA  C    sing N N 95  
CYS CA  CB   sing N N 96  
CYS CA  HA   sing N N 97  
CYS C   O    doub N N 98  
CYS C   OXT  sing N N 99  
CYS CB  SG   sing N N 100 
CYS CB  HB2  sing N N 101 
CYS CB  HB3  sing N N 102 
CYS SG  HG   sing N N 103 
CYS OXT HXT  sing N N 104 
GLN N   CA   sing N N 105 
GLN N   H    sing N N 106 
GLN N   H2   sing N N 107 
GLN CA  C    sing N N 108 
GLN CA  CB   sing N N 109 
GLN CA  HA   sing N N 110 
GLN C   O    doub N N 111 
GLN C   OXT  sing N N 112 
GLN CB  CG   sing N N 113 
GLN CB  HB2  sing N N 114 
GLN CB  HB3  sing N N 115 
GLN CG  CD   sing N N 116 
GLN CG  HG2  sing N N 117 
GLN CG  HG3  sing N N 118 
GLN CD  OE1  doub N N 119 
GLN CD  NE2  sing N N 120 
GLN NE2 HE21 sing N N 121 
GLN NE2 HE22 sing N N 122 
GLN OXT HXT  sing N N 123 
GLU N   CA   sing N N 124 
GLU N   H    sing N N 125 
GLU N   H2   sing N N 126 
GLU CA  C    sing N N 127 
GLU CA  CB   sing N N 128 
GLU CA  HA   sing N N 129 
GLU C   O    doub N N 130 
GLU C   OXT  sing N N 131 
GLU CB  CG   sing N N 132 
GLU CB  HB2  sing N N 133 
GLU CB  HB3  sing N N 134 
GLU CG  CD   sing N N 135 
GLU CG  HG2  sing N N 136 
GLU CG  HG3  sing N N 137 
GLU CD  OE1  doub N N 138 
GLU CD  OE2  sing N N 139 
GLU OE2 HE2  sing N N 140 
GLU OXT HXT  sing N N 141 
GLY N   CA   sing N N 142 
GLY N   H    sing N N 143 
GLY N   H2   sing N N 144 
GLY CA  C    sing N N 145 
GLY CA  HA2  sing N N 146 
GLY CA  HA3  sing N N 147 
GLY C   O    doub N N 148 
GLY C   OXT  sing N N 149 
GLY OXT HXT  sing N N 150 
HIS N   CA   sing N N 151 
HIS N   H    sing N N 152 
HIS N   H2   sing N N 153 
HIS CA  C    sing N N 154 
HIS CA  CB   sing N N 155 
HIS CA  HA   sing N N 156 
HIS C   O    doub N N 157 
HIS C   OXT  sing N N 158 
HIS CB  CG   sing N N 159 
HIS CB  HB2  sing N N 160 
HIS CB  HB3  sing N N 161 
HIS CG  ND1  sing Y N 162 
HIS CG  CD2  doub Y N 163 
HIS ND1 CE1  doub Y N 164 
HIS ND1 HD1  sing N N 165 
HIS CD2 NE2  sing Y N 166 
HIS CD2 HD2  sing N N 167 
HIS CE1 NE2  sing Y N 168 
HIS CE1 HE1  sing N N 169 
HIS NE2 HE2  sing N N 170 
HIS OXT HXT  sing N N 171 
ILE N   CA   sing N N 172 
ILE N   H    sing N N 173 
ILE N   H2   sing N N 174 
ILE CA  C    sing N N 175 
ILE CA  CB   sing N N 176 
ILE CA  HA   sing N N 177 
ILE C   O    doub N N 178 
ILE C   OXT  sing N N 179 
ILE CB  CG1  sing N N 180 
ILE CB  CG2  sing N N 181 
ILE CB  HB   sing N N 182 
ILE CG1 CD1  sing N N 183 
ILE CG1 HG12 sing N N 184 
ILE CG1 HG13 sing N N 185 
ILE CG2 HG21 sing N N 186 
ILE CG2 HG22 sing N N 187 
ILE CG2 HG23 sing N N 188 
ILE CD1 HD11 sing N N 189 
ILE CD1 HD12 sing N N 190 
ILE CD1 HD13 sing N N 191 
ILE OXT HXT  sing N N 192 
LEU N   CA   sing N N 193 
LEU N   H    sing N N 194 
LEU N   H2   sing N N 195 
LEU CA  C    sing N N 196 
LEU CA  CB   sing N N 197 
LEU CA  HA   sing N N 198 
LEU C   O    doub N N 199 
LEU C   OXT  sing N N 200 
LEU CB  CG   sing N N 201 
LEU CB  HB2  sing N N 202 
LEU CB  HB3  sing N N 203 
LEU CG  CD1  sing N N 204 
LEU CG  CD2  sing N N 205 
LEU CG  HG   sing N N 206 
LEU CD1 HD11 sing N N 207 
LEU CD1 HD12 sing N N 208 
LEU CD1 HD13 sing N N 209 
LEU CD2 HD21 sing N N 210 
LEU CD2 HD22 sing N N 211 
LEU CD2 HD23 sing N N 212 
LEU OXT HXT  sing N N 213 
LYS N   CA   sing N N 214 
LYS N   H    sing N N 215 
LYS N   H2   sing N N 216 
LYS CA  C    sing N N 217 
LYS CA  CB   sing N N 218 
LYS CA  HA   sing N N 219 
LYS C   O    doub N N 220 
LYS C   OXT  sing N N 221 
LYS CB  CG   sing N N 222 
LYS CB  HB2  sing N N 223 
LYS CB  HB3  sing N N 224 
LYS CG  CD   sing N N 225 
LYS CG  HG2  sing N N 226 
LYS CG  HG3  sing N N 227 
LYS CD  CE   sing N N 228 
LYS CD  HD2  sing N N 229 
LYS CD  HD3  sing N N 230 
LYS CE  NZ   sing N N 231 
LYS CE  HE2  sing N N 232 
LYS CE  HE3  sing N N 233 
LYS NZ  HZ1  sing N N 234 
LYS NZ  HZ2  sing N N 235 
LYS NZ  HZ3  sing N N 236 
LYS OXT HXT  sing N N 237 
MET N   CA   sing N N 238 
MET N   H    sing N N 239 
MET N   H2   sing N N 240 
MET CA  C    sing N N 241 
MET CA  CB   sing N N 242 
MET CA  HA   sing N N 243 
MET C   O    doub N N 244 
MET C   OXT  sing N N 245 
MET CB  CG   sing N N 246 
MET CB  HB2  sing N N 247 
MET CB  HB3  sing N N 248 
MET CG  SD   sing N N 249 
MET CG  HG2  sing N N 250 
MET CG  HG3  sing N N 251 
MET SD  CE   sing N N 252 
MET CE  HE1  sing N N 253 
MET CE  HE2  sing N N 254 
MET CE  HE3  sing N N 255 
MET OXT HXT  sing N N 256 
PHE N   CA   sing N N 257 
PHE N   H    sing N N 258 
PHE N   H2   sing N N 259 
PHE CA  C    sing N N 260 
PHE CA  CB   sing N N 261 
PHE CA  HA   sing N N 262 
PHE C   O    doub N N 263 
PHE C   OXT  sing N N 264 
PHE CB  CG   sing N N 265 
PHE CB  HB2  sing N N 266 
PHE CB  HB3  sing N N 267 
PHE CG  CD1  doub Y N 268 
PHE CG  CD2  sing Y N 269 
PHE CD1 CE1  sing Y N 270 
PHE CD1 HD1  sing N N 271 
PHE CD2 CE2  doub Y N 272 
PHE CD2 HD2  sing N N 273 
PHE CE1 CZ   doub Y N 274 
PHE CE1 HE1  sing N N 275 
PHE CE2 CZ   sing Y N 276 
PHE CE2 HE2  sing N N 277 
PHE CZ  HZ   sing N N 278 
PHE OXT HXT  sing N N 279 
PRO N   CA   sing N N 280 
PRO N   CD   sing N N 281 
PRO N   H    sing N N 282 
PRO CA  C    sing N N 283 
PRO CA  CB   sing N N 284 
PRO CA  HA   sing N N 285 
PRO C   O    doub N N 286 
PRO C   OXT  sing N N 287 
PRO CB  CG   sing N N 288 
PRO CB  HB2  sing N N 289 
PRO CB  HB3  sing N N 290 
PRO CG  CD   sing N N 291 
PRO CG  HG2  sing N N 292 
PRO CG  HG3  sing N N 293 
PRO CD  HD2  sing N N 294 
PRO CD  HD3  sing N N 295 
PRO OXT HXT  sing N N 296 
SER N   CA   sing N N 297 
SER N   H    sing N N 298 
SER N   H2   sing N N 299 
SER CA  C    sing N N 300 
SER CA  CB   sing N N 301 
SER CA  HA   sing N N 302 
SER C   O    doub N N 303 
SER C   OXT  sing N N 304 
SER CB  OG   sing N N 305 
SER CB  HB2  sing N N 306 
SER CB  HB3  sing N N 307 
SER OG  HG   sing N N 308 
SER OXT HXT  sing N N 309 
THR N   CA   sing N N 310 
THR N   H    sing N N 311 
THR N   H2   sing N N 312 
THR CA  C    sing N N 313 
THR CA  CB   sing N N 314 
THR CA  HA   sing N N 315 
THR C   O    doub N N 316 
THR C   OXT  sing N N 317 
THR CB  OG1  sing N N 318 
THR CB  CG2  sing N N 319 
THR CB  HB   sing N N 320 
THR OG1 HG1  sing N N 321 
THR CG2 HG21 sing N N 322 
THR CG2 HG22 sing N N 323 
THR CG2 HG23 sing N N 324 
THR OXT HXT  sing N N 325 
TRP N   CA   sing N N 326 
TRP N   H    sing N N 327 
TRP N   H2   sing N N 328 
TRP CA  C    sing N N 329 
TRP CA  CB   sing N N 330 
TRP CA  HA   sing N N 331 
TRP C   O    doub N N 332 
TRP C   OXT  sing N N 333 
TRP CB  CG   sing N N 334 
TRP CB  HB2  sing N N 335 
TRP CB  HB3  sing N N 336 
TRP CG  CD1  doub Y N 337 
TRP CG  CD2  sing Y N 338 
TRP CD1 NE1  sing Y N 339 
TRP CD1 HD1  sing N N 340 
TRP CD2 CE2  doub Y N 341 
TRP CD2 CE3  sing Y N 342 
TRP NE1 CE2  sing Y N 343 
TRP NE1 HE1  sing N N 344 
TRP CE2 CZ2  sing Y N 345 
TRP CE3 CZ3  doub Y N 346 
TRP CE3 HE3  sing N N 347 
TRP CZ2 CH2  doub Y N 348 
TRP CZ2 HZ2  sing N N 349 
TRP CZ3 CH2  sing Y N 350 
TRP CZ3 HZ3  sing N N 351 
TRP CH2 HH2  sing N N 352 
TRP OXT HXT  sing N N 353 
TYR N   CA   sing N N 354 
TYR N   H    sing N N 355 
TYR N   H2   sing N N 356 
TYR CA  C    sing N N 357 
TYR CA  CB   sing N N 358 
TYR CA  HA   sing N N 359 
TYR C   O    doub N N 360 
TYR C   OXT  sing N N 361 
TYR CB  CG   sing N N 362 
TYR CB  HB2  sing N N 363 
TYR CB  HB3  sing N N 364 
TYR CG  CD1  doub Y N 365 
TYR CG  CD2  sing Y N 366 
TYR CD1 CE1  sing Y N 367 
TYR CD1 HD1  sing N N 368 
TYR CD2 CE2  doub Y N 369 
TYR CD2 HD2  sing N N 370 
TYR CE1 CZ   doub Y N 371 
TYR CE1 HE1  sing N N 372 
TYR CE2 CZ   sing Y N 373 
TYR CE2 HE2  sing N N 374 
TYR CZ  OH   sing N N 375 
TYR OH  HH   sing N N 376 
TYR OXT HXT  sing N N 377 
VAL N   CA   sing N N 378 
VAL N   H    sing N N 379 
VAL N   H2   sing N N 380 
VAL CA  C    sing N N 381 
VAL CA  CB   sing N N 382 
VAL CA  HA   sing N N 383 
VAL C   O    doub N N 384 
VAL C   OXT  sing N N 385 
VAL CB  CG1  sing N N 386 
VAL CB  CG2  sing N N 387 
VAL CB  HB   sing N N 388 
VAL CG1 HG11 sing N N 389 
VAL CG1 HG12 sing N N 390 
VAL CG1 HG13 sing N N 391 
VAL CG2 HG21 sing N N 392 
VAL CG2 HG22 sing N N 393 
VAL CG2 HG23 sing N N 394 
VAL OXT HXT  sing N N 395 
# 
_pdbx_audit_support.funding_organization   'Department of Energy (DOE, United States)' 
_pdbx_audit_support.country                'United States' 
_pdbx_audit_support.grant_number           DE-FG02-10ER46677 
_pdbx_audit_support.ordinal                1 
# 
loop_
_pdbx_entity_nonpoly.entity_id 
_pdbx_entity_nonpoly.name 
_pdbx_entity_nonpoly.comp_id 
2 'ZINC ION'                                ZN  
3 'SODIUM ION'                              NA  
4 "N,N'-dihydroxybenzene-1,4-dicarboxamide" BYD 
# 
_pdbx_initial_refinement_model.id               1 
_pdbx_initial_refinement_model.entity_id_list   ? 
_pdbx_initial_refinement_model.type             'experimental model' 
_pdbx_initial_refinement_model.source_name      PDB 
_pdbx_initial_refinement_model.accession_code   2CEI 
_pdbx_initial_refinement_model.details          ? 
# 
